data_6L5Z
# 
_entry.id   6L5Z 
# 
_audit_conform.dict_name       mmcif_pdbx.dic 
_audit_conform.dict_version    5.380 
_audit_conform.dict_location   http://mmcif.pdb.org/dictionaries/ascii/mmcif_pdbx.dic 
# 
loop_
_database_2.database_id 
_database_2.database_code 
_database_2.pdbx_database_accession 
_database_2.pdbx_DOI 
PDB   6L5Z         pdb_00006l5z 10.2210/pdb6l5z/pdb 
WWPDB D_1300014206 ?            ?                   
# 
_pdbx_database_status.status_code                     REL 
_pdbx_database_status.status_code_sf                  REL 
_pdbx_database_status.status_code_mr                  ? 
_pdbx_database_status.entry_id                        6L5Z 
_pdbx_database_status.recvd_initial_deposition_date   2019-10-25 
_pdbx_database_status.SG_entry                        N 
_pdbx_database_status.deposit_site                    PDBJ 
_pdbx_database_status.process_site                    PDBJ 
_pdbx_database_status.status_code_cs                  ? 
_pdbx_database_status.status_code_nmr_data            ? 
_pdbx_database_status.methods_development_category    ? 
_pdbx_database_status.pdb_format_compatible           Y 
# 
loop_
_audit_author.name 
_audit_author.pdbx_ordinal 
_audit_author.identifier_ORCID 
'Li, Y.'   1 ? 
'Chen, G.' 2 ? 
'Li, H.'   3 ? 
# 
_citation.abstract                  ? 
_citation.abstract_id_CAS           ? 
_citation.book_id_ISBN              ? 
_citation.book_publisher            ? 
_citation.book_publisher_city       ? 
_citation.book_title                ? 
_citation.coordinate_linkage        ? 
_citation.country                   US 
_citation.database_id_Medline       ? 
_citation.details                   ? 
_citation.id                        primary 
_citation.journal_abbrev            J.Am.Chem.Soc. 
_citation.journal_id_ASTM           JACSAT 
_citation.journal_id_CSD            ? 
_citation.journal_id_ISSN           1520-5126 
_citation.journal_full              ? 
_citation.journal_issue             ? 
_citation.journal_volume            142 
_citation.language                  ? 
_citation.page_first                21450 
_citation.page_last                 21459 
_citation.title                     
'Selective Targeting of AF9 YEATS Domain by Cyclopeptide Inhibitors with Preorganized Conformation.' 
_citation.year                      2020 
_citation.database_id_CSD           ? 
_citation.pdbx_database_id_DOI      10.1021/jacs.0c10324 
_citation.pdbx_database_id_PubMed   33306911 
_citation.unpublished_flag          ? 
# 
loop_
_citation_author.citation_id 
_citation_author.name 
_citation_author.ordinal 
_citation_author.identifier_ORCID 
primary 'Jiang, Y.' 1 ?                   
primary 'Chen, G.'  2 ?                   
primary 'Li, X.M.'  3 ?                   
primary 'Liu, S.'   4 ?                   
primary 'Tian, G.'  5 ?                   
primary 'Li, Y.'    6 ?                   
primary 'Li, X.'    7 0000-0001-9698-1883 
primary 'Li, H.'    8 ?                   
primary 'Li, X.D.'  9 0000-0002-2797-4134 
# 
_cell.angle_alpha                  90.000 
_cell.angle_alpha_esd              ? 
_cell.angle_beta                   90.000 
_cell.angle_beta_esd               ? 
_cell.angle_gamma                  120.000 
_cell.angle_gamma_esd              ? 
_cell.entry_id                     6L5Z 
_cell.details                      ? 
_cell.formula_units_Z              ? 
_cell.length_a                     106.240 
_cell.length_a_esd                 ? 
_cell.length_b                     106.240 
_cell.length_b_esd                 ? 
_cell.length_c                     45.492 
_cell.length_c_esd                 ? 
_cell.volume                       ? 
_cell.volume_esd                   ? 
_cell.Z_PDB                        6 
_cell.reciprocal_angle_alpha       ? 
_cell.reciprocal_angle_beta        ? 
_cell.reciprocal_angle_gamma       ? 
_cell.reciprocal_angle_alpha_esd   ? 
_cell.reciprocal_angle_beta_esd    ? 
_cell.reciprocal_angle_gamma_esd   ? 
_cell.reciprocal_length_a          ? 
_cell.reciprocal_length_b          ? 
_cell.reciprocal_length_c          ? 
_cell.reciprocal_length_a_esd      ? 
_cell.reciprocal_length_b_esd      ? 
_cell.reciprocal_length_c_esd      ? 
_cell.pdbx_unique_axis             ? 
# 
_symmetry.entry_id                         6L5Z 
_symmetry.cell_setting                     ? 
_symmetry.Int_Tables_number                154 
_symmetry.space_group_name_Hall            ? 
_symmetry.space_group_name_H-M             'P 32 2 1' 
_symmetry.pdbx_full_space_group_name_H-M   ? 
# 
loop_
_entity.id 
_entity.type 
_entity.src_method 
_entity.pdbx_description 
_entity.formula_weight 
_entity.pdbx_number_of_molecules 
_entity.pdbx_ec 
_entity.pdbx_mutation 
_entity.pdbx_fragment 
_entity.details 
1 polymer man 'Protein AF-9'          16611.160 1 ? ? ? ? 
2 polymer syn SC0-ALO-ALA-SC3-SC4-NH2 814.909   1 ? ? ? ? 
3 water   nat water                   18.015    4 ? ? ? ? 
# 
loop_
_entity_name_com.entity_id 
_entity_name_com.name 
1 
;ALL1-fused gene from chromosome 9 protein,Myeloid/lymphoid or mixed-lineage leukemia translocated to chromosome 3 protein,YEATS domain-containing protein 3
;
2 'Cyclopeptide inhibitor' 
# 
loop_
_entity_poly.entity_id 
_entity_poly.type 
_entity_poly.nstd_linkage 
_entity_poly.nstd_monomer 
_entity_poly.pdbx_seq_one_letter_code 
_entity_poly.pdbx_seq_one_letter_code_can 
_entity_poly.pdbx_strand_id 
_entity_poly.pdbx_target_identifier 
1 'polypeptide(L)' no no  
;GSHMASSCAVQVKLELGHRAQVRKKPTVEGFTHDWMVFVRGPEHSNIQHFVEKVVFHLHESFPRPKRVCKDPPYKVEESG
YAGFILPIEVYFKNKEEPRKVRFDYDLFLHLEGHPPVNHLRCEKLTFNNPTEDFRRKLLKA
;
;GSHMASSCAVQVKLELGHRAQVRKKPTVEGFTHDWMVFVRGPEHSNIQHFVEKVVFHLHESFPRPKRVCKDPPYKVEESG
YAGFILPIEVYFKNKEEPRKVRFDYDLFLHLEGHPPVNHLRCEKLTFNNPTEDFRRKLLKA
;
A ? 
2 'polypeptide(L)' no yes '(EDX)(ALO)A(EE0)(EE3)(NH2)' XTAXXX C ? 
# 
loop_
_entity_poly_seq.entity_id 
_entity_poly_seq.num 
_entity_poly_seq.mon_id 
_entity_poly_seq.hetero 
1 1   GLY n 
1 2   SER n 
1 3   HIS n 
1 4   MET n 
1 5   ALA n 
1 6   SER n 
1 7   SER n 
1 8   CYS n 
1 9   ALA n 
1 10  VAL n 
1 11  GLN n 
1 12  VAL n 
1 13  LYS n 
1 14  LEU n 
1 15  GLU n 
1 16  LEU n 
1 17  GLY n 
1 18  HIS n 
1 19  ARG n 
1 20  ALA n 
1 21  GLN n 
1 22  VAL n 
1 23  ARG n 
1 24  LYS n 
1 25  LYS n 
1 26  PRO n 
1 27  THR n 
1 28  VAL n 
1 29  GLU n 
1 30  GLY n 
1 31  PHE n 
1 32  THR n 
1 33  HIS n 
1 34  ASP n 
1 35  TRP n 
1 36  MET n 
1 37  VAL n 
1 38  PHE n 
1 39  VAL n 
1 40  ARG n 
1 41  GLY n 
1 42  PRO n 
1 43  GLU n 
1 44  HIS n 
1 45  SER n 
1 46  ASN n 
1 47  ILE n 
1 48  GLN n 
1 49  HIS n 
1 50  PHE n 
1 51  VAL n 
1 52  GLU n 
1 53  LYS n 
1 54  VAL n 
1 55  VAL n 
1 56  PHE n 
1 57  HIS n 
1 58  LEU n 
1 59  HIS n 
1 60  GLU n 
1 61  SER n 
1 62  PHE n 
1 63  PRO n 
1 64  ARG n 
1 65  PRO n 
1 66  LYS n 
1 67  ARG n 
1 68  VAL n 
1 69  CYS n 
1 70  LYS n 
1 71  ASP n 
1 72  PRO n 
1 73  PRO n 
1 74  TYR n 
1 75  LYS n 
1 76  VAL n 
1 77  GLU n 
1 78  GLU n 
1 79  SER n 
1 80  GLY n 
1 81  TYR n 
1 82  ALA n 
1 83  GLY n 
1 84  PHE n 
1 85  ILE n 
1 86  LEU n 
1 87  PRO n 
1 88  ILE n 
1 89  GLU n 
1 90  VAL n 
1 91  TYR n 
1 92  PHE n 
1 93  LYS n 
1 94  ASN n 
1 95  LYS n 
1 96  GLU n 
1 97  GLU n 
1 98  PRO n 
1 99  ARG n 
1 100 LYS n 
1 101 VAL n 
1 102 ARG n 
1 103 PHE n 
1 104 ASP n 
1 105 TYR n 
1 106 ASP n 
1 107 LEU n 
1 108 PHE n 
1 109 LEU n 
1 110 HIS n 
1 111 LEU n 
1 112 GLU n 
1 113 GLY n 
1 114 HIS n 
1 115 PRO n 
1 116 PRO n 
1 117 VAL n 
1 118 ASN n 
1 119 HIS n 
1 120 LEU n 
1 121 ARG n 
1 122 CYS n 
1 123 GLU n 
1 124 LYS n 
1 125 LEU n 
1 126 THR n 
1 127 PHE n 
1 128 ASN n 
1 129 ASN n 
1 130 PRO n 
1 131 THR n 
1 132 GLU n 
1 133 ASP n 
1 134 PHE n 
1 135 ARG n 
1 136 ARG n 
1 137 LYS n 
1 138 LEU n 
1 139 LEU n 
1 140 LYS n 
1 141 ALA n 
2 1   EDX n 
2 2   ALO n 
2 3   ALA n 
2 4   EE0 n 
2 5   EE3 n 
2 6   NH2 n 
# 
_entity_src_gen.entity_id                          1 
_entity_src_gen.pdbx_src_id                        1 
_entity_src_gen.pdbx_alt_source_flag               sample 
_entity_src_gen.pdbx_seq_type                      'Biological sequence' 
_entity_src_gen.pdbx_beg_seq_num                   1 
_entity_src_gen.pdbx_end_seq_num                   138 
_entity_src_gen.gene_src_common_name               Human 
_entity_src_gen.gene_src_genus                     ? 
_entity_src_gen.pdbx_gene_src_gene                 'MLLT3, AF9, YEATS3' 
_entity_src_gen.gene_src_species                   ? 
_entity_src_gen.gene_src_strain                    ? 
_entity_src_gen.gene_src_tissue                    ? 
_entity_src_gen.gene_src_tissue_fraction           ? 
_entity_src_gen.gene_src_details                   ? 
_entity_src_gen.pdbx_gene_src_fragment             ? 
_entity_src_gen.pdbx_gene_src_scientific_name      'Homo sapiens' 
_entity_src_gen.pdbx_gene_src_ncbi_taxonomy_id     9606 
_entity_src_gen.pdbx_gene_src_variant              ? 
_entity_src_gen.pdbx_gene_src_cell_line            ? 
_entity_src_gen.pdbx_gene_src_atcc                 ? 
_entity_src_gen.pdbx_gene_src_organ                ? 
_entity_src_gen.pdbx_gene_src_organelle            ? 
_entity_src_gen.pdbx_gene_src_cell                 ? 
_entity_src_gen.pdbx_gene_src_cellular_location    ? 
_entity_src_gen.host_org_common_name               ? 
_entity_src_gen.pdbx_host_org_scientific_name      'Escherichia coli' 
_entity_src_gen.pdbx_host_org_ncbi_taxonomy_id     562 
_entity_src_gen.host_org_genus                     ? 
_entity_src_gen.pdbx_host_org_gene                 ? 
_entity_src_gen.pdbx_host_org_organ                ? 
_entity_src_gen.host_org_species                   ? 
_entity_src_gen.pdbx_host_org_tissue               ? 
_entity_src_gen.pdbx_host_org_tissue_fraction      ? 
_entity_src_gen.pdbx_host_org_strain               ? 
_entity_src_gen.pdbx_host_org_variant              ? 
_entity_src_gen.pdbx_host_org_cell_line            ? 
_entity_src_gen.pdbx_host_org_atcc                 ? 
_entity_src_gen.pdbx_host_org_culture_collection   ? 
_entity_src_gen.pdbx_host_org_cell                 ? 
_entity_src_gen.pdbx_host_org_organelle            ? 
_entity_src_gen.pdbx_host_org_cellular_location    ? 
_entity_src_gen.pdbx_host_org_vector_type          ? 
_entity_src_gen.pdbx_host_org_vector               ? 
_entity_src_gen.host_org_details                   ? 
_entity_src_gen.expression_system_id               ? 
_entity_src_gen.plasmid_name                       ? 
_entity_src_gen.plasmid_details                    ? 
_entity_src_gen.pdbx_description                   ? 
# 
_pdbx_entity_src_syn.entity_id              2 
_pdbx_entity_src_syn.pdbx_src_id            1 
_pdbx_entity_src_syn.pdbx_alt_source_flag   sample 
_pdbx_entity_src_syn.pdbx_beg_seq_num       1 
_pdbx_entity_src_syn.pdbx_end_seq_num       6 
_pdbx_entity_src_syn.organism_scientific    'synthetic construct' 
_pdbx_entity_src_syn.organism_common_name   ? 
_pdbx_entity_src_syn.ncbi_taxonomy_id       32630 
_pdbx_entity_src_syn.details                ? 
# 
loop_
_struct_ref.id 
_struct_ref.db_name 
_struct_ref.db_code 
_struct_ref.pdbx_db_accession 
_struct_ref.pdbx_db_isoform 
_struct_ref.entity_id 
_struct_ref.pdbx_seq_one_letter_code 
_struct_ref.pdbx_align_begin 
1 UNP AF9_HUMAN P42568 ? 1 
;MASSCAVQVKLELGHRAQVRKKPTVEGFTHDWMVFVRGPEHSNIQHFVEKVVFHLHESFPRPKRVCKDPPYKVEESGYAG
FILPIEVYFKNKEEPRKVRFDYDLFLHLEGHPPVNHLRCEKLTFNNPTEDFRRKLLKA
;
1 
2 PDB 6L5Z      6L5Z   ? 2 ? 1 
# 
loop_
_struct_ref_seq.align_id 
_struct_ref_seq.ref_id 
_struct_ref_seq.pdbx_PDB_id_code 
_struct_ref_seq.pdbx_strand_id 
_struct_ref_seq.seq_align_beg 
_struct_ref_seq.pdbx_seq_align_beg_ins_code 
_struct_ref_seq.seq_align_end 
_struct_ref_seq.pdbx_seq_align_end_ins_code 
_struct_ref_seq.pdbx_db_accession 
_struct_ref_seq.db_align_beg 
_struct_ref_seq.pdbx_db_align_beg_ins_code 
_struct_ref_seq.db_align_end 
_struct_ref_seq.pdbx_db_align_end_ins_code 
_struct_ref_seq.pdbx_auth_seq_align_beg 
_struct_ref_seq.pdbx_auth_seq_align_end 
1 1 6L5Z A 4 ? 141 ? P42568 1 ? 138 ? 1 138 
2 2 6L5Z C 1 ? 6   ? 6L5Z   1 ? 6   ? 1 6   
# 
loop_
_chem_comp.id 
_chem_comp.type 
_chem_comp.mon_nstd_flag 
_chem_comp.name 
_chem_comp.pdbx_synonyms 
_chem_comp.formula 
_chem_comp.formula_weight 
ALA 'L-peptide linking' y ALANINE                                                                 ? 'C3 H7 N O2'     89.093  
ALO 'L-peptide linking' n ALLO-THREONINE                                                          ? 'C4 H9 N O3'     119.119 
ARG 'L-peptide linking' y ARGININE                                                                ? 'C6 H15 N4 O2 1' 175.209 
ASN 'L-peptide linking' y ASPARAGINE                                                              ? 'C4 H8 N2 O3'    132.118 
ASP 'L-peptide linking' y 'ASPARTIC ACID'                                                         ? 'C4 H7 N O4'     133.103 
CYS 'L-peptide linking' y CYSTEINE                                                                ? 'C3 H7 N O2 S'   121.158 
EDX non-polymer         . '(2~{S})-6-carbamimidamido-2-(phenylmethoxycarbonylamino)hexanoic acid' ? 'C15 H22 N4 O4'  322.360 
EE0 non-polymer         . '(2~{R})-2-azanylpentanoic acid'                                        ? 'C5 H11 N O2'    117.146 
EE3 non-polymer         . '(2~{S})-2-azanyl-6-(1,3-oxazol-5-ylcarbonylamino)hexanoic acid'        ? 'C10 H15 N3 O4'  241.244 
GLN 'L-peptide linking' y GLUTAMINE                                                               ? 'C5 H10 N2 O3'   146.144 
GLU 'L-peptide linking' y 'GLUTAMIC ACID'                                                         ? 'C5 H9 N O4'     147.129 
GLY 'peptide linking'   y GLYCINE                                                                 ? 'C2 H5 N O2'     75.067  
HIS 'L-peptide linking' y HISTIDINE                                                               ? 'C6 H10 N3 O2 1' 156.162 
HOH non-polymer         . WATER                                                                   ? 'H2 O'           18.015  
ILE 'L-peptide linking' y ISOLEUCINE                                                              ? 'C6 H13 N O2'    131.173 
LEU 'L-peptide linking' y LEUCINE                                                                 ? 'C6 H13 N O2'    131.173 
LYS 'L-peptide linking' y LYSINE                                                                  ? 'C6 H15 N2 O2 1' 147.195 
MET 'L-peptide linking' y METHIONINE                                                              ? 'C5 H11 N O2 S'  149.211 
NH2 non-polymer         . 'AMINO GROUP'                                                           ? 'H2 N'           16.023  
PHE 'L-peptide linking' y PHENYLALANINE                                                           ? 'C9 H11 N O2'    165.189 
PRO 'L-peptide linking' y PROLINE                                                                 ? 'C5 H9 N O2'     115.130 
SER 'L-peptide linking' y SERINE                                                                  ? 'C3 H7 N O3'     105.093 
THR 'L-peptide linking' y THREONINE                                                               ? 'C4 H9 N O3'     119.119 
TRP 'L-peptide linking' y TRYPTOPHAN                                                              ? 'C11 H12 N2 O2'  204.225 
TYR 'L-peptide linking' y TYROSINE                                                                ? 'C9 H11 N O3'    181.189 
VAL 'L-peptide linking' y VALINE                                                                  ? 'C5 H11 N O2'    117.146 
# 
_exptl.absorpt_coefficient_mu     ? 
_exptl.absorpt_correction_T_max   ? 
_exptl.absorpt_correction_T_min   ? 
_exptl.absorpt_correction_type    ? 
_exptl.absorpt_process_details    ? 
_exptl.entry_id                   6L5Z 
_exptl.crystals_number            1 
_exptl.details                    ? 
_exptl.method                     'X-RAY DIFFRACTION' 
_exptl.method_details             ? 
# 
_exptl_crystal.colour                      ? 
_exptl_crystal.density_diffrn              ? 
_exptl_crystal.density_Matthews            4.21 
_exptl_crystal.density_method              ? 
_exptl_crystal.density_percent_sol         70.81 
_exptl_crystal.description                 ? 
_exptl_crystal.F_000                       ? 
_exptl_crystal.id                          1 
_exptl_crystal.preparation                 ? 
_exptl_crystal.size_max                    ? 
_exptl_crystal.size_mid                    ? 
_exptl_crystal.size_min                    ? 
_exptl_crystal.size_rad                    ? 
_exptl_crystal.colour_lustre               ? 
_exptl_crystal.colour_modifier             ? 
_exptl_crystal.colour_primary              ? 
_exptl_crystal.density_meas                ? 
_exptl_crystal.density_meas_esd            ? 
_exptl_crystal.density_meas_gt             ? 
_exptl_crystal.density_meas_lt             ? 
_exptl_crystal.density_meas_temp           ? 
_exptl_crystal.density_meas_temp_esd       ? 
_exptl_crystal.density_meas_temp_gt        ? 
_exptl_crystal.density_meas_temp_lt        ? 
_exptl_crystal.pdbx_crystal_image_url      ? 
_exptl_crystal.pdbx_crystal_image_format   ? 
_exptl_crystal.pdbx_mosaicity              ? 
_exptl_crystal.pdbx_mosaicity_esd          ? 
# 
_exptl_crystal_grow.apparatus       ? 
_exptl_crystal_grow.atmosphere      ? 
_exptl_crystal_grow.crystal_id      1 
_exptl_crystal_grow.details         ? 
_exptl_crystal_grow.method          'VAPOR DIFFUSION, SITTING DROP' 
_exptl_crystal_grow.method_ref      ? 
_exptl_crystal_grow.pH              ? 
_exptl_crystal_grow.pressure        ? 
_exptl_crystal_grow.pressure_esd    ? 
_exptl_crystal_grow.seeding         ? 
_exptl_crystal_grow.seeding_ref     ? 
_exptl_crystal_grow.temp            277 
_exptl_crystal_grow.temp_details    ? 
_exptl_crystal_grow.temp_esd        ? 
_exptl_crystal_grow.time            ? 
_exptl_crystal_grow.pdbx_details    '20% (w/v)PEG 3350,0.2M Ammonium Nitrate' 
_exptl_crystal_grow.pdbx_pH_range   ? 
# 
_diffrn.ambient_environment              ? 
_diffrn.ambient_temp                     100 
_diffrn.ambient_temp_details             ? 
_diffrn.ambient_temp_esd                 ? 
_diffrn.crystal_id                       1 
_diffrn.crystal_support                  ? 
_diffrn.crystal_treatment                ? 
_diffrn.details                          ? 
_diffrn.id                               1 
_diffrn.ambient_pressure                 ? 
_diffrn.ambient_pressure_esd             ? 
_diffrn.ambient_pressure_gt              ? 
_diffrn.ambient_pressure_lt              ? 
_diffrn.ambient_temp_gt                  ? 
_diffrn.ambient_temp_lt                  ? 
_diffrn.pdbx_serial_crystal_experiment   N 
# 
_diffrn_detector.details                      ? 
_diffrn_detector.detector                     CCD 
_diffrn_detector.diffrn_id                    1 
_diffrn_detector.type                         'MAR CCD 130 mm' 
_diffrn_detector.area_resol_mean              ? 
_diffrn_detector.dtime                        ? 
_diffrn_detector.pdbx_frames_total            ? 
_diffrn_detector.pdbx_collection_time_total   ? 
_diffrn_detector.pdbx_collection_date         2018-10-11 
_diffrn_detector.pdbx_frequency               ? 
# 
_diffrn_radiation.collimation                      ? 
_diffrn_radiation.diffrn_id                        1 
_diffrn_radiation.filter_edge                      ? 
_diffrn_radiation.inhomogeneity                    ? 
_diffrn_radiation.monochromator                    ? 
_diffrn_radiation.polarisn_norm                    ? 
_diffrn_radiation.polarisn_ratio                   ? 
_diffrn_radiation.probe                            ? 
_diffrn_radiation.type                             ? 
_diffrn_radiation.xray_symbol                      ? 
_diffrn_radiation.wavelength_id                    1 
_diffrn_radiation.pdbx_monochromatic_or_laue_m_l   M 
_diffrn_radiation.pdbx_wavelength_list             ? 
_diffrn_radiation.pdbx_wavelength                  ? 
_diffrn_radiation.pdbx_diffrn_protocol             'SINGLE WAVELENGTH' 
_diffrn_radiation.pdbx_analyzer                    ? 
_diffrn_radiation.pdbx_scattering_type             x-ray 
# 
_diffrn_radiation_wavelength.id           1 
_diffrn_radiation_wavelength.wavelength   0.9791 
_diffrn_radiation_wavelength.wt           1.0 
# 
_diffrn_source.current                     ? 
_diffrn_source.details                     ? 
_diffrn_source.diffrn_id                   1 
_diffrn_source.power                       ? 
_diffrn_source.size                        ? 
_diffrn_source.source                      SYNCHROTRON 
_diffrn_source.target                      ? 
_diffrn_source.type                        'SSRF BEAMLINE BL17U' 
_diffrn_source.voltage                     ? 
_diffrn_source.take-off_angle              ? 
_diffrn_source.pdbx_wavelength_list        0.9791 
_diffrn_source.pdbx_wavelength             ? 
_diffrn_source.pdbx_synchrotron_beamline   BL17U 
_diffrn_source.pdbx_synchrotron_site       SSRF 
# 
_reflns.B_iso_Wilson_estimate            ? 
_reflns.entry_id                         6L5Z 
_reflns.data_reduction_details           ? 
_reflns.data_reduction_method            ? 
_reflns.d_resolution_high                3.050 
_reflns.d_resolution_low                 50.000 
_reflns.details                          ? 
_reflns.limit_h_max                      ? 
_reflns.limit_h_min                      ? 
_reflns.limit_k_max                      ? 
_reflns.limit_k_min                      ? 
_reflns.limit_l_max                      ? 
_reflns.limit_l_min                      ? 
_reflns.number_all                       ? 
_reflns.number_obs                       5816 
_reflns.observed_criterion               ? 
_reflns.observed_criterion_F_max         ? 
_reflns.observed_criterion_F_min         ? 
_reflns.observed_criterion_I_max         ? 
_reflns.observed_criterion_I_min         ? 
_reflns.observed_criterion_sigma_F       ? 
_reflns.observed_criterion_sigma_I       ? 
_reflns.percent_possible_obs             99.800 
_reflns.R_free_details                   ? 
_reflns.Rmerge_F_all                     ? 
_reflns.Rmerge_F_obs                     ? 
_reflns.Friedel_coverage                 ? 
_reflns.number_gt                        ? 
_reflns.threshold_expression             ? 
_reflns.pdbx_redundancy                  9.700 
_reflns.pdbx_Rmerge_I_obs                0.098 
_reflns.pdbx_Rmerge_I_all                ? 
_reflns.pdbx_Rsym_value                  ? 
_reflns.pdbx_netI_over_av_sigmaI         ? 
_reflns.pdbx_netI_over_sigmaI            6.400 
_reflns.pdbx_res_netI_over_av_sigmaI_2   ? 
_reflns.pdbx_res_netI_over_sigmaI_2      ? 
_reflns.pdbx_chi_squared                 0.628 
_reflns.pdbx_scaling_rejects             ? 
_reflns.pdbx_d_res_high_opt              ? 
_reflns.pdbx_d_res_low_opt               ? 
_reflns.pdbx_d_res_opt_method            ? 
_reflns.phase_calculation_details        ? 
_reflns.pdbx_Rrim_I_all                  0.103 
_reflns.pdbx_Rpim_I_all                  0.033 
_reflns.pdbx_d_opt                       ? 
_reflns.pdbx_number_measured_all         56564 
_reflns.pdbx_diffrn_id                   1 
_reflns.pdbx_ordinal                     1 
_reflns.pdbx_CC_half                     ? 
_reflns.pdbx_CC_star                     ? 
_reflns.pdbx_R_split                     ? 
# 
loop_
_reflns_shell.d_res_high 
_reflns_shell.d_res_low 
_reflns_shell.meanI_over_sigI_all 
_reflns_shell.meanI_over_sigI_obs 
_reflns_shell.number_measured_all 
_reflns_shell.number_measured_obs 
_reflns_shell.number_possible 
_reflns_shell.number_unique_all 
_reflns_shell.number_unique_obs 
_reflns_shell.percent_possible_all 
_reflns_shell.percent_possible_obs 
_reflns_shell.Rmerge_F_all 
_reflns_shell.Rmerge_F_obs 
_reflns_shell.Rmerge_I_all 
_reflns_shell.Rmerge_I_obs 
_reflns_shell.meanI_over_sigI_gt 
_reflns_shell.meanI_over_uI_all 
_reflns_shell.meanI_over_uI_gt 
_reflns_shell.number_measured_gt 
_reflns_shell.number_unique_gt 
_reflns_shell.percent_possible_gt 
_reflns_shell.Rmerge_F_gt 
_reflns_shell.Rmerge_I_gt 
_reflns_shell.pdbx_redundancy 
_reflns_shell.pdbx_Rsym_value 
_reflns_shell.pdbx_chi_squared 
_reflns_shell.pdbx_netI_over_sigmaI_all 
_reflns_shell.pdbx_netI_over_sigmaI_obs 
_reflns_shell.pdbx_Rrim_I_all 
_reflns_shell.pdbx_Rpim_I_all 
_reflns_shell.pdbx_rejects 
_reflns_shell.pdbx_ordinal 
_reflns_shell.pdbx_diffrn_id 
_reflns_shell.pdbx_CC_half 
_reflns_shell.pdbx_CC_star 
_reflns_shell.pdbx_R_split 
3.050 3.100  ? ? ? ? ? ? 277 100.000 ? ? ? ? 0.800 ? ? ? ? ? ? ? ? 9.600  ? 0.425 ? ? 0.844 0.269 ? 1  1 0.899 ? ? 
3.100 3.160  ? ? ? ? ? ? 280 100.000 ? ? ? ? 0.660 ? ? ? ? ? ? ? ? 9.400  ? 0.421 ? ? 0.697 0.224 ? 2  1 0.922 ? ? 
3.160 3.220  ? ? ? ? ? ? 297 100.000 ? ? ? ? 0.587 ? ? ? ? ? ? ? ? 9.000  ? 0.450 ? ? 0.624 0.209 ? 3  1 0.934 ? ? 
3.220 3.290  ? ? ? ? ? ? 288 99.700  ? ? ? ? 0.440 ? ? ? ? ? ? ? ? 8.700  ? 0.461 ? ? 0.469 0.159 ? 4  1 0.956 ? ? 
3.290 3.360  ? ? ? ? ? ? 273 100.000 ? ? ? ? 0.361 ? ? ? ? ? ? ? ? 10.100 ? 0.433 ? ? 0.380 0.118 ? 5  1 0.973 ? ? 
3.360 3.430  ? ? ? ? ? ? 290 100.000 ? ? ? ? 0.276 ? ? ? ? ? ? ? ? 10.400 ? 0.462 ? ? 0.290 0.089 ? 6  1 0.984 ? ? 
3.430 3.520  ? ? ? ? ? ? 291 100.000 ? ? ? ? 0.209 ? ? ? ? ? ? ? ? 10.300 ? 0.515 ? ? 0.220 0.067 ? 7  1 0.988 ? ? 
3.520 3.620  ? ? ? ? ? ? 279 100.000 ? ? ? ? 0.180 ? ? ? ? ? ? ? ? 10.600 ? 0.581 ? ? 0.190 0.058 ? 8  1 0.990 ? ? 
3.620 3.720  ? ? ? ? ? ? 288 100.000 ? ? ? ? 0.144 ? ? ? ? ? ? ? ? 10.300 ? 0.582 ? ? 0.151 0.047 ? 9  1 0.995 ? ? 
3.720 3.840  ? ? ? ? ? ? 299 100.000 ? ? ? ? 0.140 ? ? ? ? ? ? ? ? 10.200 ? 0.624 ? ? 0.147 0.046 ? 10 1 0.995 ? ? 
3.840 3.980  ? ? ? ? ? ? 278 100.000 ? ? ? ? 0.121 ? ? ? ? ? ? ? ? 10.200 ? 0.667 ? ? 0.127 0.039 ? 11 1 0.995 ? ? 
3.980 4.140  ? ? ? ? ? ? 299 100.000 ? ? ? ? 0.101 ? ? ? ? ? ? ? ? 9.900  ? 0.714 ? ? 0.106 0.033 ? 12 1 0.995 ? ? 
4.140 4.330  ? ? ? ? ? ? 287 100.000 ? ? ? ? 0.084 ? ? ? ? ? ? ? ? 9.700  ? 0.861 ? ? 0.089 0.028 ? 13 1 0.997 ? ? 
4.330 4.560  ? ? ? ? ? ? 293 99.300  ? ? ? ? 0.078 ? ? ? ? ? ? ? ? 9.400  ? 0.696 ? ? 0.083 0.027 ? 14 1 0.996 ? ? 
4.560 4.840  ? ? ? ? ? ? 286 99.300  ? ? ? ? 0.067 ? ? ? ? ? ? ? ? 8.200  ? 0.741 ? ? 0.072 0.025 ? 15 1 0.997 ? ? 
4.840 5.210  ? ? ? ? ? ? 291 100.000 ? ? ? ? 0.068 ? ? ? ? ? ? ? ? 10.000 ? 0.807 ? ? 0.072 0.022 ? 16 1 0.998 ? ? 
5.210 5.740  ? ? ? ? ? ? 306 100.000 ? ? ? ? 0.070 ? ? ? ? ? ? ? ? 10.200 ? 0.681 ? ? 0.074 0.023 ? 17 1 0.997 ? ? 
5.740 6.570  ? ? ? ? ? ? 290 100.000 ? ? ? ? 0.066 ? ? ? ? ? ? ? ? 10.100 ? 0.755 ? ? 0.069 0.022 ? 18 1 0.998 ? ? 
6.570 8.270  ? ? ? ? ? ? 304 100.000 ? ? ? ? 0.059 ? ? ? ? ? ? ? ? 9.600  ? 0.811 ? ? 0.063 0.020 ? 19 1 0.998 ? ? 
8.270 50.000 ? ? ? ? ? ? 320 98.800  ? ? ? ? 0.049 ? ? ? ? ? ? ? ? 8.700  ? 0.841 ? ? 0.052 0.018 ? 20 1 0.997 ? ? 
# 
_refine.aniso_B[1][1]                            ? 
_refine.aniso_B[1][2]                            ? 
_refine.aniso_B[1][3]                            ? 
_refine.aniso_B[2][2]                            ? 
_refine.aniso_B[2][3]                            ? 
_refine.aniso_B[3][3]                            ? 
_refine.B_iso_max                                135.790 
_refine.B_iso_mean                               77.0601 
_refine.B_iso_min                                39.310 
_refine.correlation_coeff_Fo_to_Fc               ? 
_refine.correlation_coeff_Fo_to_Fc_free          ? 
_refine.details                                  ? 
_refine.diff_density_max                         ? 
_refine.diff_density_max_esd                     ? 
_refine.diff_density_min                         ? 
_refine.diff_density_min_esd                     ? 
_refine.diff_density_rms                         ? 
_refine.diff_density_rms_esd                     ? 
_refine.entry_id                                 6L5Z 
_refine.pdbx_refine_id                           'X-RAY DIFFRACTION' 
_refine.ls_abs_structure_details                 ? 
_refine.ls_abs_structure_Flack                   ? 
_refine.ls_abs_structure_Flack_esd               ? 
_refine.ls_abs_structure_Rogers                  ? 
_refine.ls_abs_structure_Rogers_esd              ? 
_refine.ls_d_res_high                            3.0500 
_refine.ls_d_res_low                             40.7800 
_refine.ls_extinction_coef                       ? 
_refine.ls_extinction_coef_esd                   ? 
_refine.ls_extinction_expression                 ? 
_refine.ls_extinction_method                     ? 
_refine.ls_goodness_of_fit_all                   ? 
_refine.ls_goodness_of_fit_all_esd               ? 
_refine.ls_goodness_of_fit_obs                   ? 
_refine.ls_goodness_of_fit_obs_esd               ? 
_refine.ls_hydrogen_treatment                    ? 
_refine.ls_matrix_type                           ? 
_refine.ls_number_constraints                    ? 
_refine.ls_number_parameters                     ? 
_refine.ls_number_reflns_all                     ? 
_refine.ls_number_reflns_obs                     5803 
_refine.ls_number_reflns_R_free                  620 
_refine.ls_number_reflns_R_work                  5183 
_refine.ls_number_restraints                     ? 
_refine.ls_percent_reflns_obs                    99.8100 
_refine.ls_percent_reflns_R_free                 10.6800 
_refine.ls_R_factor_all                          ? 
_refine.ls_R_factor_obs                          0.1937 
_refine.ls_R_factor_R_free                       0.2218 
_refine.ls_R_factor_R_free_error                 ? 
_refine.ls_R_factor_R_free_error_details         ? 
_refine.ls_R_factor_R_work                       0.1904 
_refine.ls_R_Fsqd_factor_obs                     ? 
_refine.ls_R_I_factor_obs                        ? 
_refine.ls_redundancy_reflns_all                 ? 
_refine.ls_redundancy_reflns_obs                 ? 
_refine.ls_restrained_S_all                      ? 
_refine.ls_restrained_S_obs                      ? 
_refine.ls_shift_over_esd_max                    ? 
_refine.ls_shift_over_esd_mean                   ? 
_refine.ls_structure_factor_coef                 ? 
_refine.ls_weighting_details                     ? 
_refine.ls_weighting_scheme                      ? 
_refine.ls_wR_factor_all                         ? 
_refine.ls_wR_factor_obs                         ? 
_refine.ls_wR_factor_R_free                      ? 
_refine.ls_wR_factor_R_work                      ? 
_refine.occupancy_max                            ? 
_refine.occupancy_min                            ? 
_refine.solvent_model_details                    'FLAT BULK SOLVENT MODEL' 
_refine.solvent_model_param_bsol                 ? 
_refine.solvent_model_param_ksol                 ? 
_refine.pdbx_R_complete                          ? 
_refine.ls_R_factor_gt                           ? 
_refine.ls_goodness_of_fit_gt                    ? 
_refine.ls_goodness_of_fit_ref                   ? 
_refine.ls_shift_over_su_max                     ? 
_refine.ls_shift_over_su_max_lt                  ? 
_refine.ls_shift_over_su_mean                    ? 
_refine.ls_shift_over_su_mean_lt                 ? 
_refine.pdbx_ls_sigma_I                          ? 
_refine.pdbx_ls_sigma_F                          1.370 
_refine.pdbx_ls_sigma_Fsqd                       ? 
_refine.pdbx_data_cutoff_high_absF               ? 
_refine.pdbx_data_cutoff_high_rms_absF           ? 
_refine.pdbx_data_cutoff_low_absF                ? 
_refine.pdbx_isotropic_thermal_model             ? 
_refine.pdbx_ls_cross_valid_method               THROUGHOUT 
_refine.pdbx_method_to_determine_struct          'MOLECULAR REPLACEMENT' 
_refine.pdbx_starting_model                      4TMP 
_refine.pdbx_stereochemistry_target_values       ML 
_refine.pdbx_R_Free_selection_details            ? 
_refine.pdbx_stereochem_target_val_spec_case     ? 
_refine.pdbx_overall_ESU_R                       ? 
_refine.pdbx_overall_ESU_R_Free                  ? 
_refine.pdbx_solvent_vdw_probe_radii             1.1100 
_refine.pdbx_solvent_ion_probe_radii             ? 
_refine.pdbx_solvent_shrinkage_radii             0.9000 
_refine.pdbx_real_space_R                        ? 
_refine.pdbx_density_correlation                 ? 
_refine.pdbx_pd_number_of_powder_patterns        ? 
_refine.pdbx_pd_number_of_points                 ? 
_refine.pdbx_pd_meas_number_of_points            ? 
_refine.pdbx_pd_proc_ls_prof_R_factor            ? 
_refine.pdbx_pd_proc_ls_prof_wR_factor           ? 
_refine.pdbx_pd_Marquardt_correlation_coeff      ? 
_refine.pdbx_pd_Fsqrd_R_factor                   ? 
_refine.pdbx_pd_ls_matrix_band_width             ? 
_refine.pdbx_overall_phase_error                 24.5000 
_refine.pdbx_overall_SU_R_free_Cruickshank_DPI   ? 
_refine.pdbx_overall_SU_R_free_Blow_DPI          ? 
_refine.pdbx_overall_SU_R_Blow_DPI               ? 
_refine.pdbx_TLS_residual_ADP_flag               ? 
_refine.pdbx_diffrn_id                           1 
_refine.overall_SU_B                             ? 
_refine.overall_SU_ML                            0.4300 
_refine.overall_SU_R_Cruickshank_DPI             ? 
_refine.overall_SU_R_free                        ? 
_refine.overall_FOM_free_R_set                   ? 
_refine.overall_FOM_work_R_set                   ? 
_refine.pdbx_average_fsc_overall                 ? 
_refine.pdbx_average_fsc_work                    ? 
_refine.pdbx_average_fsc_free                    ? 
# 
_refine_hist.pdbx_refine_id                   'X-RAY DIFFRACTION' 
_refine_hist.cycle_id                         final 
_refine_hist.details                          ? 
_refine_hist.d_res_high                       3.0500 
_refine_hist.d_res_low                        40.7800 
_refine_hist.number_atoms_solvent             4 
_refine_hist.number_atoms_total               1207 
_refine_hist.number_reflns_all                ? 
_refine_hist.number_reflns_obs                ? 
_refine_hist.number_reflns_R_free             ? 
_refine_hist.number_reflns_R_work             ? 
_refine_hist.R_factor_all                     ? 
_refine_hist.R_factor_obs                     ? 
_refine_hist.R_factor_R_free                  ? 
_refine_hist.R_factor_R_work                  ? 
_refine_hist.pdbx_number_residues_total       137 
_refine_hist.pdbx_B_iso_mean_ligand           70.52 
_refine_hist.pdbx_B_iso_mean_solvent          66.05 
_refine_hist.pdbx_number_atoms_protein        1145 
_refine_hist.pdbx_number_atoms_nucleic_acid   0 
_refine_hist.pdbx_number_atoms_ligand         58 
_refine_hist.pdbx_number_atoms_lipid          ? 
_refine_hist.pdbx_number_atoms_carb           ? 
_refine_hist.pdbx_pseudo_atom_details         ? 
# 
loop_
_refine_ls_shell.pdbx_refine_id 
_refine_ls_shell.d_res_high 
_refine_ls_shell.d_res_low 
_refine_ls_shell.number_reflns_all 
_refine_ls_shell.number_reflns_obs 
_refine_ls_shell.number_reflns_R_free 
_refine_ls_shell.number_reflns_R_work 
_refine_ls_shell.percent_reflns_obs 
_refine_ls_shell.percent_reflns_R_free 
_refine_ls_shell.R_factor_all 
_refine_ls_shell.R_factor_obs 
_refine_ls_shell.R_factor_R_free 
_refine_ls_shell.R_factor_R_free_error 
_refine_ls_shell.R_factor_R_work 
_refine_ls_shell.redundancy_reflns_all 
_refine_ls_shell.redundancy_reflns_obs 
_refine_ls_shell.wR_factor_all 
_refine_ls_shell.wR_factor_obs 
_refine_ls_shell.wR_factor_R_free 
_refine_ls_shell.wR_factor_R_work 
_refine_ls_shell.pdbx_R_complete 
_refine_ls_shell.pdbx_total_number_of_bins_used 
_refine_ls_shell.pdbx_phase_error 
_refine_ls_shell.pdbx_fsc_work 
_refine_ls_shell.pdbx_fsc_free 
'X-RAY DIFFRACTION' 3.0500 3.3600  1415 . 135 1280 100.0000 . . . 0.3322 0.0000 0.2640 . . . . . . . 4 . . . 
'X-RAY DIFFRACTION' 3.3600 3.8400  1444 . 141 1303 100.0000 . . . 0.2825 0.0000 0.2221 . . . . . . . 4 . . . 
'X-RAY DIFFRACTION' 3.8400 4.8400  1440 . 166 1274 100.0000 . . . 0.2115 0.0000 0.1715 . . . . . . . 4 . . . 
'X-RAY DIFFRACTION' 4.8400 40.7800 1504 . 178 1326 100.0000 . . . 0.1845 0.0000 0.1716 . . . . . . . 4 . . . 
# 
_struct.entry_id                     6L5Z 
_struct.title                        'Crystal strucutre of AF9 YEATS domain in complex with a cyclopeptide inhibitor' 
_struct.pdbx_model_details           ? 
_struct.pdbx_formula_weight          ? 
_struct.pdbx_formula_weight_method   ? 
_struct.pdbx_model_type_details      ? 
_struct.pdbx_CASP_flag               N 
# 
_struct_keywords.entry_id        6L5Z 
_struct_keywords.text            'YEATS domain, Complex, Cyclopeptide inhibitor, , TRANSCRIPTION' 
_struct_keywords.pdbx_keywords   TRANSCRIPTION 
# 
loop_
_struct_asym.id 
_struct_asym.pdbx_blank_PDB_chainid_flag 
_struct_asym.pdbx_modified 
_struct_asym.entity_id 
_struct_asym.details 
A N N 1 ? 
B N N 2 ? 
C N N 3 ? 
# 
loop_
_struct_conf.conf_type_id 
_struct_conf.id 
_struct_conf.pdbx_PDB_helix_id 
_struct_conf.beg_label_comp_id 
_struct_conf.beg_label_asym_id 
_struct_conf.beg_label_seq_id 
_struct_conf.pdbx_beg_PDB_ins_code 
_struct_conf.end_label_comp_id 
_struct_conf.end_label_asym_id 
_struct_conf.end_label_seq_id 
_struct_conf.pdbx_end_PDB_ins_code 
_struct_conf.beg_auth_comp_id 
_struct_conf.beg_auth_asym_id 
_struct_conf.beg_auth_seq_id 
_struct_conf.end_auth_comp_id 
_struct_conf.end_auth_asym_id 
_struct_conf.end_auth_seq_id 
_struct_conf.pdbx_PDB_helix_class 
_struct_conf.details 
_struct_conf.pdbx_PDB_helix_length 
HELX_P HELX_P1 AA1 GLY A 41  ? SER A 45  ? GLY A 38  SER A 42  5 ? 5  
HELX_P HELX_P2 AA2 ASN A 46  ? HIS A 49  ? ASN A 43  HIS A 46  5 ? 4  
HELX_P HELX_P3 AA3 THR A 131 ? LYS A 140 ? THR A 128 LYS A 137 1 ? 10 
# 
_struct_conf_type.id          HELX_P 
_struct_conf_type.criteria    ? 
_struct_conf_type.reference   ? 
# 
loop_
_struct_conn.id 
_struct_conn.conn_type_id 
_struct_conn.pdbx_leaving_atom_flag 
_struct_conn.pdbx_PDB_id 
_struct_conn.ptnr1_label_asym_id 
_struct_conn.ptnr1_label_comp_id 
_struct_conn.ptnr1_label_seq_id 
_struct_conn.ptnr1_label_atom_id 
_struct_conn.pdbx_ptnr1_label_alt_id 
_struct_conn.pdbx_ptnr1_PDB_ins_code 
_struct_conn.pdbx_ptnr1_standard_comp_id 
_struct_conn.ptnr1_symmetry 
_struct_conn.ptnr2_label_asym_id 
_struct_conn.ptnr2_label_comp_id 
_struct_conn.ptnr2_label_seq_id 
_struct_conn.ptnr2_label_atom_id 
_struct_conn.pdbx_ptnr2_label_alt_id 
_struct_conn.pdbx_ptnr2_PDB_ins_code 
_struct_conn.ptnr1_auth_asym_id 
_struct_conn.ptnr1_auth_comp_id 
_struct_conn.ptnr1_auth_seq_id 
_struct_conn.ptnr2_auth_asym_id 
_struct_conn.ptnr2_auth_comp_id 
_struct_conn.ptnr2_auth_seq_id 
_struct_conn.ptnr2_symmetry 
_struct_conn.pdbx_ptnr3_label_atom_id 
_struct_conn.pdbx_ptnr3_label_seq_id 
_struct_conn.pdbx_ptnr3_label_comp_id 
_struct_conn.pdbx_ptnr3_label_asym_id 
_struct_conn.pdbx_ptnr3_label_alt_id 
_struct_conn.pdbx_ptnr3_PDB_ins_code 
_struct_conn.details 
_struct_conn.pdbx_dist_value 
_struct_conn.pdbx_value_order 
_struct_conn.pdbx_role 
covale1 covale both ? B EDX 1 C06 ? ? ? 1_555 B ALO 2 N   ? ? C EDX 1 C ALO 2 1_555 ? ? ? ? ? ? ? 1.451 ? ? 
covale2 covale one  ? B EDX 1 N26 ? ? ? 1_555 B EE0 4 C28 ? ? C EDX 1 C EE0 4 1_555 ? ? ? ? ? ? ? 1.453 ? ? 
covale3 covale both ? B ALO 2 C   ? ? ? 1_555 B ALA 3 N   ? ? C ALO 2 C ALA 3 1_555 ? ? ? ? ? ? ? 1.449 ? ? 
covale4 covale both ? B ALA 3 C   ? ? ? 1_555 B EE0 4 N   ? ? C ALA 3 C EE0 4 1_555 ? ? ? ? ? ? ? 1.459 ? ? 
covale5 covale both ? B EE0 4 C   ? ? ? 1_555 B EE3 5 N   ? ? C EE0 4 C EE3 5 1_555 ? ? ? ? ? ? ? 1.450 ? ? 
covale6 covale both ? B EE3 5 C   ? ? ? 1_555 B NH2 6 N   ? ? C EE3 5 C NH2 6 1_555 ? ? ? ? ? ? ? 1.450 ? ? 
# 
_struct_conn_type.id          covale 
_struct_conn_type.criteria    ? 
_struct_conn_type.reference   ? 
# 
loop_
_struct_mon_prot_cis.pdbx_id 
_struct_mon_prot_cis.label_comp_id 
_struct_mon_prot_cis.label_seq_id 
_struct_mon_prot_cis.label_asym_id 
_struct_mon_prot_cis.label_alt_id 
_struct_mon_prot_cis.pdbx_PDB_ins_code 
_struct_mon_prot_cis.auth_comp_id 
_struct_mon_prot_cis.auth_seq_id 
_struct_mon_prot_cis.auth_asym_id 
_struct_mon_prot_cis.pdbx_label_comp_id_2 
_struct_mon_prot_cis.pdbx_label_seq_id_2 
_struct_mon_prot_cis.pdbx_label_asym_id_2 
_struct_mon_prot_cis.pdbx_PDB_ins_code_2 
_struct_mon_prot_cis.pdbx_auth_comp_id_2 
_struct_mon_prot_cis.pdbx_auth_seq_id_2 
_struct_mon_prot_cis.pdbx_auth_asym_id_2 
_struct_mon_prot_cis.pdbx_PDB_model_num 
_struct_mon_prot_cis.pdbx_omega_angle 
1 PRO 72 A . ? PRO 69 A PRO 73 A ? PRO 70 A 1 -1.51 
2 GLU 97 A . ? GLU 94 A PRO 98 A ? PRO 95 A 1 4.29  
# 
loop_
_struct_sheet.id 
_struct_sheet.type 
_struct_sheet.number_strands 
_struct_sheet.details 
AA1 ? 4 ? 
AA2 ? 4 ? 
# 
loop_
_struct_sheet_order.sheet_id 
_struct_sheet_order.range_id_1 
_struct_sheet_order.range_id_2 
_struct_sheet_order.offset 
_struct_sheet_order.sense 
AA1 1 2 ? anti-parallel 
AA1 2 3 ? anti-parallel 
AA1 3 4 ? anti-parallel 
AA2 1 2 ? anti-parallel 
AA2 2 3 ? anti-parallel 
AA2 3 4 ? anti-parallel 
# 
loop_
_struct_sheet_range.sheet_id 
_struct_sheet_range.id 
_struct_sheet_range.beg_label_comp_id 
_struct_sheet_range.beg_label_asym_id 
_struct_sheet_range.beg_label_seq_id 
_struct_sheet_range.pdbx_beg_PDB_ins_code 
_struct_sheet_range.end_label_comp_id 
_struct_sheet_range.end_label_asym_id 
_struct_sheet_range.end_label_seq_id 
_struct_sheet_range.pdbx_end_PDB_ins_code 
_struct_sheet_range.beg_auth_comp_id 
_struct_sheet_range.beg_auth_asym_id 
_struct_sheet_range.beg_auth_seq_id 
_struct_sheet_range.end_auth_comp_id 
_struct_sheet_range.end_auth_asym_id 
_struct_sheet_range.end_auth_seq_id 
AA1 1 TYR A 74  ? GLY A 80  ? TYR A 71  GLY A 77  
AA1 2 HIS A 33  ? ARG A 40  ? HIS A 30  ARG A 37  
AA1 3 ALA A 9   ? VAL A 22  ? ALA A 6   VAL A 19  
AA1 4 VAL A 117 ? ASN A 128 ? VAL A 114 ASN A 125 
AA2 1 LYS A 66  ? CYS A 69  ? LYS A 63  CYS A 66  
AA2 2 VAL A 51  ? HIS A 57  ? VAL A 48  HIS A 54  
AA2 3 PHE A 84  ? PHE A 92  ? PHE A 81  PHE A 89  
AA2 4 LYS A 100 ? LEU A 107 ? LYS A 97  LEU A 104 
# 
loop_
_pdbx_struct_sheet_hbond.sheet_id 
_pdbx_struct_sheet_hbond.range_id_1 
_pdbx_struct_sheet_hbond.range_id_2 
_pdbx_struct_sheet_hbond.range_1_label_atom_id 
_pdbx_struct_sheet_hbond.range_1_label_comp_id 
_pdbx_struct_sheet_hbond.range_1_label_asym_id 
_pdbx_struct_sheet_hbond.range_1_label_seq_id 
_pdbx_struct_sheet_hbond.range_1_PDB_ins_code 
_pdbx_struct_sheet_hbond.range_1_auth_atom_id 
_pdbx_struct_sheet_hbond.range_1_auth_comp_id 
_pdbx_struct_sheet_hbond.range_1_auth_asym_id 
_pdbx_struct_sheet_hbond.range_1_auth_seq_id 
_pdbx_struct_sheet_hbond.range_2_label_atom_id 
_pdbx_struct_sheet_hbond.range_2_label_comp_id 
_pdbx_struct_sheet_hbond.range_2_label_asym_id 
_pdbx_struct_sheet_hbond.range_2_label_seq_id 
_pdbx_struct_sheet_hbond.range_2_PDB_ins_code 
_pdbx_struct_sheet_hbond.range_2_auth_atom_id 
_pdbx_struct_sheet_hbond.range_2_auth_comp_id 
_pdbx_struct_sheet_hbond.range_2_auth_asym_id 
_pdbx_struct_sheet_hbond.range_2_auth_seq_id 
AA1 1 2 O GLU A 78 ? O GLU A 75 N TRP A 35  ? N TRP A 32  
AA1 2 3 O ASP A 34 ? O ASP A 31 N GLN A 21  ? N GLN A 18  
AA1 3 4 N VAL A 10 ? N VAL A 7  O PHE A 127 ? O PHE A 124 
AA2 1 2 O ARG A 67 ? O ARG A 64 N PHE A 56  ? N PHE A 53  
AA2 2 3 N VAL A 55 ? N VAL A 52 O GLU A 89  ? O GLU A 86  
AA2 3 4 N LEU A 86 ? N LEU A 83 O TYR A 105 ? O TYR A 102 
# 
_atom_sites.entry_id                    6L5Z 
_atom_sites.Cartn_transf_matrix[1][1]   ? 
_atom_sites.Cartn_transf_matrix[1][2]   ? 
_atom_sites.Cartn_transf_matrix[1][3]   ? 
_atom_sites.Cartn_transf_matrix[2][1]   ? 
_atom_sites.Cartn_transf_matrix[2][2]   ? 
_atom_sites.Cartn_transf_matrix[2][3]   ? 
_atom_sites.Cartn_transf_matrix[3][1]   ? 
_atom_sites.Cartn_transf_matrix[3][2]   ? 
_atom_sites.Cartn_transf_matrix[3][3]   ? 
_atom_sites.Cartn_transf_vector[1]      ? 
_atom_sites.Cartn_transf_vector[2]      ? 
_atom_sites.Cartn_transf_vector[3]      ? 
_atom_sites.fract_transf_matrix[1][1]   -0.00375961 
_atom_sites.fract_transf_matrix[1][2]   -0.00673564 
_atom_sites.fract_transf_matrix[1][3]   0.00765699 
_atom_sites.fract_transf_matrix[2][1]   -0.00695641 
_atom_sites.fract_transf_matrix[2][2]   -0.00791478 
_atom_sites.fract_transf_matrix[2][3]   -0.00266454 
_atom_sites.fract_transf_matrix[3][1]   0.01687718 
_atom_sites.fract_transf_matrix[3][2]   -0.01359674 
_atom_sites.fract_transf_matrix[3][3]   -0.00367392 
_atom_sites.fract_transf_vector[1]      -0.269891 
_atom_sites.fract_transf_vector[2]      0.211579 
_atom_sites.fract_transf_vector[3]      -0.152593 
_atom_sites.solution_primary            ? 
_atom_sites.solution_secondary          ? 
_atom_sites.solution_hydrogens          ? 
_atom_sites.special_details             ? 
# 
loop_
_atom_type.symbol 
C 
N 
O 
S 
# 
loop_
_atom_site.group_PDB 
_atom_site.id 
_atom_site.type_symbol 
_atom_site.label_atom_id 
_atom_site.label_alt_id 
_atom_site.label_comp_id 
_atom_site.label_asym_id 
_atom_site.label_entity_id 
_atom_site.label_seq_id 
_atom_site.pdbx_PDB_ins_code 
_atom_site.Cartn_x 
_atom_site.Cartn_y 
_atom_site.Cartn_z 
_atom_site.occupancy 
_atom_site.B_iso_or_equiv 
_atom_site.pdbx_formal_charge 
_atom_site.auth_seq_id 
_atom_site.auth_comp_id 
_atom_site.auth_asym_id 
_atom_site.auth_atom_id 
_atom_site.pdbx_PDB_model_num 
ATOM   1    N N   . ALA A 1 5   ? -3.182  -24.598 26.743  1.00 57.53  ? 2   ALA A N   1 
ATOM   2    C CA  . ALA A 1 5   ? -4.478  -25.118 26.317  1.00 76.48  ? 2   ALA A CA  1 
ATOM   3    C C   . ALA A 1 5   ? -5.501  -23.999 26.129  1.00 85.12  ? 2   ALA A C   1 
ATOM   4    O O   . ALA A 1 5   ? -6.618  -24.066 26.642  1.00 68.23  ? 2   ALA A O   1 
ATOM   5    C CB  . ALA A 1 5   ? -4.989  -26.131 27.313  1.00 81.73  ? 2   ALA A CB  1 
ATOM   6    N N   . SER A 1 6   ? -5.100  -22.967 25.395  1.00 96.10  ? 3   SER A N   1 
ATOM   7    C CA  . SER A 1 6   ? -6.006  -21.908 24.973  1.00 88.12  ? 3   SER A CA  1 
ATOM   8    C C   . SER A 1 6   ? -5.414  -21.259 23.732  1.00 86.92  ? 3   SER A C   1 
ATOM   9    O O   . SER A 1 6   ? -4.193  -21.230 23.558  1.00 77.45  ? 3   SER A O   1 
ATOM   10   C CB  . SER A 1 6   ? -6.242  -20.873 26.080  1.00 78.74  ? 3   SER A CB  1 
ATOM   11   O OG  . SER A 1 6   ? -5.031  -20.269 26.493  1.00 87.54  ? 3   SER A OG  1 
ATOM   12   N N   . SER A 1 7   ? -6.285  -20.749 22.869  1.00 96.84  ? 4   SER A N   1 
ATOM   13   C CA  . SER A 1 7   ? -5.883  -20.275 21.554  1.00 76.68  ? 4   SER A CA  1 
ATOM   14   C C   . SER A 1 7   ? -6.190  -18.791 21.395  1.00 82.64  ? 4   SER A C   1 
ATOM   15   O O   . SER A 1 7   ? -7.079  -18.240 22.052  1.00 77.91  ? 4   SER A O   1 
ATOM   16   C CB  . SER A 1 7   ? -6.584  -21.077 20.447  1.00 70.23  ? 4   SER A CB  1 
ATOM   17   O OG  . SER A 1 7   ? -6.644  -20.343 19.235  1.00 100.62 ? 4   SER A OG  1 
ATOM   18   N N   . CYS A 1 8   ? -5.436  -18.148 20.505  1.00 78.78  ? 5   CYS A N   1 
ATOM   19   C CA  . CYS A 1 8   ? -5.640  -16.750 20.160  1.00 70.54  ? 5   CYS A CA  1 
ATOM   20   C C   . CYS A 1 8   ? -5.646  -16.592 18.647  1.00 81.89  ? 5   CYS A C   1 
ATOM   21   O O   . CYS A 1 8   ? -4.975  -17.334 17.923  1.00 87.72  ? 5   CYS A O   1 
ATOM   22   C CB  . CYS A 1 8   ? -4.556  -15.853 20.772  1.00 73.45  ? 5   CYS A CB  1 
ATOM   23   S SG  . CYS A 1 8   ? -4.972  -14.092 20.782  1.00 85.45  ? 5   CYS A SG  1 
ATOM   24   N N   . ALA A 1 9   ? -6.419  -15.618 18.175  1.00 68.35  ? 6   ALA A N   1 
ATOM   25   C CA  . ALA A 1 9   ? -6.480  -15.309 16.749  1.00 61.96  ? 6   ALA A CA  1 
ATOM   26   C C   . ALA A 1 9   ? -6.758  -13.820 16.612  1.00 70.51  ? 6   ALA A C   1 
ATOM   27   O O   . ALA A 1 9   ? -7.887  -13.376 16.844  1.00 73.20  ? 6   ALA A O   1 
ATOM   28   C CB  . ALA A 1 9   ? -7.550  -16.138 16.047  1.00 70.42  ? 6   ALA A CB  1 
ATOM   29   N N   . VAL A 1 10  ? -5.732  -13.054 16.244  1.00 78.69  ? 7   VAL A N   1 
ATOM   30   C CA  . VAL A 1 10  ? -5.840  -11.609 16.075  1.00 78.30  ? 7   VAL A CA  1 
ATOM   31   C C   . VAL A 1 10  ? -6.125  -11.315 14.611  1.00 77.40  ? 7   VAL A C   1 
ATOM   32   O O   . VAL A 1 10  ? -5.547  -11.942 13.717  1.00 68.95  ? 7   VAL A O   1 
ATOM   33   C CB  . VAL A 1 10  ? -4.557  -10.898 16.544  1.00 83.08  ? 7   VAL A CB  1 
ATOM   34   C CG1 . VAL A 1 10  ? -4.749  -9.387  16.530  1.00 72.41  ? 7   VAL A CG1 1 
ATOM   35   C CG2 . VAL A 1 10  ? -4.160  -11.383 17.933  1.00 84.05  ? 7   VAL A CG2 1 
ATOM   36   N N   . GLN A 1 11  ? -7.017  -10.363 14.359  1.00 81.32  ? 8   GLN A N   1 
ATOM   37   C CA  . GLN A 1 11  ? -7.452  -10.046 13.005  1.00 69.06  ? 8   GLN A CA  1 
ATOM   38   C C   . GLN A 1 11  ? -7.432  -8.538  12.821  1.00 74.61  ? 8   GLN A C   1 
ATOM   39   O O   . GLN A 1 11  ? -8.166  -7.818  13.505  1.00 89.40  ? 8   GLN A O   1 
ATOM   40   C CB  . GLN A 1 11  ? -8.849  -10.612 12.740  1.00 75.92  ? 8   GLN A CB  1 
ATOM   41   C CG  . GLN A 1 11  ? -9.134  -10.942 11.289  1.00 86.35  ? 8   GLN A CG  1 
ATOM   42   C CD  . GLN A 1 11  ? -10.549 -11.442 11.089  1.00 99.87  ? 8   GLN A CD  1 
ATOM   43   O OE1 . GLN A 1 11  ? -11.492 -10.656 10.993  1.00 99.78  ? 8   GLN A OE1 1 
ATOM   44   N NE2 . GLN A 1 11  ? -10.706 -12.759 11.029  1.00 97.47  ? 8   GLN A NE2 1 
ATOM   45   N N   . VAL A 1 12  ? -6.594  -8.064  11.906  1.00 70.01  ? 9   VAL A N   1 
ATOM   46   C CA  . VAL A 1 12  ? -6.501  -6.642  11.601  1.00 76.86  ? 9   VAL A CA  1 
ATOM   47   C C   . VAL A 1 12  ? -6.998  -6.410  10.181  1.00 77.61  ? 9   VAL A C   1 
ATOM   48   O O   . VAL A 1 12  ? -6.892  -7.281  9.307   1.00 72.44  ? 9   VAL A O   1 
ATOM   49   C CB  . VAL A 1 12  ? -5.069  -6.095  11.789  1.00 73.29  ? 9   VAL A CB  1 
ATOM   50   C CG1 . VAL A 1 12  ? -4.499  -6.569  13.112  1.00 87.53  ? 9   VAL A CG1 1 
ATOM   51   C CG2 . VAL A 1 12  ? -4.166  -6.521  10.643  1.00 84.42  ? 9   VAL A CG2 1 
ATOM   52   N N   . LYS A 1 13  ? -7.565  -5.228  9.961   1.00 68.76  ? 10  LYS A N   1 
ATOM   53   C CA  . LYS A 1 13  ? -8.148  -4.851  8.680   1.00 66.54  ? 10  LYS A CA  1 
ATOM   54   C C   . LYS A 1 13  ? -7.305  -3.745  8.060   1.00 69.43  ? 10  LYS A C   1 
ATOM   55   O O   . LYS A 1 13  ? -7.186  -2.657  8.632   1.00 63.22  ? 10  LYS A O   1 
ATOM   56   C CB  . LYS A 1 13  ? -9.597  -4.387  8.847   1.00 62.83  ? 10  LYS A CB  1 
ATOM   57   C CG  . LYS A 1 13  ? -10.558 -5.462  9.342   1.00 84.69  ? 10  LYS A CG  1 
ATOM   58   C CD  . LYS A 1 13  ? -12.009 -4.987  9.275   1.00 79.63  ? 10  LYS A CD  1 
ATOM   59   C CE  . LYS A 1 13  ? -12.260 -3.777  10.169  1.00 113.66 ? 10  LYS A CE  1 
ATOM   60   N NZ  . LYS A 1 13  ? -12.039 -4.083  11.610  1.00 112.44 ? 10  LYS A NZ  1 
ATOM   61   N N   . LEU A 1 14  ? -6.721  -4.022  6.898   1.00 64.88  ? 11  LEU A N   1 
ATOM   62   C CA  . LEU A 1 14  ? -5.968  -3.044  6.134   1.00 55.00  ? 11  LEU A CA  1 
ATOM   63   C C   . LEU A 1 14  ? -6.758  -2.625  4.902   1.00 66.68  ? 11  LEU A C   1 
ATOM   64   O O   . LEU A 1 14  ? -7.603  -3.366  4.391   1.00 66.76  ? 11  LEU A O   1 
ATOM   65   C CB  . LEU A 1 14  ? -4.609  -3.608  5.702   1.00 62.07  ? 11  LEU A CB  1 
ATOM   66   C CG  . LEU A 1 14  ? -3.518  -3.768  6.755   1.00 70.29  ? 11  LEU A CG  1 
ATOM   67   C CD1 . LEU A 1 14  ? -2.332  -4.518  6.172   1.00 65.05  ? 11  LEU A CD1 1 
ATOM   68   C CD2 . LEU A 1 14  ? -3.088  -2.409  7.267   1.00 67.58  ? 11  LEU A CD2 1 
ATOM   69   N N   . GLU A 1 15  ? -6.455  -1.423  4.417   1.00 66.71  ? 12  GLU A N   1 
ATOM   70   C CA  . GLU A 1 15  ? -7.026  -0.898  3.185   1.00 57.38  ? 12  GLU A CA  1 
ATOM   71   C C   . GLU A 1 15  ? -5.883  -0.476  2.277   1.00 58.96  ? 12  GLU A C   1 
ATOM   72   O O   . GLU A 1 15  ? -5.119  0.432   2.622   1.00 65.77  ? 12  GLU A O   1 
ATOM   73   C CB  . GLU A 1 15  ? -7.950  0.294   3.452   1.00 63.74  ? 12  GLU A CB  1 
ATOM   74   C CG  . GLU A 1 15  ? -9.197  -0.025  4.251   1.00 77.46  ? 12  GLU A CG  1 
ATOM   75   C CD  . GLU A 1 15  ? -10.124 1.172   4.371   1.00 85.56  ? 12  GLU A CD  1 
ATOM   76   O OE1 . GLU A 1 15  ? -9.737  2.273   3.924   1.00 77.30  ? 12  GLU A OE1 1 
ATOM   77   O OE2 . GLU A 1 15  ? -11.236 1.014   4.917   1.00 86.61  ? 12  GLU A OE2 1 
ATOM   78   N N   . LEU A 1 16  ? -5.748  -1.143  1.136   1.00 56.82  ? 13  LEU A N   1 
ATOM   79   C CA  . LEU A 1 16  ? -4.861  -0.708  0.074   1.00 60.09  ? 13  LEU A CA  1 
ATOM   80   C C   . LEU A 1 16  ? -5.694  0.068   -0.934  1.00 56.28  ? 13  LEU A C   1 
ATOM   81   O O   . LEU A 1 16  ? -6.906  -0.130  -1.037  1.00 58.01  ? 13  LEU A O   1 
ATOM   82   C CB  . LEU A 1 16  ? -4.181  -1.905  -0.599  1.00 53.47  ? 13  LEU A CB  1 
ATOM   83   C CG  . LEU A 1 16  ? -2.998  -2.570  0.113   1.00 58.34  ? 13  LEU A CG  1 
ATOM   84   C CD1 . LEU A 1 16  ? -3.437  -3.278  1.378   1.00 54.09  ? 13  LEU A CD1 1 
ATOM   85   C CD2 . LEU A 1 16  ? -2.296  -3.545  -0.820  1.00 65.20  ? 13  LEU A CD2 1 
ATOM   86   N N   . GLY A 1 17  ? -5.066  0.983   -1.654  1.00 48.48  ? 14  GLY A N   1 
ATOM   87   C CA  . GLY A 1 17  ? -5.873  1.713   -2.616  1.00 52.81  ? 14  GLY A CA  1 
ATOM   88   C C   . GLY A 1 17  ? -5.050  2.691   -3.413  1.00 64.19  ? 14  GLY A C   1 
ATOM   89   O O   . GLY A 1 17  ? -3.859  2.893   -3.154  1.00 61.00  ? 14  GLY A O   1 
ATOM   90   N N   . HIS A 1 18  ? -5.706  3.306   -4.396  1.00 52.08  ? 15  HIS A N   1 
ATOM   91   C CA  . HIS A 1 18  ? -5.005  4.302   -5.194  1.00 60.53  ? 15  HIS A CA  1 
ATOM   92   C C   . HIS A 1 18  ? -5.994  5.150   -5.979  1.00 69.31  ? 15  HIS A C   1 
ATOM   93   O O   . HIS A 1 18  ? -7.074  4.691   -6.358  1.00 66.01  ? 15  HIS A O   1 
ATOM   94   C CB  . HIS A 1 18  ? -3.991  3.655   -6.152  1.00 58.19  ? 15  HIS A CB  1 
ATOM   95   C CG  . HIS A 1 18  ? -4.581  3.174   -7.441  1.00 50.61  ? 15  HIS A CG  1 
ATOM   96   N ND1 . HIS A 1 18  ? -5.395  2.066   -7.526  1.00 63.77  ? 15  HIS A ND1 1 
ATOM   97   C CD2 . HIS A 1 18  ? -4.457  3.647   -8.704  1.00 58.20  ? 15  HIS A CD2 1 
ATOM   98   C CE1 . HIS A 1 18  ? -5.750  1.877   -8.785  1.00 67.70  ? 15  HIS A CE1 1 
ATOM   99   N NE2 . HIS A 1 18  ? -5.195  2.824   -9.520  1.00 51.60  ? 15  HIS A NE2 1 
ATOM   100  N N   . ARG A 1 19  ? -5.597  6.394   -6.221  1.00 69.29  ? 16  ARG A N   1 
ATOM   101  C CA  . ARG A 1 19  ? -6.313  7.297   -7.106  1.00 62.99  ? 16  ARG A CA  1 
ATOM   102  C C   . ARG A 1 19  ? -5.408  7.677   -8.269  1.00 71.29  ? 16  ARG A C   1 
ATOM   103  O O   . ARG A 1 19  ? -4.181  7.727   -8.134  1.00 76.43  ? 16  ARG A O   1 
ATOM   104  C CB  . ARG A 1 19  ? -6.793  8.551   -6.366  1.00 61.37  ? 16  ARG A CB  1 
ATOM   105  C CG  . ARG A 1 19  ? -6.790  8.429   -4.849  1.00 73.05  ? 16  ARG A CG  1 
ATOM   106  C CD  . ARG A 1 19  ? -7.108  9.762   -4.191  1.00 88.84  ? 16  ARG A CD  1 
ATOM   107  N NE  . ARG A 1 19  ? -8.535  10.070  -4.238  1.00 91.70  ? 16  ARG A NE  1 
ATOM   108  C CZ  . ARG A 1 19  ? -9.397  9.774   -3.272  1.00 88.45  ? 16  ARG A CZ  1 
ATOM   109  N NH1 . ARG A 1 19  ? -10.678 10.091  -3.405  1.00 78.84  ? 16  ARG A NH1 1 
ATOM   110  N NH2 . ARG A 1 19  ? -8.978  9.165   -2.170  1.00 81.73  ? 16  ARG A NH2 1 
ATOM   111  N N   . ALA A 1 20  ? -6.028  7.938   -9.418  1.00 65.55  ? 17  ALA A N   1 
ATOM   112  C CA  . ALA A 1 20  ? -5.289  8.199   -10.650 1.00 60.07  ? 17  ALA A CA  1 
ATOM   113  C C   . ALA A 1 20  ? -6.120  9.096   -11.551 1.00 70.49  ? 17  ALA A C   1 
ATOM   114  O O   . ALA A 1 20  ? -7.217  8.712   -11.967 1.00 66.21  ? 17  ALA A O   1 
ATOM   115  C CB  . ALA A 1 20  ? -4.942  6.895   -11.367 1.00 58.84  ? 17  ALA A CB  1 
ATOM   116  N N   . GLN A 1 21  ? -5.592  10.277  -11.865 1.00 71.08  ? 18  GLN A N   1 
ATOM   117  C CA  . GLN A 1 21  ? -6.303  11.277  -12.647 1.00 69.38  ? 18  GLN A CA  1 
ATOM   118  C C   . GLN A 1 21  ? -5.472  11.687  -13.852 1.00 73.43  ? 18  GLN A C   1 
ATOM   119  O O   . GLN A 1 21  ? -4.264  11.911  -13.737 1.00 78.32  ? 18  GLN A O   1 
ATOM   120  C CB  . GLN A 1 21  ? -6.620  12.511  -11.799 1.00 84.34  ? 18  GLN A CB  1 
ATOM   121  C CG  . GLN A 1 21  ? -7.523  13.521  -12.481 1.00 86.91  ? 18  GLN A CG  1 
ATOM   122  C CD  . GLN A 1 21  ? -8.600  14.051  -11.559 1.00 106.80 ? 18  GLN A CD  1 
ATOM   123  O OE1 . GLN A 1 21  ? -8.352  14.305  -10.381 1.00 108.35 ? 18  GLN A OE1 1 
ATOM   124  N NE2 . GLN A 1 21  ? -9.803  14.231  -12.093 1.00 101.80 ? 18  GLN A NE2 1 
ATOM   125  N N   . VAL A 1 22  ? -6.131  11.796  -15.007 1.00 74.52  ? 19  VAL A N   1 
ATOM   126  C CA  . VAL A 1 22  ? -5.454  12.288  -16.201 1.00 73.67  ? 19  VAL A CA  1 
ATOM   127  C C   . VAL A 1 22  ? -5.031  13.730  -15.974 1.00 72.23  ? 19  VAL A C   1 
ATOM   128  O O   . VAL A 1 22  ? -5.813  14.554  -15.487 1.00 70.15  ? 19  VAL A O   1 
ATOM   129  C CB  . VAL A 1 22  ? -6.367  12.161  -17.429 1.00 65.80  ? 19  VAL A CB  1 
ATOM   130  C CG1 . VAL A 1 22  ? -5.650  12.660  -18.673 1.00 54.76  ? 19  VAL A CG1 1 
ATOM   131  C CG2 . VAL A 1 22  ? -6.823  10.721  -17.606 1.00 65.41  ? 19  VAL A CG2 1 
ATOM   132  N N   . ARG A 1 23  ? -3.786  14.041  -16.322 1.00 76.94  ? 20  ARG A N   1 
ATOM   133  C CA  . ARG A 1 23  ? -3.292  15.399  -16.158 1.00 75.60  ? 20  ARG A CA  1 
ATOM   134  C C   . ARG A 1 23  ? -3.940  16.343  -17.162 1.00 85.64  ? 20  ARG A C   1 
ATOM   135  O O   . ARG A 1 23  ? -4.141  16.002  -18.331 1.00 74.00  ? 20  ARG A O   1 
ATOM   136  C CB  . ARG A 1 23  ? -1.775  15.447  -16.318 1.00 70.01  ? 20  ARG A CB  1 
ATOM   137  C CG  . ARG A 1 23  ? -0.997  14.861  -15.164 1.00 72.24  ? 20  ARG A CG  1 
ATOM   138  C CD  . ARG A 1 23  ? 0.484   14.912  -15.464 1.00 84.77  ? 20  ARG A CD  1 
ATOM   139  N NE  . ARG A 1 23  ? 0.982   16.284  -15.441 1.00 89.36  ? 20  ARG A NE  1 
ATOM   140  C CZ  . ARG A 1 23  ? 1.498   16.873  -14.369 1.00 86.35  ? 20  ARG A CZ  1 
ATOM   141  N NH1 . ARG A 1 23  ? 1.584   16.210  -13.223 1.00 81.51  ? 20  ARG A NH1 1 
ATOM   142  N NH2 . ARG A 1 23  ? 1.931   18.126  -14.439 1.00 80.27  ? 20  ARG A NH2 1 
ATOM   143  N N   . LYS A 1 24  ? -4.275  17.540  -16.682 1.00 81.19  ? 21  LYS A N   1 
ATOM   144  C CA  . LYS A 1 24  ? -4.665  18.636  -17.560 1.00 75.92  ? 21  LYS A CA  1 
ATOM   145  C C   . LYS A 1 24  ? -3.654  18.824  -18.688 1.00 97.37  ? 21  LYS A C   1 
ATOM   146  O O   . LYS A 1 24  ? -4.026  18.950  -19.859 1.00 100.47 ? 21  LYS A O   1 
ATOM   147  C CB  . LYS A 1 24  ? -4.817  19.928  -16.744 1.00 83.17  ? 21  LYS A CB  1 
ATOM   148  C CG  . LYS A 1 24  ? -3.597  20.332  -15.884 1.00 104.56 ? 21  LYS A CG  1 
ATOM   149  C CD  . LYS A 1 24  ? -3.428  19.471  -14.631 1.00 109.49 ? 21  LYS A CD  1 
ATOM   150  C CE  . LYS A 1 24  ? -2.179  19.836  -13.851 1.00 95.68  ? 21  LYS A CE  1 
ATOM   151  N NZ  . LYS A 1 24  ? -1.816  18.771  -12.872 1.00 75.21  ? 21  LYS A NZ  1 
ATOM   152  N N   . LYS A 1 25  ? -2.365  18.835  -18.349 1.00 92.89  ? 22  LYS A N   1 
ATOM   153  C CA  . LYS A 1 25  ? -1.297  18.938  -19.328 1.00 88.27  ? 22  LYS A CA  1 
ATOM   154  C C   . LYS A 1 25  ? -0.235  17.900  -18.989 1.00 93.18  ? 22  LYS A C   1 
ATOM   155  O O   . LYS A 1 25  ? 0.243   17.853  -17.841 1.00 86.53  ? 22  LYS A O   1 
ATOM   156  C CB  . LYS A 1 25  ? -0.680  20.344  -19.351 1.00 106.23 ? 22  LYS A CB  1 
ATOM   157  C CG  . LYS A 1 25  ? 0.014   20.697  -20.661 1.00 100.19 ? 22  LYS A CG  1 
ATOM   158  C CD  . LYS A 1 25  ? 1.448   21.155  -20.431 1.00 99.02  ? 22  LYS A CD  1 
ATOM   159  C CE  . LYS A 1 25  ? 2.195   21.339  -21.747 1.00 104.63 ? 22  LYS A CE  1 
ATOM   160  N NZ  . LYS A 1 25  ? 3.491   20.602  -21.772 1.00 98.44  ? 22  LYS A NZ  1 
ATOM   161  N N   . PRO A 1 26  ? 0.153   17.053  -19.938 1.00 86.22  ? 23  PRO A N   1 
ATOM   162  C CA  . PRO A 1 26  ? 1.202   16.071  -19.656 1.00 91.19  ? 23  PRO A CA  1 
ATOM   163  C C   . PRO A 1 26  ? 2.546   16.747  -19.457 1.00 84.09  ? 23  PRO A C   1 
ATOM   164  O O   . PRO A 1 26  ? 2.845   17.782  -20.057 1.00 97.78  ? 23  PRO A O   1 
ATOM   165  C CB  . PRO A 1 26  ? 1.205   15.187  -20.910 1.00 73.88  ? 23  PRO A CB  1 
ATOM   166  C CG  . PRO A 1 26  ? 0.688   16.080  -21.985 1.00 65.27  ? 23  PRO A CG  1 
ATOM   167  C CD  . PRO A 1 26  ? -0.337  16.958  -21.323 1.00 72.93  ? 23  PRO A CD  1 
ATOM   168  N N   . THR A 1 27  ? 3.357   16.150  -18.592 1.00 71.90  ? 24  THR A N   1 
ATOM   169  C CA  . THR A 1 27  ? 4.690   16.672  -18.348 1.00 81.14  ? 24  THR A CA  1 
ATOM   170  C C   . THR A 1 27  ? 5.559   16.502  -19.594 1.00 84.40  ? 24  THR A C   1 
ATOM   171  O O   . THR A 1 27  ? 5.198   15.812  -20.553 1.00 84.36  ? 24  THR A O   1 
ATOM   172  C CB  . THR A 1 27  ? 5.320   15.978  -17.141 1.00 82.80  ? 24  THR A CB  1 
ATOM   173  O OG1 . THR A 1 27  ? 5.790   14.681  -17.525 1.00 70.87  ? 24  THR A OG1 1 
ATOM   174  C CG2 . THR A 1 27  ? 4.308   15.827  -16.023 1.00 74.63  ? 24  THR A CG2 1 
ATOM   175  N N   . VAL A 1 28  ? 6.673   17.206  -19.569 1.00 89.76  ? 25  VAL A N   1 
ATOM   176  C CA  . VAL A 1 28  ? 7.667   17.254  -20.665 1.00 80.37  ? 25  VAL A CA  1 
ATOM   177  C C   . VAL A 1 28  ? 8.117   15.849  -21.001 1.00 81.86  ? 25  VAL A C   1 
ATOM   178  O O   . VAL A 1 28  ? 8.362   15.595  -22.145 1.00 90.18  ? 25  VAL A O   1 
ATOM   179  C CB  . VAL A 1 28  ? 8.879   18.082  -20.230 1.00 83.74  ? 25  VAL A CB  1 
ATOM   180  C CG1 . VAL A 1 28  ? 8.904   19.426  -20.918 1.00 80.02  ? 25  VAL A CG1 1 
ATOM   181  C CG2 . VAL A 1 28  ? 8.925   18.257  -18.725 1.00 80.47  ? 25  VAL A CG2 1 
ATOM   182  N N   . GLU A 1 29  ? 8.055   14.942  -20.059 1.00 83.07  ? 26  GLU A N   1 
ATOM   183  C CA  . GLU A 1 29  ? 8.600   13.613  -20.374 1.00 85.00  ? 26  GLU A CA  1 
ATOM   184  C C   . GLU A 1 29  ? 7.520   12.731  -20.981 1.00 81.82  ? 26  GLU A C   1 
ATOM   185  O O   . GLU A 1 29  ? 7.839   11.626  -21.353 1.00 75.44  ? 26  GLU A O   1 
ATOM   186  C CB  . GLU A 1 29  ? 9.158   13.042  -19.083 1.00 92.54  ? 26  GLU A CB  1 
ATOM   187  C CG  . GLU A 1 29  ? 8.430   13.557  -17.861 1.00 91.79  ? 26  GLU A CG  1 
ATOM   188  C CD  . GLU A 1 29  ? 9.282   14.505  -17.064 1.00 94.45  ? 26  GLU A CD  1 
ATOM   189  O OE1 . GLU A 1 29  ? 8.737   15.289  -16.307 1.00 96.28  ? 26  GLU A OE1 1 
ATOM   190  O OE2 . GLU A 1 29  ? 10.485  14.429  -17.210 1.00 80.62  ? 26  GLU A OE2 1 
ATOM   191  N N   . GLY A 1 30  ? 6.290   13.217  -21.053 1.00 79.30  ? 27  GLY A N   1 
ATOM   192  C CA  . GLY A 1 30  ? 5.178   12.441  -21.609 1.00 73.28  ? 27  GLY A CA  1 
ATOM   193  C C   . GLY A 1 30  ? 4.330   11.818  -20.537 1.00 78.03  ? 27  GLY A C   1 
ATOM   194  O O   . GLY A 1 30  ? 3.423   11.114  -20.884 1.00 86.16  ? 27  GLY A O   1 
ATOM   195  N N   . PHE A 1 31  ? 4.627   12.073  -19.276 1.00 84.26  ? 28  PHE A N   1 
ATOM   196  C CA  . PHE A 1 31  ? 3.791   11.513  -18.198 1.00 72.70  ? 28  PHE A CA  1 
ATOM   197  C C   . PHE A 1 31  ? 2.412   12.134  -18.326 1.00 77.56  ? 28  PHE A C   1 
ATOM   198  O O   . PHE A 1 31  ? 2.345   13.318  -18.372 1.00 84.32  ? 28  PHE A O   1 
ATOM   199  C CB  . PHE A 1 31  ? 4.469   11.831  -16.880 1.00 69.47  ? 28  PHE A CB  1 
ATOM   200  C CG  . PHE A 1 31  ? 5.896   11.372  -16.872 1.00 73.61  ? 28  PHE A CG  1 
ATOM   201  C CD1 . PHE A 1 31  ? 6.310   10.393  -17.734 1.00 72.58  ? 28  PHE A CD1 1 
ATOM   202  C CD2 . PHE A 1 31  ? 6.806   11.882  -15.981 1.00 81.67  ? 28  PHE A CD2 1 
ATOM   203  C CE1 . PHE A 1 31  ? 7.611   9.946   -17.709 1.00 77.33  ? 28  PHE A CE1 1 
ATOM   204  C CE2 . PHE A 1 31  ? 8.106   11.432  -15.956 1.00 68.06  ? 28  PHE A CE2 1 
ATOM   205  C CZ  . PHE A 1 31  ? 8.506   10.467  -16.825 1.00 72.15  ? 28  PHE A CZ  1 
ATOM   206  N N   . THR A 1 32  ? 1.353   11.347  -18.264 1.00 79.21  ? 29  THR A N   1 
ATOM   207  C CA  . THR A 1 32  ? 0.023   11.923  -18.542 1.00 76.60  ? 29  THR A CA  1 
ATOM   208  C C   . THR A 1 32  ? -0.948  11.714  -17.398 1.00 73.59  ? 29  THR A C   1 
ATOM   209  O O   . THR A 1 32  ? -2.041  12.183  -17.513 1.00 76.36  ? 29  THR A O   1 
ATOM   210  C CB  . THR A 1 32  ? -0.571  11.239  -19.762 1.00 80.84  ? 29  THR A CB  1 
ATOM   211  O OG1 . THR A 1 32  ? -0.421  9.853   -19.511 1.00 83.63  ? 29  THR A OG1 1 
ATOM   212  C CG2 . THR A 1 32  ? 0.232   11.521  -21.000 1.00 68.24  ? 29  THR A CG2 1 
ATOM   213  N N   . HIS A 1 33  ? -0.530  11.056  -16.337 1.00 76.19  ? 30  HIS A N   1 
ATOM   214  C CA  . HIS A 1 33  ? -1.406  10.805  -15.201 1.00 67.63  ? 30  HIS A CA  1 
ATOM   215  C C   . HIS A 1 33  ? -0.710  11.186  -13.906 1.00 73.49  ? 30  HIS A C   1 
ATOM   216  O O   . HIS A 1 33  ? 0.489   10.948  -13.745 1.00 75.24  ? 30  HIS A O   1 
ATOM   217  C CB  . HIS A 1 33  ? -1.816  9.329   -15.123 1.00 64.95  ? 30  HIS A CB  1 
ATOM   218  C CG  . HIS A 1 33  ? -2.812  8.915   -16.160 1.00 66.32  ? 30  HIS A CG  1 
ATOM   219  N ND1 . HIS A 1 33  ? -2.513  8.872   -17.504 1.00 61.01  ? 30  HIS A ND1 1 
ATOM   220  C CD2 . HIS A 1 33  ? -4.095  8.500   -16.045 1.00 66.30  ? 30  HIS A CD2 1 
ATOM   221  C CE1 . HIS A 1 33  ? -3.574  8.461   -18.175 1.00 68.48  ? 30  HIS A CE1 1 
ATOM   222  N NE2 . HIS A 1 33  ? -4.548  8.228   -17.313 1.00 71.69  ? 30  HIS A NE2 1 
ATOM   223  N N   . ASP A 1 34  ? -1.468  11.771  -12.982 1.00 67.71  ? 31  ASP A N   1 
ATOM   224  C CA  . ASP A 1 34  ? -1.042  11.927  -11.598 1.00 65.62  ? 31  ASP A CA  1 
ATOM   225  C C   . ASP A 1 34  ? -1.737  10.846  -10.781 1.00 73.32  ? 31  ASP A C   1 
ATOM   226  O O   . ASP A 1 34  ? -2.970  10.770  -10.776 1.00 68.00  ? 31  ASP A O   1 
ATOM   227  C CB  . ASP A 1 34  ? -1.398  13.311  -11.048 1.00 68.47  ? 31  ASP A CB  1 
ATOM   228  C CG  . ASP A 1 34  ? -0.565  14.423  -11.654 1.00 83.46  ? 31  ASP A CG  1 
ATOM   229  O OD1 . ASP A 1 34  ? 0.640   14.208  -11.904 1.00 86.56  ? 31  ASP A OD1 1 
ATOM   230  O OD2 . ASP A 1 34  ? -1.118  15.522  -11.871 1.00 88.09  ? 31  ASP A OD2 1 
ATOM   231  N N   . TRP A 1 35  ? -0.960  10.004  -10.103 1.00 64.77  ? 32  TRP A N   1 
ATOM   232  C CA  . TRP A 1 35  ? -1.551  8.986   -9.251  1.00 61.52  ? 32  TRP A CA  1 
ATOM   233  C C   . TRP A 1 35  ? -0.894  8.991   -7.878  1.00 62.73  ? 32  TRP A C   1 
ATOM   234  O O   . TRP A 1 35  ? 0.211   9.506   -7.679  1.00 59.30  ? 32  TRP A O   1 
ATOM   235  C CB  . TRP A 1 35  ? -1.469  7.581   -9.878  1.00 66.07  ? 32  TRP A CB  1 
ATOM   236  C CG  . TRP A 1 35  ? -0.097  7.115   -10.271 1.00 62.32  ? 32  TRP A CG  1 
ATOM   237  C CD1 . TRP A 1 35  ? 0.443   7.128   -11.523 1.00 65.01  ? 32  TRP A CD1 1 
ATOM   238  C CD2 . TRP A 1 35  ? 0.895   6.531   -9.415  1.00 71.43  ? 32  TRP A CD2 1 
ATOM   239  N NE1 . TRP A 1 35  ? 1.714   6.605   -11.498 1.00 73.74  ? 32  TRP A NE1 1 
ATOM   240  C CE2 . TRP A 1 35  ? 2.015   6.232   -10.215 1.00 69.87  ? 32  TRP A CE2 1 
ATOM   241  C CE3 . TRP A 1 35  ? 0.948   6.242   -8.047  1.00 74.07  ? 32  TRP A CE3 1 
ATOM   242  C CZ2 . TRP A 1 35  ? 3.174   5.657   -9.695  1.00 67.34  ? 32  TRP A CZ2 1 
ATOM   243  C CZ3 . TRP A 1 35  ? 2.099   5.672   -7.532  1.00 67.84  ? 32  TRP A CZ3 1 
ATOM   244  C CH2 . TRP A 1 35  ? 3.195   5.386   -8.354  1.00 62.84  ? 32  TRP A CH2 1 
ATOM   245  N N   . MET A 1 36  ? -1.625  8.428   -6.923  1.00 67.33  ? 33  MET A N   1 
ATOM   246  C CA  . MET A 1 36  ? -1.144  8.206   -5.570  1.00 66.99  ? 33  MET A CA  1 
ATOM   247  C C   . MET A 1 36  ? -1.661  6.857   -5.098  1.00 69.95  ? 33  MET A C   1 
ATOM   248  O O   . MET A 1 36  ? -2.799  6.482   -5.396  1.00 63.84  ? 33  MET A O   1 
ATOM   249  C CB  . MET A 1 36  ? -1.584  9.339   -4.624  1.00 66.05  ? 33  MET A CB  1 
ATOM   250  C CG  . MET A 1 36  ? -3.034  9.278   -4.151  1.00 90.35  ? 33  MET A CG  1 
ATOM   251  S SD  . MET A 1 36  ? -3.236  8.349   -2.618  1.00 99.96  ? 33  MET A SD  1 
ATOM   252  C CE  . MET A 1 36  ? -1.871  9.015   -1.685  1.00 87.41  ? 33  MET A CE  1 
ATOM   253  N N   . VAL A 1 37  ? -0.809  6.119   -4.389  1.00 65.00  ? 34  VAL A N   1 
ATOM   254  C CA  . VAL A 1 37  ? -1.145  4.792   -3.885  1.00 62.34  ? 34  VAL A CA  1 
ATOM   255  C C   . VAL A 1 37  ? -0.858  4.763   -2.390  1.00 63.87  ? 34  VAL A C   1 
ATOM   256  O O   . VAL A 1 37  ? 0.108   5.377   -1.925  1.00 72.42  ? 34  VAL A O   1 
ATOM   257  C CB  . VAL A 1 37  ? -0.364  3.687   -4.632  1.00 57.73  ? 34  VAL A CB  1 
ATOM   258  C CG1 . VAL A 1 37  ? 1.137   3.881   -4.469  1.00 62.16  ? 34  VAL A CG1 1 
ATOM   259  C CG2 . VAL A 1 37  ? -0.796  2.299   -4.180  1.00 50.59  ? 34  VAL A CG2 1 
ATOM   260  N N   . PHE A 1 38  ? -1.701  4.059   -1.631  1.00 62.43  ? 35  PHE A N   1 
ATOM   261  C CA  . PHE A 1 38  ? -1.656  4.140   -0.178  1.00 58.63  ? 35  PHE A CA  1 
ATOM   262  C C   . PHE A 1 38  ? -1.974  2.803   0.472   1.00 57.24  ? 35  PHE A C   1 
ATOM   263  O O   . PHE A 1 38  ? -2.695  1.967   -0.086  1.00 67.65  ? 35  PHE A O   1 
ATOM   264  C CB  . PHE A 1 38  ? -2.636  5.193   0.358   1.00 63.01  ? 35  PHE A CB  1 
ATOM   265  C CG  . PHE A 1 38  ? -4.085  4.864   0.109   1.00 59.18  ? 35  PHE A CG  1 
ATOM   266  C CD1 . PHE A 1 38  ? -4.791  4.044   0.977   1.00 62.89  ? 35  PHE A CD1 1 
ATOM   267  C CD2 . PHE A 1 38  ? -4.742  5.379   -0.996  1.00 68.76  ? 35  PHE A CD2 1 
ATOM   268  C CE1 . PHE A 1 38  ? -6.117  3.736   0.743   1.00 66.94  ? 35  PHE A CE1 1 
ATOM   269  C CE2 . PHE A 1 38  ? -6.072  5.078   -1.232  1.00 72.08  ? 35  PHE A CE2 1 
ATOM   270  C CZ  . PHE A 1 38  ? -6.760  4.256   -0.360  1.00 70.02  ? 35  PHE A CZ  1 
ATOM   271  N N   . VAL A 1 39  ? -1.504  2.672   1.701   1.00 67.80  ? 36  VAL A N   1 
ATOM   272  C CA  . VAL A 1 39  ? -1.806  1.531   2.604   1.00 69.05  ? 36  VAL A CA  1 
ATOM   273  C C   . VAL A 1 39  ? -2.236  2.182   3.902   1.00 67.69  ? 36  VAL A C   1 
ATOM   274  O O   . VAL A 1 39  ? -1.537  3.036   4.351   1.00 69.45  ? 36  VAL A O   1 
ATOM   275  C CB  . VAL A 1 39  ? -0.609  0.626   2.858   1.00 55.39  ? 36  VAL A CB  1 
ATOM   276  C CG1 . VAL A 1 39  ? -0.902  -0.277  4.021   1.00 48.17  ? 36  VAL A CG1 1 
ATOM   277  C CG2 . VAL A 1 39  ? -0.336  -0.210  1.647   1.00 64.82  ? 36  VAL A CG2 1 
ATOM   278  N N   . ARG A 1 40  ? -3.368  1.791   4.448   1.00 60.58  ? 37  ARG A N   1 
ATOM   279  C CA  . ARG A 1 40  ? -3.838  2.491   5.645   1.00 53.46  ? 37  ARG A CA  1 
ATOM   280  C C   . ARG A 1 40  ? -4.804  1.603   6.405   1.00 66.40  ? 37  ARG A C   1 
ATOM   281  O O   . ARG A 1 40  ? -5.041  0.494   5.997   1.00 72.83  ? 37  ARG A O   1 
ATOM   282  C CB  . ARG A 1 40  ? -4.568  3.745   5.192   1.00 55.06  ? 37  ARG A CB  1 
ATOM   283  C CG  . ARG A 1 40  ? -5.984  3.496   4.718   1.00 60.54  ? 37  ARG A CG  1 
ATOM   284  C CD  . ARG A 1 40  ? -6.646  4.681   4.068   1.00 64.88  ? 37  ARG A CD  1 
ATOM   285  N NE  . ARG A 1 40  ? -7.936  4.342   3.510   1.00 68.69  ? 37  ARG A NE  1 
ATOM   286  C CZ  . ARG A 1 40  ? -8.622  5.142   2.725   1.00 79.13  ? 37  ARG A CZ  1 
ATOM   287  N NH1 . ARG A 1 40  ? -9.791  4.773   2.254   1.00 67.68  ? 37  ARG A NH1 1 
ATOM   288  N NH2 . ARG A 1 40  ? -8.143  6.323   2.414   1.00 82.92  ? 37  ARG A NH2 1 
ATOM   289  N N   . GLY A 1 41  ? -5.258  2.084   7.541   1.00 76.21  ? 38  GLY A N   1 
ATOM   290  C CA  . GLY A 1 41  ? -6.238  1.324   8.314   1.00 65.68  ? 38  GLY A CA  1 
ATOM   291  C C   . GLY A 1 41  ? -7.588  1.965   8.170   1.00 82.93  ? 38  GLY A C   1 
ATOM   292  O O   . GLY A 1 41  ? -7.665  3.114   7.779   1.00 88.12  ? 38  GLY A O   1 
ATOM   293  N N   . PRO A 1 42  ? -8.683  1.270   8.481   1.00 82.34  ? 39  PRO A N   1 
ATOM   294  C CA  . PRO A 1 42  ? -9.979  1.845   8.325   1.00 87.27  ? 39  PRO A CA  1 
ATOM   295  C C   . PRO A 1 42  ? -10.258 2.948   9.336   1.00 98.78  ? 39  PRO A C   1 
ATOM   296  O O   . PRO A 1 42  ? -9.678  2.951   10.384  1.00 98.59  ? 39  PRO A O   1 
ATOM   297  C CB  . PRO A 1 42  ? -10.890 0.673   8.640   1.00 85.64  ? 39  PRO A CB  1 
ATOM   298  C CG  . PRO A 1 42  ? -10.077 -0.155  9.547   1.00 75.23  ? 39  PRO A CG  1 
ATOM   299  C CD  . PRO A 1 42  ? -8.706  -0.089  8.937   1.00 62.12  ? 39  PRO A CD  1 
ATOM   300  N N   . GLU A 1 43  ? -11.133 3.853   8.925   1.00 102.27 ? 40  GLU A N   1 
ATOM   301  C CA  . GLU A 1 43  ? -11.636 4.976   9.741   1.00 113.34 ? 40  GLU A CA  1 
ATOM   302  C C   . GLU A 1 43  ? -10.512 5.632   10.525  1.00 122.03 ? 40  GLU A C   1 
ATOM   303  O O   . GLU A 1 43  ? -10.631 5.710   11.742  1.00 127.18 ? 40  GLU A O   1 
ATOM   304  C CB  . GLU A 1 43  ? -12.690 4.443   10.695  1.00 114.21 ? 40  GLU A CB  1 
ATOM   305  C CG  . GLU A 1 43  ? -13.970 4.071   9.995   1.00 97.72  ? 40  GLU A CG  1 
ATOM   306  C CD  . GLU A 1 43  ? -14.649 2.921   10.694  1.00 115.70 ? 40  GLU A CD  1 
ATOM   307  O OE1 . GLU A 1 43  ? -14.007 2.324   11.558  1.00 117.56 ? 40  GLU A OE1 1 
ATOM   308  O OE2 . GLU A 1 43  ? -15.799 2.631   10.362  1.00 120.25 ? 40  GLU A OE2 1 
ATOM   309  N N   . HIS A 1 44  ? -9.453  6.019   9.832   1.00 114.16 ? 41  HIS A N   1 
ATOM   310  C CA  . HIS A 1 44  ? -8.331  6.725   10.488  1.00 104.41 ? 41  HIS A CA  1 
ATOM   311  C C   . HIS A 1 44  ? -7.827  5.947   11.689  1.00 105.93 ? 41  HIS A C   1 
ATOM   312  O O   . HIS A 1 44  ? -7.603  6.554   12.717  1.00 109.15 ? 41  HIS A O   1 
ATOM   313  C CB  . HIS A 1 44  ? -8.741  8.142   10.845  1.00 105.22 ? 41  HIS A CB  1 
ATOM   314  C CG  . HIS A 1 44  ? -9.291  8.834   9.657   1.00 121.68 ? 41  HIS A CG  1 
ATOM   315  N ND1 . HIS A 1 44  ? -8.539  9.689   8.904   1.00 114.06 ? 41  HIS A ND1 1 
ATOM   316  C CD2 . HIS A 1 44  ? -10.492 8.750   9.067   1.00 118.28 ? 41  HIS A CD2 1 
ATOM   317  C CE1 . HIS A 1 44  ? -9.263  10.137  7.910   1.00 114.36 ? 41  HIS A CE1 1 
ATOM   318  N NE2 . HIS A 1 44  ? -10.458 9.570   7.984   1.00 135.23 ? 41  HIS A NE2 1 
ATOM   319  N N   . SER A 1 45  ? -7.666  4.642   11.555  1.00 103.51 ? 42  SER A N   1 
ATOM   320  C CA  . SER A 1 45  ? -7.086  3.900   12.687  1.00 93.35  ? 42  SER A CA  1 
ATOM   321  C C   . SER A 1 45  ? -5.577  4.055   12.614  1.00 87.66  ? 42  SER A C   1 
ATOM   322  O O   . SER A 1 45  ? -5.050  4.382   11.580  1.00 100.67 ? 42  SER A O   1 
ATOM   323  C CB  . SER A 1 45  ? -7.494  2.489   12.702  1.00 92.81  ? 42  SER A CB  1 
ATOM   324  O OG  . SER A 1 45  ? -7.725  2.023   11.398  1.00 88.31  ? 42  SER A OG  1 
ATOM   325  N N   . ASN A 1 46  ? -4.911  3.794   13.707  1.00 84.80  ? 43  ASN A N   1 
ATOM   326  C CA  . ASN A 1 46  ? -3.467  3.990   13.806  1.00 105.18 ? 43  ASN A CA  1 
ATOM   327  C C   . ASN A 1 46  ? -2.797  2.623   13.724  1.00 102.35 ? 43  ASN A C   1 
ATOM   328  O O   . ASN A 1 46  ? -2.676  1.917   14.730  1.00 106.69 ? 43  ASN A O   1 
ATOM   329  C CB  . ASN A 1 46  ? -3.104  4.717   15.099  1.00 99.21  ? 43  ASN A CB  1 
ATOM   330  C CG  . ASN A 1 46  ? -1.698  5.291   15.072  1.00 106.80 ? 43  ASN A CG  1 
ATOM   331  O OD1 . ASN A 1 46  ? -0.838  4.827   14.324  1.00 102.96 ? 43  ASN A OD1 1 
ATOM   332  N ND2 . ASN A 1 46  ? -1.459  6.304   15.897  1.00 112.40 ? 43  ASN A ND2 1 
ATOM   333  N N   . ILE A 1 47  ? -2.359  2.252   12.516  1.00 89.67  ? 44  ILE A N   1 
ATOM   334  C CA  . ILE A 1 47  ? -1.688  0.969   12.307  1.00 88.38  ? 44  ILE A CA  1 
ATOM   335  C C   . ILE A 1 47  ? -0.195  1.026   12.605  1.00 86.12  ? 44  ILE A C   1 
ATOM   336  O O   . ILE A 1 47  ? 0.468   -0.023  12.591  1.00 79.98  ? 44  ILE A O   1 
ATOM   337  C CB  . ILE A 1 47  ? -1.908  0.462   10.866  1.00 81.96  ? 44  ILE A CB  1 
ATOM   338  C CG1 . ILE A 1 47  ? -0.875  1.071   9.919   1.00 80.98  ? 44  ILE A CG1 1 
ATOM   339  C CG2 . ILE A 1 47  ? -3.312  0.790   10.386  1.00 74.14  ? 44  ILE A CG2 1 
ATOM   340  C CD1 . ILE A 1 47  ? -0.949  0.522   8.507   1.00 74.84  ? 44  ILE A CD1 1 
ATOM   341  N N   . GLN A 1 48  ? 0.355   2.215   12.879  1.00 94.43  ? 45  GLN A N   1 
ATOM   342  C CA  . GLN A 1 48  ? 1.777   2.326   13.199  1.00 83.41  ? 45  GLN A CA  1 
ATOM   343  C C   . GLN A 1 48  ? 2.153   1.473   14.406  1.00 87.69  ? 45  GLN A C   1 
ATOM   344  O O   . GLN A 1 48  ? 3.294   1.008   14.502  1.00 88.00  ? 45  GLN A O   1 
ATOM   345  C CB  . GLN A 1 48  ? 2.144   3.794   13.448  1.00 78.49  ? 45  GLN A CB  1 
ATOM   346  C CG  . GLN A 1 48  ? 3.480   4.004   14.156  1.00 111.19 ? 45  GLN A CG  1 
ATOM   347  C CD  . GLN A 1 48  ? 4.256   5.193   13.623  1.00 108.83 ? 45  GLN A CD  1 
ATOM   348  O OE1 . GLN A 1 48  ? 3.701   6.275   13.436  1.00 92.88  ? 45  GLN A OE1 1 
ATOM   349  N NE2 . GLN A 1 48  ? 5.548   4.999   13.378  1.00 100.77 ? 45  GLN A NE2 1 
ATOM   350  N N   . HIS A 1 49  ? 1.201   1.239   15.317  1.00 81.50  ? 46  HIS A N   1 
ATOM   351  C CA  . HIS A 1 49  ? 1.482   0.471   16.526  1.00 82.93  ? 46  HIS A CA  1 
ATOM   352  C C   . HIS A 1 49  ? 2.141   -0.868  16.226  1.00 78.26  ? 46  HIS A C   1 
ATOM   353  O O   . HIS A 1 49  ? 2.965   -1.345  17.014  1.00 94.55  ? 46  HIS A O   1 
ATOM   354  C CB  . HIS A 1 49  ? 0.193   0.243   17.318  1.00 80.10  ? 46  HIS A CB  1 
ATOM   355  C CG  . HIS A 1 49  ? -0.301  1.460   18.036  1.00 97.64  ? 46  HIS A CG  1 
ATOM   356  N ND1 . HIS A 1 49  ? -1.356  2.220   17.579  1.00 100.78 ? 46  HIS A ND1 1 
ATOM   357  C CD2 . HIS A 1 49  ? 0.123   2.053   19.177  1.00 95.59  ? 46  HIS A CD2 1 
ATOM   358  C CE1 . HIS A 1 49  ? -1.564  3.226   18.410  1.00 101.81 ? 46  HIS A CE1 1 
ATOM   359  N NE2 . HIS A 1 49  ? -0.680  3.148   19.388  1.00 110.60 ? 46  HIS A NE2 1 
ATOM   360  N N   . PHE A 1 50  ? 1.799   -1.487  15.098  1.00 81.88  ? 47  PHE A N   1 
ATOM   361  C CA  . PHE A 1 50  ? 2.345   -2.788  14.748  1.00 85.28  ? 47  PHE A CA  1 
ATOM   362  C C   . PHE A 1 50  ? 3.020   -2.820  13.385  1.00 77.89  ? 47  PHE A C   1 
ATOM   363  O O   . PHE A 1 50  ? 3.538   -3.873  13.003  1.00 74.40  ? 47  PHE A O   1 
ATOM   364  C CB  . PHE A 1 50  ? 1.246   -3.860  14.799  1.00 87.23  ? 47  PHE A CB  1 
ATOM   365  C CG  . PHE A 1 50  ? 0.118   -3.627  13.831  1.00 84.81  ? 47  PHE A CG  1 
ATOM   366  C CD1 . PHE A 1 50  ? -0.944  -2.805  14.171  1.00 81.72  ? 47  PHE A CD1 1 
ATOM   367  C CD2 . PHE A 1 50  ? 0.109   -4.248  12.592  1.00 74.90  ? 47  PHE A CD2 1 
ATOM   368  C CE1 . PHE A 1 50  ? -1.986  -2.591  13.287  1.00 73.39  ? 47  PHE A CE1 1 
ATOM   369  C CE2 . PHE A 1 50  ? -0.932  -4.041  11.704  1.00 65.67  ? 47  PHE A CE2 1 
ATOM   370  C CZ  . PHE A 1 50  ? -1.979  -3.212  12.052  1.00 74.63  ? 47  PHE A CZ  1 
ATOM   371  N N   . VAL A 1 51  ? 3.035   -1.716  12.646  1.00 73.79  ? 48  VAL A N   1 
ATOM   372  C CA  . VAL A 1 51  ? 3.652   -1.662  11.324  1.00 79.61  ? 48  VAL A CA  1 
ATOM   373  C C   . VAL A 1 51  ? 4.934   -0.846  11.427  1.00 79.94  ? 48  VAL A C   1 
ATOM   374  O O   . VAL A 1 51  ? 4.895   0.378   11.605  1.00 74.72  ? 48  VAL A O   1 
ATOM   375  C CB  . VAL A 1 51  ? 2.711   -1.070  10.268  1.00 70.86  ? 48  VAL A CB  1 
ATOM   376  C CG1 . VAL A 1 51  ? 3.407   -1.028  8.917   1.00 73.40  ? 48  VAL A CG1 1 
ATOM   377  C CG2 . VAL A 1 51  ? 1.440   -1.888  10.176  1.00 71.73  ? 48  VAL A CG2 1 
ATOM   378  N N   . GLU A 1 52  ? 6.073   -1.531  11.304  1.00 76.39  ? 49  GLU A N   1 
ATOM   379  C CA  . GLU A 1 52  ? 7.362   -0.853  11.252  1.00 86.27  ? 49  GLU A CA  1 
ATOM   380  C C   . GLU A 1 52  ? 7.436   0.069   10.045  1.00 83.51  ? 49  GLU A C   1 
ATOM   381  O O   . GLU A 1 52  ? 7.513   1.295   10.184  1.00 80.33  ? 49  GLU A O   1 
ATOM   382  C CB  . GLU A 1 52  ? 8.491   -1.887  11.203  1.00 85.59  ? 49  GLU A CB  1 
ATOM   383  C CG  . GLU A 1 52  ? 9.888   -1.291  11.106  1.00 100.07 ? 49  GLU A CG  1 
ATOM   384  C CD  . GLU A 1 52  ? 10.916  -2.307  10.647  1.00 121.99 ? 49  GLU A CD  1 
ATOM   385  O OE1 . GLU A 1 52  ? 10.588  -3.512  10.624  1.00 107.85 ? 49  GLU A OE1 1 
ATOM   386  O OE2 . GLU A 1 52  ? 12.049  -1.904  10.309  1.00 118.21 ? 49  GLU A OE2 1 
ATOM   387  N N   . LYS A 1 53  ? 7.394   -0.507  8.844   1.00 84.51  ? 50  LYS A N   1 
ATOM   388  C CA  . LYS A 1 53  ? 7.527   0.261   7.616   1.00 77.53  ? 50  LYS A CA  1 
ATOM   389  C C   . LYS A 1 53  ? 6.686   -0.382  6.524   1.00 71.69  ? 50  LYS A C   1 
ATOM   390  O O   . LYS A 1 53  ? 6.241   -1.526  6.641   1.00 67.23  ? 50  LYS A O   1 
ATOM   391  C CB  . LYS A 1 53  ? 8.992   0.355   7.175   1.00 72.21  ? 50  LYS A CB  1 
ATOM   392  C CG  . LYS A 1 53  ? 9.641   -1.000  6.953   1.00 59.99  ? 50  LYS A CG  1 
ATOM   393  C CD  . LYS A 1 53  ? 11.024  -0.862  6.343   1.00 79.42  ? 50  LYS A CD  1 
ATOM   394  C CE  . LYS A 1 53  ? 11.709  -2.215  6.222   1.00 72.00  ? 50  LYS A CE  1 
ATOM   395  N NZ  . LYS A 1 53  ? 13.003  -2.122  5.489   1.00 81.92  ? 50  LYS A NZ  1 
ATOM   396  N N   . VAL A 1 54  ? 6.479   0.375   5.448   1.00 83.40  ? 51  VAL A N   1 
ATOM   397  C CA  . VAL A 1 54  ? 5.794   -0.097  4.248   1.00 70.20  ? 51  VAL A CA  1 
ATOM   398  C C   . VAL A 1 54  ? 6.663   0.236   3.042   1.00 75.45  ? 51  VAL A C   1 
ATOM   399  O O   . VAL A 1 54  ? 7.151   1.366   2.912   1.00 78.28  ? 51  VAL A O   1 
ATOM   400  C CB  . VAL A 1 54  ? 4.392   0.525   4.097   1.00 64.32  ? 51  VAL A CB  1 
ATOM   401  C CG1 . VAL A 1 54  ? 3.765   0.114   2.776   1.00 60.75  ? 51  VAL A CG1 1 
ATOM   402  C CG2 . VAL A 1 54  ? 3.500   0.106   5.252   1.00 70.48  ? 51  VAL A CG2 1 
ATOM   403  N N   . VAL A 1 55  ? 6.853   -0.742  2.159   1.00 71.56  ? 52  VAL A N   1 
ATOM   404  C CA  . VAL A 1 55  ? 7.746   -0.612  1.013   1.00 70.93  ? 52  VAL A CA  1 
ATOM   405  C C   . VAL A 1 55  ? 6.922   -0.713  -0.264  1.00 71.82  ? 52  VAL A C   1 
ATOM   406  O O   . VAL A 1 55  ? 6.224   -1.710  -0.486  1.00 68.40  ? 52  VAL A O   1 
ATOM   407  C CB  . VAL A 1 55  ? 8.851   -1.679  1.032   1.00 75.00  ? 52  VAL A CB  1 
ATOM   408  C CG1 . VAL A 1 55  ? 9.900   -1.368  -0.022  1.00 74.06  ? 52  VAL A CG1 1 
ATOM   409  C CG2 . VAL A 1 55  ? 9.475   -1.764  2.412   1.00 72.66  ? 52  VAL A CG2 1 
ATOM   410  N N   . PHE A 1 56  ? 7.015   0.314   -1.107  1.00 74.57  ? 53  PHE A N   1 
ATOM   411  C CA  . PHE A 1 56  ? 6.370   0.342   -2.414  1.00 64.72  ? 53  PHE A CA  1 
ATOM   412  C C   . PHE A 1 56  ? 7.439   0.103   -3.476  1.00 64.19  ? 53  PHE A C   1 
ATOM   413  O O   . PHE A 1 56  ? 8.342   0.929   -3.657  1.00 77.17  ? 53  PHE A O   1 
ATOM   414  C CB  . PHE A 1 56  ? 5.655   1.673   -2.641  1.00 64.83  ? 53  PHE A CB  1 
ATOM   415  C CG  . PHE A 1 56  ? 4.572   1.962   -1.640  1.00 68.46  ? 53  PHE A CG  1 
ATOM   416  C CD1 . PHE A 1 56  ? 4.862   2.621   -0.456  1.00 74.33  ? 53  PHE A CD1 1 
ATOM   417  C CD2 . PHE A 1 56  ? 3.263   1.580   -1.885  1.00 64.52  ? 53  PHE A CD2 1 
ATOM   418  C CE1 . PHE A 1 56  ? 3.868   2.891   0.467   1.00 67.90  ? 53  PHE A CE1 1 
ATOM   419  C CE2 . PHE A 1 56  ? 2.266   1.847   -0.967  1.00 70.64  ? 53  PHE A CE2 1 
ATOM   420  C CZ  . PHE A 1 56  ? 2.569   2.503   0.211   1.00 71.97  ? 53  PHE A CZ  1 
ATOM   421  N N   . HIS A 1 57  ? 7.343   -1.029  -4.167  1.00 59.87  ? 54  HIS A N   1 
ATOM   422  C CA  . HIS A 1 57  ? 8.279   -1.379  -5.232  1.00 55.54  ? 54  HIS A CA  1 
ATOM   423  C C   . HIS A 1 57  ? 7.678   -0.926  -6.556  1.00 67.46  ? 54  HIS A C   1 
ATOM   424  O O   . HIS A 1 57  ? 6.828   -1.609  -7.133  1.00 71.86  ? 54  HIS A O   1 
ATOM   425  C CB  . HIS A 1 57  ? 8.565   -2.876  -5.241  1.00 71.75  ? 54  HIS A CB  1 
ATOM   426  C CG  . HIS A 1 57  ? 9.151   -3.392  -3.964  1.00 85.42  ? 54  HIS A CG  1 
ATOM   427  N ND1 . HIS A 1 57  ? 10.411  -3.946  -3.897  1.00 88.40  ? 54  HIS A ND1 1 
ATOM   428  C CD2 . HIS A 1 57  ? 8.645   -3.454  -2.709  1.00 86.43  ? 54  HIS A CD2 1 
ATOM   429  C CE1 . HIS A 1 57  ? 10.661  -4.320  -2.655  1.00 98.06  ? 54  HIS A CE1 1 
ATOM   430  N NE2 . HIS A 1 57  ? 9.605   -4.033  -1.913  1.00 85.23  ? 54  HIS A NE2 1 
ATOM   431  N N   . LEU A 1 58  ? 8.123   0.228   -7.042  1.00 64.53  ? 55  LEU A N   1 
ATOM   432  C CA  . LEU A 1 58  ? 7.628   0.737   -8.307  1.00 63.37  ? 55  LEU A CA  1 
ATOM   433  C C   . LEU A 1 58  ? 8.304   0.022   -9.475  1.00 68.18  ? 55  LEU A C   1 
ATOM   434  O O   . LEU A 1 58  ? 9.244   -0.760  -9.304  1.00 72.08  ? 55  LEU A O   1 
ATOM   435  C CB  . LEU A 1 58  ? 7.851   2.245   -8.402  1.00 57.71  ? 55  LEU A CB  1 
ATOM   436  C CG  . LEU A 1 58  ? 7.416   3.091   -7.203  1.00 71.29  ? 55  LEU A CG  1 
ATOM   437  C CD1 . LEU A 1 58  ? 7.472   4.574   -7.542  1.00 63.33  ? 55  LEU A CD1 1 
ATOM   438  C CD2 . LEU A 1 58  ? 6.018   2.704   -6.742  1.00 66.31  ? 55  LEU A CD2 1 
ATOM   439  N N   . HIS A 1 59  ? 7.802   0.294   -10.677 1.00 65.00  ? 56  HIS A N   1 
ATOM   440  C CA  . HIS A 1 59  ? 8.396   -0.259  -11.887 1.00 65.66  ? 56  HIS A CA  1 
ATOM   441  C C   . HIS A 1 59  ? 9.822   0.255   -12.061 1.00 79.62  ? 56  HIS A C   1 
ATOM   442  O O   . HIS A 1 59  ? 10.167  1.356   -11.622 1.00 71.34  ? 56  HIS A O   1 
ATOM   443  C CB  . HIS A 1 59  ? 7.544   0.107   -13.106 1.00 73.98  ? 56  HIS A CB  1 
ATOM   444  C CG  . HIS A 1 59  ? 7.930   -0.618  -14.359 1.00 77.60  ? 56  HIS A CG  1 
ATOM   445  N ND1 . HIS A 1 59  ? 8.708   -0.043  -15.341 1.00 61.91  ? 56  HIS A ND1 1 
ATOM   446  C CD2 . HIS A 1 59  ? 7.639   -1.868  -14.794 1.00 75.40  ? 56  HIS A CD2 1 
ATOM   447  C CE1 . HIS A 1 59  ? 8.883   -0.907  -16.324 1.00 68.48  ? 56  HIS A CE1 1 
ATOM   448  N NE2 . HIS A 1 59  ? 8.244   -2.022  -16.019 1.00 77.81  ? 56  HIS A NE2 1 
ATOM   449  N N   . GLU A 1 60  ? 10.655  -0.559  -12.719 1.00 85.94  ? 57  GLU A N   1 
ATOM   450  C CA  . GLU A 1 60  ? 12.067  -0.225  -12.886 1.00 79.01  ? 57  GLU A CA  1 
ATOM   451  C C   . GLU A 1 60  ? 12.277  1.083   -13.635 1.00 73.32  ? 57  GLU A C   1 
ATOM   452  O O   . GLU A 1 60  ? 13.341  1.699   -13.504 1.00 82.10  ? 57  GLU A O   1 
ATOM   453  C CB  . GLU A 1 60  ? 12.793  -1.368  -13.607 1.00 86.52  ? 57  GLU A CB  1 
ATOM   454  C CG  . GLU A 1 60  ? 12.004  -1.994  -14.751 1.00 97.70  ? 57  GLU A CG  1 
ATOM   455  C CD  . GLU A 1 60  ? 12.830  -2.960  -15.586 1.00 109.17 ? 57  GLU A CD  1 
ATOM   456  O OE1 . GLU A 1 60  ? 14.017  -3.174  -15.258 1.00 98.75  ? 57  GLU A OE1 1 
ATOM   457  O OE2 . GLU A 1 60  ? 12.291  -3.511  -16.570 1.00 106.57 ? 57  GLU A OE2 1 
ATOM   458  N N   . SER A 1 61  ? 11.249  1.521   -14.335 1.00 79.53  ? 58  SER A N   1 
ATOM   459  C CA  . SER A 1 61  ? 11.376  2.734   -15.161 1.00 68.85  ? 58  SER A CA  1 
ATOM   460  C C   . SER A 1 61  ? 11.273  3.960   -14.291 1.00 72.38  ? 58  SER A C   1 
ATOM   461  O O   . SER A 1 61  ? 11.219  5.030   -14.841 1.00 75.59  ? 58  SER A O   1 
ATOM   462  C CB  . SER A 1 61  ? 10.307  2.767   -16.151 1.00 70.99  ? 58  SER A CB  1 
ATOM   463  O OG  . SER A 1 61  ? 9.117   3.170   -15.546 1.00 69.12  ? 58  SER A OG  1 
ATOM   464  N N   . PHE A 1 62  ? 11.205  3.776   -12.988 1.00 74.87  ? 59  PHE A N   1 
ATOM   465  C CA  . PHE A 1 62  ? 11.068  4.952   -12.114 1.00 70.55  ? 59  PHE A CA  1 
ATOM   466  C C   . PHE A 1 62  ? 12.380  5.151   -11.394 1.00 77.97  ? 59  PHE A C   1 
ATOM   467  O O   . PHE A 1 62  ? 13.102  4.217   -11.199 1.00 77.46  ? 59  PHE A O   1 
ATOM   468  C CB  . PHE A 1 62  ? 10.001  4.714   -11.059 1.00 73.14  ? 59  PHE A CB  1 
ATOM   469  C CG  . PHE A 1 62  ? 8.590   4.937   -11.514 1.00 74.20  ? 59  PHE A CG  1 
ATOM   470  C CD1 . PHE A 1 62  ? 8.062   6.200   -11.562 1.00 68.38  ? 59  PHE A CD1 1 
ATOM   471  C CD2 . PHE A 1 62  ? 7.777   3.886   -11.855 1.00 72.60  ? 59  PHE A CD2 1 
ATOM   472  C CE1 . PHE A 1 62  ? 6.764   6.411   -11.967 1.00 63.76  ? 59  PHE A CE1 1 
ATOM   473  C CE2 . PHE A 1 62  ? 6.477   4.101   -12.255 1.00 67.82  ? 59  PHE A CE2 1 
ATOM   474  C CZ  . PHE A 1 62  ? 5.976   5.362   -12.308 1.00 54.32  ? 59  PHE A CZ  1 
ATOM   475  N N   . PRO A 1 63  ? 12.768  6.390   -11.113 1.00 79.11  ? 60  PRO A N   1 
ATOM   476  C CA  . PRO A 1 63  ? 13.995  6.635   -10.413 1.00 77.30  ? 60  PRO A CA  1 
ATOM   477  C C   . PRO A 1 63  ? 13.768  6.227   -8.963  1.00 88.08  ? 60  PRO A C   1 
ATOM   478  O O   . PRO A 1 63  ? 12.710  6.495   -8.495  1.00 88.69  ? 60  PRO A O   1 
ATOM   479  C CB  . PRO A 1 63  ? 13.994  8.153   -10.412 1.00 85.50  ? 60  PRO A CB  1 
ATOM   480  C CG  . PRO A 1 63  ? 12.553  8.470   -10.331 1.00 78.18  ? 60  PRO A CG  1 
ATOM   481  C CD  . PRO A 1 63  ? 12.012  7.575   -11.402 1.00 78.22  ? 60  PRO A CD  1 
ATOM   482  N N   . ARG A 1 64  ? 14.773  5.646   -8.305  1.00 83.46  ? 61  ARG A N   1 
ATOM   483  C CA  . ARG A 1 64  ? 14.683  5.224   -6.883  1.00 90.21  ? 61  ARG A CA  1 
ATOM   484  C C   . ARG A 1 64  ? 13.392  4.443   -6.695  1.00 82.78  ? 61  ARG A C   1 
ATOM   485  O O   . ARG A 1 64  ? 12.574  4.858   -5.939  1.00 76.27  ? 61  ARG A O   1 
ATOM   486  C CB  . ARG A 1 64  ? 15.045  6.324   -5.874  1.00 98.77  ? 61  ARG A CB  1 
ATOM   487  C CG  . ARG A 1 64  ? 14.261  7.627   -5.925  1.00 99.16  ? 61  ARG A CG  1 
ATOM   488  C CD  . ARG A 1 64  ? 14.508  8.559   -4.759  1.00 98.76  ? 61  ARG A CD  1 
ATOM   489  N NE  . ARG A 1 64  ? 13.284  9.037   -4.139  1.00 106.59 ? 61  ARG A NE  1 
ATOM   490  C CZ  . ARG A 1 64  ? 12.445  9.875   -4.715  1.00 107.04 ? 61  ARG A CZ  1 
ATOM   491  N NH1 . ARG A 1 64  ? 11.362  10.273  -4.079  1.00 79.78  ? 61  ARG A NH1 1 
ATOM   492  N NH2 . ARG A 1 64  ? 12.698  10.315  -5.929  1.00 87.67  ? 61  ARG A NH2 1 
ATOM   493  N N   . PRO A 1 65  ? 13.172  3.393   -7.489  1.00 80.58  ? 62  PRO A N   1 
ATOM   494  C CA  . PRO A 1 65  ? 11.957  2.635   -7.481  1.00 76.38  ? 62  PRO A CA  1 
ATOM   495  C C   . PRO A 1 65  ? 11.535  2.000   -6.165  1.00 75.25  ? 62  PRO A C   1 
ATOM   496  O O   . PRO A 1 65  ? 10.417  1.702   -6.038  1.00 73.65  ? 62  PRO A O   1 
ATOM   497  C CB  . PRO A 1 65  ? 12.258  1.497   -8.441  1.00 70.89  ? 62  PRO A CB  1 
ATOM   498  C CG  . PRO A 1 65  ? 13.725  1.438   -8.478  1.00 65.34  ? 62  PRO A CG  1 
ATOM   499  C CD  . PRO A 1 65  ? 14.105  2.887   -8.447  1.00 83.46  ? 62  PRO A CD  1 
ATOM   500  N N   . LYS A 1 66  ? 12.453  1.754   -5.258  1.00 72.99  ? 63  LYS A N   1 
ATOM   501  C CA  . LYS A 1 66  ? 12.005  1.161   -3.988  1.00 64.19  ? 63  LYS A CA  1 
ATOM   502  C C   . LYS A 1 66  ? 11.759  2.266   -2.979  1.00 66.18  ? 63  LYS A C   1 
ATOM   503  O O   . LYS A 1 66  ? 12.702  2.702   -2.404  1.00 83.06  ? 63  LYS A O   1 
ATOM   504  C CB  . LYS A 1 66  ? 13.093  0.233   -3.484  1.00 67.21  ? 63  LYS A CB  1 
ATOM   505  C CG  . LYS A 1 66  ? 13.163  0.075   -1.985  1.00 76.17  ? 63  LYS A CG  1 
ATOM   506  C CD  . LYS A 1 66  ? 13.431  -1.349  -1.647  1.00 74.84  ? 63  LYS A CD  1 
ATOM   507  C CE  . LYS A 1 66  ? 14.475  -1.515  -0.577  1.00 77.32  ? 63  LYS A CE  1 
ATOM   508  N NZ  . LYS A 1 66  ? 14.917  -2.924  -0.513  1.00 84.62  ? 63  LYS A NZ  1 
ATOM   509  N N   . ARG A 1 67  ? 10.524  2.715   -2.845  1.00 60.96  ? 64  ARG A N   1 
ATOM   510  C CA  . ARG A 1 67  ? 10.129  3.760   -1.913  1.00 68.18  ? 64  ARG A CA  1 
ATOM   511  C C   . ARG A 1 67  ? 9.804   3.134   -0.564  1.00 74.92  ? 64  ARG A C   1 
ATOM   512  O O   . ARG A 1 67  ? 9.182   2.072   -0.496  1.00 75.08  ? 64  ARG A O   1 
ATOM   513  C CB  . ARG A 1 67  ? 8.917   4.530   -2.443  1.00 62.92  ? 64  ARG A CB  1 
ATOM   514  C CG  . ARG A 1 67  ? 9.059   5.001   -3.880  1.00 64.10  ? 64  ARG A CG  1 
ATOM   515  C CD  . ARG A 1 67  ? 10.139  6.057   -4.015  1.00 62.70  ? 64  ARG A CD  1 
ATOM   516  N NE  . ARG A 1 67  ? 10.334  6.454   -5.405  1.00 64.93  ? 64  ARG A NE  1 
ATOM   517  C CZ  . ARG A 1 67  ? 9.590   7.355   -6.034  1.00 75.11  ? 64  ARG A CZ  1 
ATOM   518  N NH1 . ARG A 1 67  ? 9.837   7.654   -7.303  1.00 78.62  ? 64  ARG A NH1 1 
ATOM   519  N NH2 . ARG A 1 67  ? 8.602   7.965   -5.392  1.00 71.74  ? 64  ARG A NH2 1 
ATOM   520  N N   . VAL A 1 68  ? 10.234  3.787   0.510   1.00 76.29  ? 65  VAL A N   1 
ATOM   521  C CA  . VAL A 1 68  ? 10.039  3.274   1.860   1.00 67.68  ? 65  VAL A CA  1 
ATOM   522  C C   . VAL A 1 68  ? 9.351   4.341   2.696   1.00 60.31  ? 65  VAL A C   1 
ATOM   523  O O   . VAL A 1 68  ? 9.655   5.533   2.570   1.00 77.78  ? 65  VAL A O   1 
ATOM   524  C CB  . VAL A 1 68  ? 11.374  2.845   2.508   1.00 52.55  ? 65  VAL A CB  1 
ATOM   525  C CG1 . VAL A 1 68  ? 11.142  2.267   3.899   1.00 70.41  ? 65  VAL A CG1 1 
ATOM   526  C CG2 . VAL A 1 68  ? 12.092  1.834   1.630   1.00 64.43  ? 65  VAL A CG2 1 
ATOM   527  N N   . CYS A 1 69  ? 8.415   3.916   3.542   1.00 69.47  ? 66  CYS A N   1 
ATOM   528  C CA  . CYS A 1 69  ? 7.743   4.797   4.490   1.00 80.96  ? 66  CYS A CA  1 
ATOM   529  C C   . CYS A 1 69  ? 7.829   4.151   5.865   1.00 85.34  ? 66  CYS A C   1 
ATOM   530  O O   . CYS A 1 69  ? 7.232   3.094   6.092   1.00 87.79  ? 66  CYS A O   1 
ATOM   531  C CB  . CYS A 1 69  ? 6.286   5.035   4.094   1.00 83.10  ? 66  CYS A CB  1 
ATOM   532  S SG  . CYS A 1 69  ? 6.057   5.692   2.431   1.00 83.85  ? 66  CYS A SG  1 
ATOM   533  N N   . LYS A 1 70  ? 8.578   4.773   6.771   1.00 77.47  ? 67  LYS A N   1 
ATOM   534  C CA  . LYS A 1 70  ? 8.645   4.301   8.147   1.00 71.99  ? 67  LYS A CA  1 
ATOM   535  C C   . LYS A 1 70  ? 7.558   4.902   9.024   1.00 76.22  ? 67  LYS A C   1 
ATOM   536  O O   . LYS A 1 70  ? 7.275   4.360   10.099  1.00 77.45  ? 67  LYS A O   1 
ATOM   537  C CB  . LYS A 1 70  ? 10.016  4.617   8.753   1.00 85.04  ? 67  LYS A CB  1 
ATOM   538  C CG  . LYS A 1 70  ? 11.182  4.014   7.993   1.00 88.04  ? 67  LYS A CG  1 
ATOM   539  C CD  . LYS A 1 70  ? 12.428  3.955   8.860   1.00 104.30 ? 67  LYS A CD  1 
ATOM   540  C CE  . LYS A 1 70  ? 13.014  2.554   8.882   1.00 116.60 ? 67  LYS A CE  1 
ATOM   541  N NZ  . LYS A 1 70  ? 13.853  2.292   7.681   1.00 102.41 ? 67  LYS A NZ  1 
ATOM   542  N N   . ASP A 1 71  ? 6.942   5.994   8.590   1.00 84.85  ? 68  ASP A N   1 
ATOM   543  C CA  . ASP A 1 71  ? 5.917   6.682   9.354   1.00 89.94  ? 68  ASP A CA  1 
ATOM   544  C C   . ASP A 1 71  ? 4.722   6.981   8.464   1.00 74.00  ? 68  ASP A C   1 
ATOM   545  O O   . ASP A 1 71  ? 4.871   7.146   7.248   1.00 71.04  ? 68  ASP A O   1 
ATOM   546  C CB  . ASP A 1 71  ? 6.453   7.994   9.949   1.00 89.05  ? 68  ASP A CB  1 
ATOM   547  C CG  . ASP A 1 71  ? 7.590   7.771   10.926  1.00 91.68  ? 68  ASP A CG  1 
ATOM   548  O OD1 . ASP A 1 71  ? 7.343   7.191   12.004  1.00 97.12  ? 68  ASP A OD1 1 
ATOM   549  O OD2 . ASP A 1 71  ? 8.731   8.175   10.616  1.00 83.75  ? 68  ASP A OD2 1 
ATOM   550  N N   . PRO A 1 72  ? 3.523   7.037   9.039   1.00 75.47  ? 69  PRO A N   1 
ATOM   551  C CA  . PRO A 1 72  ? 2.362   7.450   8.262   1.00 66.61  ? 69  PRO A CA  1 
ATOM   552  C C   . PRO A 1 72  ? 2.538   8.864   7.748   1.00 71.06  ? 69  PRO A C   1 
ATOM   553  O O   . PRO A 1 72  ? 3.257   9.679   8.355   1.00 90.86  ? 69  PRO A O   1 
ATOM   554  C CB  . PRO A 1 72  ? 1.211   7.355   9.271   1.00 63.72  ? 69  PRO A CB  1 
ATOM   555  C CG  . PRO A 1 72  ? 1.657   6.320   10.239  1.00 73.79  ? 69  PRO A CG  1 
ATOM   556  C CD  . PRO A 1 72  ? 3.145   6.490   10.354  1.00 80.33  ? 69  PRO A CD  1 
ATOM   557  N N   . PRO A 1 73  ? 1.894   9.206   6.621   1.00 72.69  ? 70  PRO A N   1 
ATOM   558  C CA  . PRO A 1 73  ? 1.058   8.289   5.838   1.00 82.49  ? 70  PRO A CA  1 
ATOM   559  C C   . PRO A 1 73  ? 1.882   7.365   4.945   1.00 83.65  ? 70  PRO A C   1 
ATOM   560  O O   . PRO A 1 73  ? 2.929   7.768   4.436   1.00 84.16  ? 70  PRO A O   1 
ATOM   561  C CB  . PRO A 1 73  ? 0.198   9.236   4.999   1.00 74.82  ? 70  PRO A CB  1 
ATOM   562  C CG  . PRO A 1 73  ? 1.051   10.438  4.820   1.00 71.37  ? 70  PRO A CG  1 
ATOM   563  C CD  . PRO A 1 73  ? 1.847   10.580  6.092   1.00 76.43  ? 70  PRO A CD  1 
ATOM   564  N N   . TYR A 1 74  ? 1.411   6.128   4.772   1.00 78.00  ? 71  TYR A N   1 
ATOM   565  C CA  . TYR A 1 74  ? 2.096   5.148   3.928   1.00 82.51  ? 71  TYR A CA  1 
ATOM   566  C C   . TYR A 1 74  ? 1.573   5.297   2.503   1.00 79.52  ? 71  TYR A C   1 
ATOM   567  O O   . TYR A 1 74  ? 0.749   4.519   2.017   1.00 76.08  ? 71  TYR A O   1 
ATOM   568  C CB  . TYR A 1 74  ? 1.895   3.737   4.466   1.00 73.13  ? 71  TYR A CB  1 
ATOM   569  C CG  . TYR A 1 74  ? 2.267   3.574   5.921   1.00 71.10  ? 71  TYR A CG  1 
ATOM   570  C CD1 . TYR A 1 74  ? 3.595   3.432   6.305   1.00 88.57  ? 71  TYR A CD1 1 
ATOM   571  C CD2 . TYR A 1 74  ? 1.294   3.546   6.909   1.00 59.44  ? 71  TYR A CD2 1 
ATOM   572  C CE1 . TYR A 1 74  ? 3.944   3.276   7.636   1.00 82.60  ? 71  TYR A CE1 1 
ATOM   573  C CE2 . TYR A 1 74  ? 1.633   3.390   8.245   1.00 68.07  ? 71  TYR A CE2 1 
ATOM   574  C CZ  . TYR A 1 74  ? 2.960   3.256   8.602   1.00 78.62  ? 71  TYR A CZ  1 
ATOM   575  O OH  . TYR A 1 74  ? 3.304   3.101   9.927   1.00 86.56  ? 71  TYR A OH  1 
ATOM   576  N N   . LYS A 1 75  ? 2.075   6.322   1.820   1.00 70.32  ? 72  LYS A N   1 
ATOM   577  C CA  . LYS A 1 75  ? 1.601   6.664   0.489   1.00 64.93  ? 72  LYS A CA  1 
ATOM   578  C C   . LYS A 1 75  ? 2.777   7.012   -0.411  1.00 66.23  ? 72  LYS A C   1 
ATOM   579  O O   . LYS A 1 75  ? 3.879   7.322   0.050   1.00 72.30  ? 72  LYS A O   1 
ATOM   580  C CB  . LYS A 1 75  ? 0.606   7.834   0.528   1.00 63.65  ? 72  LYS A CB  1 
ATOM   581  C CG  . LYS A 1 75  ? 1.205   9.161   0.982   1.00 75.86  ? 72  LYS A CG  1 
ATOM   582  C CD  . LYS A 1 75  ? 0.171   10.283  0.958   1.00 80.20  ? 72  LYS A CD  1 
ATOM   583  C CE  . LYS A 1 75  ? -1.104  9.897   1.701   1.00 97.74  ? 72  LYS A CE  1 
ATOM   584  N NZ  . LYS A 1 75  ? -2.006  11.063  1.921   1.00 87.76  ? 72  LYS A NZ  1 
ATOM   585  N N   . VAL A 1 76  ? 2.522   6.945   -1.715  1.00 60.93  ? 73  VAL A N   1 
ATOM   586  C CA  . VAL A 1 76  ? 3.474   7.349   -2.743  1.00 56.89  ? 73  VAL A CA  1 
ATOM   587  C C   . VAL A 1 76  ? 2.708   8.113   -3.814  1.00 67.28  ? 73  VAL A C   1 
ATOM   588  O O   . VAL A 1 76  ? 1.761   7.579   -4.406  1.00 73.02  ? 73  VAL A O   1 
ATOM   589  C CB  . VAL A 1 76  ? 4.217   6.157   -3.370  1.00 53.41  ? 73  VAL A CB  1 
ATOM   590  C CG1 . VAL A 1 76  ? 4.934   6.597   -4.635  1.00 60.21  ? 73  VAL A CG1 1 
ATOM   591  C CG2 . VAL A 1 76  ? 5.210   5.572   -2.383  1.00 55.49  ? 73  VAL A CG2 1 
ATOM   592  N N   . GLU A 1 77  ? 3.096   9.365   -4.038  1.00 61.76  ? 74  GLU A N   1 
ATOM   593  C CA  . GLU A 1 77  ? 2.570   10.185  -5.117  1.00 61.60  ? 74  GLU A CA  1 
ATOM   594  C C   . GLU A 1 77  ? 3.572   10.202  -6.263  1.00 71.53  ? 74  GLU A C   1 
ATOM   595  O O   . GLU A 1 77  ? 4.782   10.305  -6.035  1.00 72.16  ? 74  GLU A O   1 
ATOM   596  C CB  . GLU A 1 77  ? 2.310   11.617  -4.642  1.00 57.83  ? 74  GLU A CB  1 
ATOM   597  C CG  . GLU A 1 77  ? 0.888   11.896  -4.193  1.00 77.11  ? 74  GLU A CG  1 
ATOM   598  C CD  . GLU A 1 77  ? 0.791   13.129  -3.314  1.00 102.80 ? 74  GLU A CD  1 
ATOM   599  O OE1 . GLU A 1 77  ? 1.648   13.296  -2.419  1.00 91.13  ? 74  GLU A OE1 1 
ATOM   600  O OE2 . GLU A 1 77  ? -0.144  13.932  -3.518  1.00 106.21 ? 74  GLU A OE2 1 
ATOM   601  N N   . GLU A 1 78  ? 3.071   10.107  -7.493  1.00 78.93  ? 75  GLU A N   1 
ATOM   602  C CA  . GLU A 1 78  ? 3.955   10.141  -8.651  1.00 74.85  ? 75  GLU A CA  1 
ATOM   603  C C   . GLU A 1 78  ? 3.136   10.477  -9.891  1.00 67.10  ? 75  GLU A C   1 
ATOM   604  O O   . GLU A 1 78  ? 1.903   10.523  -9.857  1.00 62.47  ? 75  GLU A O   1 
ATOM   605  C CB  . GLU A 1 78  ? 4.705   8.813   -8.814  1.00 71.68  ? 75  GLU A CB  1 
ATOM   606  C CG  . GLU A 1 78  ? 5.982   8.899   -9.646  1.00 77.70  ? 75  GLU A CG  1 
ATOM   607  C CD  . GLU A 1 78  ? 7.155   9.461   -8.865  1.00 86.07  ? 75  GLU A CD  1 
ATOM   608  O OE1 . GLU A 1 78  ? 7.651   8.771   -7.950  1.00 86.85  ? 75  GLU A OE1 1 
ATOM   609  O OE2 . GLU A 1 78  ? 7.584   10.594  -9.163  1.00 99.23  ? 75  GLU A OE2 1 
ATOM   610  N N   . SER A 1 79  ? 3.790   10.805  -10.994 1.00 77.90  ? 76  SER A N   1 
ATOM   611  C CA  . SER A 1 79  ? 3.138   11.074  -12.294 1.00 68.32  ? 76  SER A CA  1 
ATOM   612  C C   . SER A 1 79  ? 3.636   9.991   -13.237 1.00 73.01  ? 76  SER A C   1 
ATOM   613  O O   . SER A 1 79  ? 4.782   9.632   -13.127 1.00 67.32  ? 76  SER A O   1 
ATOM   614  C CB  . SER A 1 79  ? 3.500   12.423  -12.784 1.00 77.96  ? 76  SER A CB  1 
ATOM   615  O OG  . SER A 1 79  ? 2.809   13.426  -12.061 1.00 83.75  ? 76  SER A OG  1 
ATOM   616  N N   . GLY A 1 80  ? 2.800   9.515   -14.147 1.00 72.44  ? 77  GLY A N   1 
ATOM   617  C CA  . GLY A 1 80  ? 3.225   8.384   -14.984 1.00 70.50  ? 77  GLY A CA  1 
ATOM   618  C C   . GLY A 1 80  ? 2.444   8.262   -16.260 1.00 64.63  ? 77  GLY A C   1 
ATOM   619  O O   . GLY A 1 80  ? 1.608   9.078   -16.486 1.00 65.89  ? 77  GLY A O   1 
ATOM   620  N N   . TYR A 1 81  ? 2.793   7.293   -17.095 1.00 68.16  ? 78  TYR A N   1 
ATOM   621  C CA  . TYR A 1 81  ? 2.100   7.115   -18.384 1.00 67.49  ? 78  TYR A CA  1 
ATOM   622  C C   . TYR A 1 81  ? 1.454   5.747   -18.565 1.00 63.46  ? 78  TYR A C   1 
ATOM   623  O O   . TYR A 1 81  ? 0.789   5.614   -19.556 1.00 63.77  ? 78  TYR A O   1 
ATOM   624  C CB  . TYR A 1 81  ? 3.105   7.258   -19.508 1.00 52.61  ? 78  TYR A CB  1 
ATOM   625  C CG  . TYR A 1 81  ? 4.246   6.291   -19.463 1.00 63.43  ? 78  TYR A CG  1 
ATOM   626  C CD1 . TYR A 1 81  ? 5.398   6.576   -18.777 1.00 62.58  ? 78  TYR A CD1 1 
ATOM   627  C CD2 . TYR A 1 81  ? 4.196   5.112   -20.159 1.00 61.53  ? 78  TYR A CD2 1 
ATOM   628  C CE1 . TYR A 1 81  ? 6.463   5.702   -18.761 1.00 56.02  ? 78  TYR A CE1 1 
ATOM   629  C CE2 . TYR A 1 81  ? 5.247   4.224   -20.156 1.00 65.84  ? 78  TYR A CE2 1 
ATOM   630  C CZ  . TYR A 1 81  ? 6.389   4.528   -19.464 1.00 74.35  ? 78  TYR A CZ  1 
ATOM   631  O OH  . TYR A 1 81  ? 7.418   3.650   -19.450 1.00 65.78  ? 78  TYR A OH  1 
ATOM   632  N N   . ALA A 1 82  ? 1.646   4.780   -17.679 1.00 66.46  ? 79  ALA A N   1 
ATOM   633  C CA  . ALA A 1 82  ? 1.001   3.465   -17.879 1.00 65.67  ? 79  ALA A CA  1 
ATOM   634  C C   . ALA A 1 82  ? 0.859   2.736   -16.558 1.00 62.18  ? 79  ALA A C   1 
ATOM   635  O O   . ALA A 1 82  ? 1.527   3.097   -15.652 1.00 65.58  ? 79  ALA A O   1 
ATOM   636  C CB  . ALA A 1 82  ? 1.798   2.648   -18.830 1.00 58.30  ? 79  ALA A CB  1 
ATOM   637  N N   . GLY A 1 83  ? -0.051  1.785   -16.478 1.00 54.10  ? 80  GLY A N   1 
ATOM   638  C CA  . GLY A 1 83  ? -0.232  1.015   -15.265 1.00 51.63  ? 80  GLY A CA  1 
ATOM   639  C C   . GLY A 1 83  ? 0.824   -0.066  -15.103 1.00 68.17  ? 80  GLY A C   1 
ATOM   640  O O   . GLY A 1 83  ? 1.619   -0.333  -16.005 1.00 68.35  ? 80  GLY A O   1 
ATOM   641  N N   . PHE A 1 84  ? 0.829   -0.691  -13.928 1.00 62.99  ? 81  PHE A N   1 
ATOM   642  C CA  . PHE A 1 84  ? 1.799   -1.744  -13.641 1.00 60.13  ? 81  PHE A CA  1 
ATOM   643  C C   . PHE A 1 84  ? 1.423   -2.447  -12.343 1.00 68.00  ? 81  PHE A C   1 
ATOM   644  O O   . PHE A 1 84  ? 0.542   -2.004  -11.596 1.00 74.80  ? 81  PHE A O   1 
ATOM   645  C CB  . PHE A 1 84  ? 3.231   -1.194  -13.564 1.00 70.79  ? 81  PHE A CB  1 
ATOM   646  C CG  . PHE A 1 84  ? 3.426   -0.128  -12.518 1.00 64.42  ? 81  PHE A CG  1 
ATOM   647  C CD1 . PHE A 1 84  ? 3.074   1.188   -12.773 1.00 60.55  ? 81  PHE A CD1 1 
ATOM   648  C CD2 . PHE A 1 84  ? 3.980   -0.441  -11.287 1.00 76.24  ? 81  PHE A CD2 1 
ATOM   649  C CE1 . PHE A 1 84  ? 3.257   2.168   -11.814 1.00 66.29  ? 81  PHE A CE1 1 
ATOM   650  C CE2 . PHE A 1 84  ? 4.167   0.536   -10.323 1.00 70.74  ? 81  PHE A CE2 1 
ATOM   651  C CZ  . PHE A 1 84  ? 3.805   1.843   -10.588 1.00 61.05  ? 81  PHE A CZ  1 
ATOM   652  N N   . ILE A 1 85  ? 2.109   -3.559  -12.090 1.00 60.33  ? 82  ILE A N   1 
ATOM   653  C CA  . ILE A 1 85  ? 1.985   -4.289  -10.835 1.00 64.66  ? 82  ILE A CA  1 
ATOM   654  C C   . ILE A 1 85  ? 2.969   -3.698  -9.836  1.00 61.48  ? 82  ILE A C   1 
ATOM   655  O O   . ILE A 1 85  ? 4.177   -3.651  -10.089 1.00 67.29  ? 82  ILE A O   1 
ATOM   656  C CB  . ILE A 1 85  ? 2.241   -5.791  -11.029 1.00 65.17  ? 82  ILE A CB  1 
ATOM   657  C CG1 . ILE A 1 85  ? 1.238   -6.389  -12.018 1.00 49.46  ? 82  ILE A CG1 1 
ATOM   658  C CG2 . ILE A 1 85  ? 2.178   -6.516  -9.689  1.00 48.38  ? 82  ILE A CG2 1 
ATOM   659  C CD1 . ILE A 1 85  ? -0.183  -6.360  -11.531 1.00 39.31  ? 82  ILE A CD1 1 
ATOM   660  N N   . LEU A 1 86  ? 2.453   -3.259  -8.696  1.00 58.89  ? 83  LEU A N   1 
ATOM   661  C CA  . LEU A 1 86  ? 3.247   -2.639  -7.644  1.00 59.15  ? 83  LEU A CA  1 
ATOM   662  C C   . LEU A 1 86  ? 3.304   -3.597  -6.464  1.00 61.91  ? 83  LEU A C   1 
ATOM   663  O O   . LEU A 1 86  ? 2.293   -3.786  -5.769  1.00 61.79  ? 83  LEU A O   1 
ATOM   664  C CB  . LEU A 1 86  ? 2.622   -1.302  -7.234  1.00 48.38  ? 83  LEU A CB  1 
ATOM   665  C CG  . LEU A 1 86  ? 3.502   -0.217  -6.625  1.00 61.11  ? 83  LEU A CG  1 
ATOM   666  C CD1 . LEU A 1 86  ? 2.774   1.109   -6.694  1.00 63.96  ? 83  LEU A CD1 1 
ATOM   667  C CD2 . LEU A 1 86  ? 3.866   -0.544  -5.189  1.00 66.07  ? 83  LEU A CD2 1 
ATOM   668  N N   . PRO A 1 87  ? 4.422   -4.282  -6.239  1.00 64.01  ? 84  PRO A N   1 
ATOM   669  C CA  . PRO A 1 87  ? 4.546   -5.097  -5.024  1.00 59.62  ? 84  PRO A CA  1 
ATOM   670  C C   . PRO A 1 87  ? 4.680   -4.210  -3.794  1.00 68.31  ? 84  PRO A C   1 
ATOM   671  O O   . PRO A 1 87  ? 5.548   -3.337  -3.731  1.00 69.61  ? 84  PRO A O   1 
ATOM   672  C CB  . PRO A 1 87  ? 5.814   -5.922  -5.275  1.00 63.87  ? 84  PRO A CB  1 
ATOM   673  C CG  . PRO A 1 87  ? 5.960   -5.958  -6.755  1.00 51.53  ? 84  PRO A CG  1 
ATOM   674  C CD  . PRO A 1 87  ? 5.448   -4.626  -7.238  1.00 62.22  ? 84  PRO A CD  1 
ATOM   675  N N   . ILE A 1 88  ? 3.809   -4.442  -2.817  1.00 65.86  ? 85  ILE A N   1 
ATOM   676  C CA  . ILE A 1 88  ? 3.778   -3.696  -1.567  1.00 61.73  ? 85  ILE A CA  1 
ATOM   677  C C   . ILE A 1 88  ? 4.106   -4.670  -0.446  1.00 69.20  ? 85  ILE A C   1 
ATOM   678  O O   . ILE A 1 88  ? 3.402   -5.671  -0.260  1.00 61.16  ? 85  ILE A O   1 
ATOM   679  C CB  . ILE A 1 88  ? 2.409   -3.042  -1.327  1.00 58.83  ? 85  ILE A CB  1 
ATOM   680  C CG1 . ILE A 1 88  ? 2.081   -2.052  -2.442  1.00 64.55  ? 85  ILE A CG1 1 
ATOM   681  C CG2 . ILE A 1 88  ? 2.381   -2.349  0.026   1.00 56.59  ? 85  ILE A CG2 1 
ATOM   682  C CD1 . ILE A 1 88  ? 0.667   -1.523  -2.383  1.00 58.23  ? 85  ILE A CD1 1 
ATOM   683  N N   . GLU A 1 89  ? 5.170   -4.383  0.295   1.00 64.88  ? 86  GLU A N   1 
ATOM   684  C CA  . GLU A 1 89  ? 5.545   -5.165  1.462   1.00 61.47  ? 86  GLU A CA  1 
ATOM   685  C C   . GLU A 1 89  ? 5.203   -4.376  2.715   1.00 69.26  ? 86  GLU A C   1 
ATOM   686  O O   . GLU A 1 89  ? 5.632   -3.226  2.867   1.00 69.44  ? 86  GLU A O   1 
ATOM   687  C CB  . GLU A 1 89  ? 7.033   -5.516  1.442   1.00 65.79  ? 86  GLU A CB  1 
ATOM   688  C CG  . GLU A 1 89  ? 7.368   -6.747  0.620   1.00 60.94  ? 86  GLU A CG  1 
ATOM   689  C CD  . GLU A 1 89  ? 8.845   -6.850  0.299   1.00 74.06  ? 86  GLU A CD  1 
ATOM   690  O OE1 . GLU A 1 89  ? 9.536   -5.808  0.317   1.00 78.87  ? 86  GLU A OE1 1 
ATOM   691  O OE2 . GLU A 1 89  ? 9.319   -7.975  0.033   1.00 74.89  ? 86  GLU A OE2 1 
ATOM   692  N N   . VAL A 1 90  ? 4.422   -4.985  3.600   1.00 61.18  ? 87  VAL A N   1 
ATOM   693  C CA  . VAL A 1 90  ? 4.084   -4.396  4.888   1.00 64.56  ? 87  VAL A CA  1 
ATOM   694  C C   . VAL A 1 90  ? 4.870   -5.150  5.948   1.00 71.97  ? 87  VAL A C   1 
ATOM   695  O O   . VAL A 1 90  ? 4.661   -6.353  6.147   1.00 63.93  ? 87  VAL A O   1 
ATOM   696  C CB  . VAL A 1 90  ? 2.579   -4.446  5.169   1.00 62.69  ? 87  VAL A CB  1 
ATOM   697  C CG1 . VAL A 1 90  ? 2.268   -3.732  6.470   1.00 55.96  ? 87  VAL A CG1 1 
ATOM   698  C CG2 . VAL A 1 90  ? 1.817   -3.807  4.027   1.00 68.94  ? 87  VAL A CG2 1 
ATOM   699  N N   . TYR A 1 91  ? 5.783   -4.446  6.613   1.00 72.23  ? 88  TYR A N   1 
ATOM   700  C CA  . TYR A 1 91  ? 6.626   -5.014  7.655   1.00 75.54  ? 88  TYR A CA  1 
ATOM   701  C C   . TYR A 1 91  ? 6.009   -4.725  9.015   1.00 78.31  ? 88  TYR A C   1 
ATOM   702  O O   . TYR A 1 91  ? 5.715   -3.569  9.331   1.00 68.03  ? 88  TYR A O   1 
ATOM   703  C CB  . TYR A 1 91  ? 8.039   -4.428  7.588   1.00 86.90  ? 88  TYR A CB  1 
ATOM   704  C CG  . TYR A 1 91  ? 8.884   -4.963  6.457   1.00 77.93  ? 88  TYR A CG  1 
ATOM   705  C CD1 . TYR A 1 91  ? 8.901   -4.337  5.219   1.00 78.64  ? 88  TYR A CD1 1 
ATOM   706  C CD2 . TYR A 1 91  ? 9.681   -6.085  6.634   1.00 84.83  ? 88  TYR A CD2 1 
ATOM   707  C CE1 . TYR A 1 91  ? 9.677   -4.823  4.183   1.00 83.49  ? 88  TYR A CE1 1 
ATOM   708  C CE2 . TYR A 1 91  ? 10.461  -6.577  5.608   1.00 86.40  ? 88  TYR A CE2 1 
ATOM   709  C CZ  . TYR A 1 91  ? 10.456  -5.944  4.384   1.00 78.43  ? 88  TYR A CZ  1 
ATOM   710  O OH  . TYR A 1 91  ? 11.234  -6.438  3.363   1.00 84.20  ? 88  TYR A OH  1 
ATOM   711  N N   . PHE A 1 92  ? 5.822   -5.766  9.819   1.00 84.59  ? 89  PHE A N   1 
ATOM   712  C CA  . PHE A 1 92  ? 5.284   -5.568  11.154  1.00 82.52  ? 89  PHE A CA  1 
ATOM   713  C C   . PHE A 1 92  ? 6.399   -5.369  12.174  1.00 80.89  ? 89  PHE A C   1 
ATOM   714  O O   . PHE A 1 92  ? 7.543   -5.784  11.973  1.00 86.35  ? 89  PHE A O   1 
ATOM   715  C CB  . PHE A 1 92  ? 4.405   -6.744  11.592  1.00 82.50  ? 89  PHE A CB  1 
ATOM   716  C CG  . PHE A 1 92  ? 3.578   -7.337  10.492  1.00 82.79  ? 89  PHE A CG  1 
ATOM   717  C CD1 . PHE A 1 92  ? 2.503   -6.640  9.963   1.00 74.15  ? 89  PHE A CD1 1 
ATOM   718  C CD2 . PHE A 1 92  ? 3.849   -8.607  10.011  1.00 77.77  ? 89  PHE A CD2 1 
ATOM   719  C CE1 . PHE A 1 92  ? 1.732   -7.188  8.957   1.00 79.46  ? 89  PHE A CE1 1 
ATOM   720  C CE2 . PHE A 1 92  ? 3.080   -9.160  9.005   1.00 75.27  ? 89  PHE A CE2 1 
ATOM   721  C CZ  . PHE A 1 92  ? 2.020   -8.450  8.479   1.00 79.68  ? 89  PHE A CZ  1 
ATOM   722  N N   . LYS A 1 93  ? 6.005   -4.852  13.323  1.00 68.93  ? 90  LYS A N   1 
ATOM   723  C CA  . LYS A 1 93  ? 6.952   -4.733  14.439  1.00 69.98  ? 90  LYS A CA  1 
ATOM   724  C C   . LYS A 1 93  ? 6.897   -6.070  15.150  1.00 73.57  ? 90  LYS A C   1 
ATOM   725  O O   . LYS A 1 93  ? 6.523   -6.100  16.283  1.00 72.12  ? 90  LYS A O   1 
ATOM   726  C CB  . LYS A 1 93  ? 6.482   -3.627  15.365  1.00 65.00  ? 90  LYS A CB  1 
ATOM   727  C CG  . LYS A 1 93  ? 6.804   -2.241  14.861  1.00 64.19  ? 90  LYS A CG  1 
ATOM   728  C CD  . LYS A 1 93  ? 6.003   -1.188  15.513  1.00 69.32  ? 90  LYS A CD  1 
ATOM   729  C CE  . LYS A 1 93  ? 6.486   0.178   15.108  1.00 73.38  ? 90  LYS A CE  1 
ATOM   730  N NZ  . LYS A 1 93  ? 5.576   1.226   15.605  1.00 82.69  ? 90  LYS A NZ  1 
ATOM   731  N N   . ASN A 1 94  ? 7.261   -7.124  14.446  1.00 83.03  ? 91  ASN A N   1 
ATOM   732  C CA  . ASN A 1 94  ? 7.194   -8.510  14.946  1.00 73.12  ? 91  ASN A CA  1 
ATOM   733  C C   . ASN A 1 94  ? 8.595   -9.077  14.933  1.00 85.79  ? 91  ASN A C   1 
ATOM   734  O O   . ASN A 1 94  ? 9.303   -8.792  14.006  1.00 117.16 ? 91  ASN A O   1 
ATOM   735  C CB  . ASN A 1 94  ? 6.589   -9.366  13.847  1.00 88.70  ? 91  ASN A CB  1 
ATOM   736  C CG  . ASN A 1 94  ? 5.692   -10.461 14.354  1.00 101.14 ? 91  ASN A CG  1 
ATOM   737  O OD1 . ASN A 1 94  ? 5.034   -10.312 15.377  1.00 105.95 ? 91  ASN A OD1 1 
ATOM   738  N ND2 . ASN A 1 94  ? 5.622   -11.542 13.608  1.00 94.48  ? 91  ASN A ND2 1 
ATOM   739  N N   . LYS A 1 95  ? 8.973   -9.882  15.909  1.00 91.31  ? 92  LYS A N   1 
ATOM   740  C CA  . LYS A 1 95  ? 10.331  -10.459 15.817  1.00 105.03 ? 92  LYS A CA  1 
ATOM   741  C C   . LYS A 1 95  ? 10.175  -11.940 15.516  1.00 88.57  ? 92  LYS A C   1 
ATOM   742  O O   . LYS A 1 95  ? 11.151  -12.651 15.538  1.00 79.59  ? 92  LYS A O   1 
ATOM   743  C CB  . LYS A 1 95  ? 11.128  -10.230 17.099  1.00 105.57 ? 92  LYS A CB  1 
ATOM   744  C CG  . LYS A 1 95  ? 12.615  -10.532 16.973  1.00 104.75 ? 92  LYS A CG  1 
ATOM   745  C CD  . LYS A 1 95  ? 13.324  -9.599  16.015  1.00 114.37 ? 92  LYS A CD  1 
ATOM   746  C CE  . LYS A 1 95  ? 14.573  -10.187 15.401  1.00 107.10 ? 92  LYS A CE  1 
ATOM   747  N NZ  . LYS A 1 95  ? 15.225  -9.228  14.485  1.00 98.31  ? 92  LYS A NZ  1 
ATOM   748  N N   . GLU A 1 96  ? 8.954   -12.351 15.232  1.00 100.73 ? 93  GLU A N   1 
ATOM   749  C CA  . GLU A 1 96  ? 8.681   -13.772 14.940  1.00 117.85 ? 93  GLU A CA  1 
ATOM   750  C C   . GLU A 1 96  ? 8.155   -13.906 13.519  1.00 110.70 ? 93  GLU A C   1 
ATOM   751  O O   . GLU A 1 96  ? 7.722   -12.921 12.973  1.00 98.84  ? 93  GLU A O   1 
ATOM   752  C CB  . GLU A 1 96  ? 7.553   -14.252 15.845  1.00 117.71 ? 93  GLU A CB  1 
ATOM   753  C CG  . GLU A 1 96  ? 8.045   -15.016 17.052  1.00 128.90 ? 93  GLU A CG  1 
ATOM   754  C CD  . GLU A 1 96  ? 8.689   -16.341 16.700  1.00 128.25 ? 93  GLU A CD  1 
ATOM   755  O OE1 . GLU A 1 96  ? 8.627   -16.728 15.515  1.00 122.51 ? 93  GLU A OE1 1 
ATOM   756  O OE2 . GLU A 1 96  ? 9.257   -16.975 17.610  1.00 117.33 ? 93  GLU A OE2 1 
ATOM   757  N N   . GLU A 1 97  ? 8.177   -15.105 12.961  1.00 106.33 ? 94  GLU A N   1 
ATOM   758  C CA  . GLU A 1 97  ? 7.628   -15.272 11.603  1.00 92.15  ? 94  GLU A CA  1 
ATOM   759  C C   . GLU A 1 97  ? 6.141   -14.980 11.701  1.00 105.90 ? 94  GLU A C   1 
ATOM   760  O O   . GLU A 1 97  ? 5.526   -15.501 12.600  1.00 114.80 ? 94  GLU A O   1 
ATOM   761  C CB  . GLU A 1 97  ? 7.778   -16.729 11.198  1.00 97.68  ? 94  GLU A CB  1 
ATOM   762  C CG  . GLU A 1 97  ? 7.487   -16.964 9.738   1.00 120.47 ? 94  GLU A CG  1 
ATOM   763  C CD  . GLU A 1 97  ? 8.358   -16.129 8.827   1.00 130.57 ? 94  GLU A CD  1 
ATOM   764  O OE1 . GLU A 1 97  ? 9.511   -15.875 9.190   1.00 118.70 ? 94  GLU A OE1 1 
ATOM   765  O OE2 . GLU A 1 97  ? 7.858   -15.696 7.786   1.00 131.36 ? 94  GLU A OE2 1 
ATOM   766  N N   . PRO A 1 98  ? 5.517   -14.210 10.801  1.00 107.88 ? 95  PRO A N   1 
ATOM   767  C CA  . PRO A 1 98  ? 6.169   -13.676 9.633   1.00 99.45  ? 95  PRO A CA  1 
ATOM   768  C C   . PRO A 1 98  ? 6.392   -12.185 9.856   1.00 99.16  ? 95  PRO A C   1 
ATOM   769  O O   . PRO A 1 98  ? 5.560   -11.593 10.446  1.00 107.08 ? 95  PRO A O   1 
ATOM   770  C CB  . PRO A 1 98  ? 5.012   -13.891 8.678   1.00 96.64  ? 95  PRO A CB  1 
ATOM   771  C CG  . PRO A 1 98  ? 3.833   -13.414 9.462   1.00 90.05  ? 95  PRO A CG  1 
ATOM   772  C CD  . PRO A 1 98  ? 4.126   -13.833 10.878  1.00 86.15  ? 95  PRO A CD  1 
ATOM   773  N N   . ARG A 1 99  ? 7.522   -11.646 9.412   1.00 94.56  ? 96  ARG A N   1 
ATOM   774  C CA  . ARG A 1 99  ? 7.774   -10.203 9.642   1.00 101.33 ? 96  ARG A CA  1 
ATOM   775  C C   . ARG A 1 99  ? 6.946   -9.295  8.748   1.00 87.12  ? 96  ARG A C   1 
ATOM   776  O O   . ARG A 1 99  ? 6.601   -8.216  9.198   1.00 88.27  ? 96  ARG A O   1 
ATOM   777  C CB  . ARG A 1 99  ? 9.249   -9.820  9.617   1.00 103.22 ? 96  ARG A CB  1 
ATOM   778  C CG  . ARG A 1 99  ? 9.506   -8.460  10.252  1.00 103.45 ? 96  ARG A CG  1 
ATOM   779  C CD  . ARG A 1 99  ? 10.778  -8.451  11.060  1.00 102.30 ? 96  ARG A CD  1 
ATOM   780  N NE  . ARG A 1 99  ? 11.023  -9.793  11.554  1.00 135.79 ? 96  ARG A NE  1 
ATOM   781  C CZ  . ARG A 1 99  ? 12.211  -10.245 11.917  1.00 122.07 ? 96  ARG A CZ  1 
ATOM   782  N NH1 . ARG A 1 99  ? 13.265  -9.452  11.859  1.00 117.46 ? 96  ARG A NH1 1 
ATOM   783  N NH2 . ARG A 1 99  ? 12.350  -11.488 12.330  1.00 113.87 ? 96  ARG A NH2 1 
ATOM   784  N N   . LYS A 1 100 ? 6.736   -9.682  7.501   1.00 81.36  ? 97  LYS A N   1 
ATOM   785  C CA  . LYS A 1 100 ? 5.982   -8.801  6.591   1.00 77.40  ? 97  LYS A CA  1 
ATOM   786  C C   . LYS A 1 100 ? 5.010   -9.614  5.760   1.00 76.43  ? 97  LYS A C   1 
ATOM   787  O O   . LYS A 1 100 ? 5.073   -10.814 5.801   1.00 70.82  ? 97  LYS A O   1 
ATOM   788  C CB  . LYS A 1 100 ? 6.948   -8.271  5.546   1.00 69.17  ? 97  LYS A CB  1 
ATOM   789  C CG  . LYS A 1 100 ? 7.575   -9.376  4.725   1.00 58.87  ? 97  LYS A CG  1 
ATOM   790  C CD  . LYS A 1 100 ? 8.729   -8.941  3.896   1.00 76.97  ? 97  LYS A CD  1 
ATOM   791  C CE  . LYS A 1 100 ? 9.224   -10.051 2.998   1.00 82.26  ? 97  LYS A CE  1 
ATOM   792  N NZ  . LYS A 1 100 ? 10.420  -9.662  2.217   1.00 68.67  ? 97  LYS A NZ  1 
ATOM   793  N N   . VAL A 1 101 ? 4.175   -8.923  5.000   1.00 76.46  ? 98  VAL A N   1 
ATOM   794  C CA  . VAL A 1 101 ? 3.192   -9.561  4.093   1.00 66.59  ? 98  VAL A CA  1 
ATOM   795  C C   . VAL A 1 101 ? 3.337   -8.867  2.755   1.00 63.55  ? 98  VAL A C   1 
ATOM   796  O O   . VAL A 1 101 ? 3.515   -7.693  2.763   1.00 65.91  ? 98  VAL A O   1 
ATOM   797  C CB  . VAL A 1 101 ? 1.790   -9.330  4.641   1.00 61.83  ? 98  VAL A CB  1 
ATOM   798  C CG1 . VAL A 1 101 ? 1.396   -7.897  4.463   1.00 60.30  ? 98  VAL A CG1 1 
ATOM   799  C CG2 . VAL A 1 101 ? 0.797   -10.226 3.963   1.00 58.79  ? 98  VAL A CG2 1 
ATOM   800  N N   . ARG A 1 102 ? 3.185   -9.598  1.666   1.00 66.32  ? 99  ARG A N   1 
ATOM   801  C CA  . ARG A 1 102 ? 3.339   -9.068  0.317   1.00 68.87  ? 99  ARG A CA  1 
ATOM   802  C C   . ARG A 1 102 ? 1.989   -8.995  -0.387  1.00 70.82  ? 99  ARG A C   1 
ATOM   803  O O   . ARG A 1 102 ? 1.174   -9.919  -0.288  1.00 74.69  ? 99  ARG A O   1 
ATOM   804  C CB  . ARG A 1 102 ? 4.307   -9.930  -0.501  1.00 73.99  ? 99  ARG A CB  1 
ATOM   805  C CG  . ARG A 1 102 ? 4.709   -9.324  -1.836  1.00 85.88  ? 99  ARG A CG  1 
ATOM   806  C CD  . ARG A 1 102 ? 5.400   -10.351 -2.723  1.00 94.81  ? 99  ARG A CD  1 
ATOM   807  N NE  . ARG A 1 102 ? 6.125   -9.729  -3.828  1.00 83.99  ? 99  ARG A NE  1 
ATOM   808  C CZ  . ARG A 1 102 ? 7.394   -9.335  -3.767  1.00 101.65 ? 99  ARG A CZ  1 
ATOM   809  N NH1 . ARG A 1 102 ? 8.092   -9.499  -2.650  1.00 108.98 ? 99  ARG A NH1 1 
ATOM   810  N NH2 . ARG A 1 102 ? 7.967   -8.779  -4.827  1.00 96.45  ? 99  ARG A NH2 1 
ATOM   811  N N   . PHE A 1 103 ? 1.760   -7.890  -1.097  1.00 64.35  ? 100 PHE A N   1 
ATOM   812  C CA  . PHE A 1 103 ? 0.556   -7.684  -1.897  1.00 61.10  ? 100 PHE A CA  1 
ATOM   813  C C   . PHE A 1 103 ? 0.967   -7.206  -3.280  1.00 64.06  ? 100 PHE A C   1 
ATOM   814  O O   . PHE A 1 103 ? 1.643   -6.182  -3.404  1.00 71.22  ? 100 PHE A O   1 
ATOM   815  C CB  . PHE A 1 103 ? -0.379  -6.648  -1.265  1.00 57.12  ? 100 PHE A CB  1 
ATOM   816  C CG  . PHE A 1 103 ? -0.910  -7.033  0.082   1.00 60.71  ? 100 PHE A CG  1 
ATOM   817  C CD1 . PHE A 1 103 ? -1.837  -8.051  0.216   1.00 69.00  ? 100 PHE A CD1 1 
ATOM   818  C CD2 . PHE A 1 103 ? -0.505  -6.349  1.214   1.00 60.69  ? 100 PHE A CD2 1 
ATOM   819  C CE1 . PHE A 1 103 ? -2.335  -8.392  1.458   1.00 69.18  ? 100 PHE A CE1 1 
ATOM   820  C CE2 . PHE A 1 103 ? -0.998  -6.683  2.458   1.00 55.51  ? 100 PHE A CE2 1 
ATOM   821  C CZ  . PHE A 1 103 ? -1.913  -7.705  2.580   1.00 69.54  ? 100 PHE A CZ  1 
ATOM   822  N N   . ASP A 1 104 ? 0.544   -7.920  -4.316  1.00 54.51  ? 101 ASP A N   1 
ATOM   823  C CA  . ASP A 1 104 ? 0.735   -7.458  -5.686  1.00 57.87  ? 101 ASP A CA  1 
ATOM   824  C C   . ASP A 1 104 ? -0.446  -6.563  -6.045  1.00 62.47  ? 101 ASP A C   1 
ATOM   825  O O   . ASP A 1 104 ? -1.557  -7.058  -6.264  1.00 75.16  ? 101 ASP A O   1 
ATOM   826  C CB  . ASP A 1 104 ? 0.856   -8.637  -6.647  1.00 80.86  ? 101 ASP A CB  1 
ATOM   827  C CG  . ASP A 1 104 ? 2.205   -9.328  -6.560  1.00 72.08  ? 101 ASP A CG  1 
ATOM   828  O OD1 . ASP A 1 104 ? 3.050   -8.890  -5.752  1.00 83.33  ? 101 ASP A OD1 1 
ATOM   829  O OD2 . ASP A 1 104 ? 2.420   -10.307 -7.306  1.00 74.24  ? 101 ASP A OD2 1 
ATOM   830  N N   . TYR A 1 105 ? -0.220  -5.250  -6.092  1.00 56.52  ? 102 TYR A N   1 
ATOM   831  C CA  . TYR A 1 105 ? -1.285  -4.282  -6.307  1.00 55.03  ? 102 TYR A CA  1 
ATOM   832  C C   . TYR A 1 105 ? -1.361  -3.907  -7.782  1.00 62.91  ? 102 TYR A C   1 
ATOM   833  O O   . TYR A 1 105 ? -0.348  -3.556  -8.390  1.00 57.51  ? 102 TYR A O   1 
ATOM   834  C CB  . TYR A 1 105 ? -1.059  -3.031  -5.457  1.00 52.04  ? 102 TYR A CB  1 
ATOM   835  C CG  . TYR A 1 105 ? -2.219  -2.070  -5.498  1.00 57.84  ? 102 TYR A CG  1 
ATOM   836  C CD1 . TYR A 1 105 ? -3.285  -2.210  -4.622  1.00 62.48  ? 102 TYR A CD1 1 
ATOM   837  C CD2 . TYR A 1 105 ? -2.260  -1.035  -6.424  1.00 57.50  ? 102 TYR A CD2 1 
ATOM   838  C CE1 . TYR A 1 105 ? -4.355  -1.342  -4.659  1.00 63.65  ? 102 TYR A CE1 1 
ATOM   839  C CE2 . TYR A 1 105 ? -3.329  -0.162  -6.469  1.00 64.22  ? 102 TYR A CE2 1 
ATOM   840  C CZ  . TYR A 1 105 ? -4.374  -0.321  -5.584  1.00 62.11  ? 102 TYR A CZ  1 
ATOM   841  O OH  . TYR A 1 105 ? -5.442  0.543   -5.621  1.00 66.14  ? 102 TYR A OH  1 
ATOM   842  N N   . ASP A 1 106 ? -2.559  -3.975  -8.348  1.00 66.08  ? 103 ASP A N   1 
ATOM   843  C CA  . ASP A 1 106 ? -2.779  -3.595  -9.742  1.00 62.12  ? 103 ASP A CA  1 
ATOM   844  C C   . ASP A 1 106 ? -2.976  -2.086  -9.794  1.00 60.03  ? 103 ASP A C   1 
ATOM   845  O O   . ASP A 1 106 ? -4.081  -1.589  -9.567  1.00 61.61  ? 103 ASP A O   1 
ATOM   846  C CB  . ASP A 1 106 ? -3.987  -4.335  -10.305 1.00 69.21  ? 103 ASP A CB  1 
ATOM   847  C CG  . ASP A 1 106 ? -4.259  -4.002  -11.760 1.00 77.43  ? 103 ASP A CG  1 
ATOM   848  O OD1 . ASP A 1 106 ? -3.455  -3.276  -12.385 1.00 78.73  ? 103 ASP A OD1 1 
ATOM   849  O OD2 . ASP A 1 106 ? -5.298  -4.463  -12.273 1.00 77.83  ? 103 ASP A OD2 1 
ATOM   850  N N   . LEU A 1 107 ? -1.908  -1.337  -10.073 1.00 64.22  ? 104 LEU A N   1 
ATOM   851  C CA  . LEU A 1 107 ? -2.024  0.113   -10.198 1.00 61.93  ? 104 LEU A CA  1 
ATOM   852  C C   . LEU A 1 107 ? -2.326  0.407   -11.660 1.00 60.91  ? 104 LEU A C   1 
ATOM   853  O O   . LEU A 1 107 ? -1.425  0.445   -12.500 1.00 66.50  ? 104 LEU A O   1 
ATOM   854  C CB  . LEU A 1 107 ? -0.757  0.814   -9.720  1.00 54.25  ? 104 LEU A CB  1 
ATOM   855  C CG  . LEU A 1 107 ? -0.839  2.338   -9.629  1.00 49.53  ? 104 LEU A CG  1 
ATOM   856  C CD1 . LEU A 1 107 ? -0.058  2.824   -8.428  1.00 66.78  ? 104 LEU A CD1 1 
ATOM   857  C CD2 . LEU A 1 107 ? -0.324  3.003   -10.892 1.00 62.14  ? 104 LEU A CD2 1 
ATOM   858  N N   . PHE A 1 108 ? -3.605  0.597   -11.964 1.00 61.69  ? 105 PHE A N   1 
ATOM   859  C CA  . PHE A 1 108 ? -4.075  0.834   -13.318 1.00 60.22  ? 105 PHE A CA  1 
ATOM   860  C C   . PHE A 1 108 ? -4.481  2.291   -13.486 1.00 67.83  ? 105 PHE A C   1 
ATOM   861  O O   . PHE A 1 108 ? -4.809  2.988   -12.521 1.00 62.56  ? 105 PHE A O   1 
ATOM   862  C CB  . PHE A 1 108 ? -5.254  -0.088  -13.665 1.00 62.66  ? 105 PHE A CB  1 
ATOM   863  C CG  . PHE A 1 108 ? -6.429  0.043   -12.734 1.00 54.37  ? 105 PHE A CG  1 
ATOM   864  C CD1 . PHE A 1 108 ? -6.436  -0.596  -11.505 1.00 51.42  ? 105 PHE A CD1 1 
ATOM   865  C CD2 . PHE A 1 108 ? -7.523  0.812   -13.087 1.00 55.27  ? 105 PHE A CD2 1 
ATOM   866  C CE1 . PHE A 1 108 ? -7.515  -0.474  -10.647 1.00 51.32  ? 105 PHE A CE1 1 
ATOM   867  C CE2 . PHE A 1 108 ? -8.605  0.938   -12.233 1.00 64.71  ? 105 PHE A CE2 1 
ATOM   868  C CZ  . PHE A 1 108 ? -8.600  0.296   -11.011 1.00 46.90  ? 105 PHE A CZ  1 
ATOM   869  N N   . LEU A 1 109 ? -4.443  2.748   -14.735 1.00 66.16  ? 106 LEU A N   1 
ATOM   870  C CA  . LEU A 1 109 ? -4.820  4.107   -15.090 1.00 53.24  ? 106 LEU A CA  1 
ATOM   871  C C   . LEU A 1 109 ? -5.937  4.054   -16.120 1.00 67.00  ? 106 LEU A C   1 
ATOM   872  O O   . LEU A 1 109 ? -5.936  3.188   -16.999 1.00 71.29  ? 106 LEU A O   1 
ATOM   873  C CB  . LEU A 1 109 ? -3.624  4.879   -15.653 1.00 63.48  ? 106 LEU A CB  1 
ATOM   874  C CG  . LEU A 1 109 ? -2.328  4.836   -14.837 1.00 68.58  ? 106 LEU A CG  1 
ATOM   875  C CD1 . LEU A 1 109 ? -1.285  5.744   -15.457 1.00 69.53  ? 106 LEU A CD1 1 
ATOM   876  C CD2 . LEU A 1 109 ? -2.572  5.220   -13.390 1.00 58.41  ? 106 LEU A CD2 1 
ATOM   877  N N   . HIS A 1 110 ? -6.890  4.974   -16.008 1.00 70.45  ? 107 HIS A N   1 
ATOM   878  C CA  . HIS A 1 110 ? -7.995  5.072   -16.950 1.00 72.78  ? 107 HIS A CA  1 
ATOM   879  C C   . HIS A 1 110 ? -7.702  6.115   -18.020 1.00 74.97  ? 107 HIS A C   1 
ATOM   880  O O   . HIS A 1 110 ? -7.025  7.116   -17.774 1.00 74.18  ? 107 HIS A O   1 
ATOM   881  C CB  . HIS A 1 110 ? -9.299  5.412   -16.230 1.00 77.27  ? 107 HIS A CB  1 
ATOM   882  C CG  . HIS A 1 110 ? -9.929  4.238   -15.550 1.00 77.48  ? 107 HIS A CG  1 
ATOM   883  N ND1 . HIS A 1 110 ? -11.141 4.315   -14.901 1.00 67.69  ? 107 HIS A ND1 1 
ATOM   884  C CD2 . HIS A 1 110 ? -9.522  2.952   -15.433 1.00 79.10  ? 107 HIS A CD2 1 
ATOM   885  C CE1 . HIS A 1 110 ? -11.448 3.130   -14.403 1.00 80.53  ? 107 HIS A CE1 1 
ATOM   886  N NE2 . HIS A 1 110 ? -10.483 2.284   -14.713 1.00 76.09  ? 107 HIS A NE2 1 
ATOM   887  N N   . LEU A 1 111 ? -8.250  5.912   -19.208 1.00 68.84  ? 108 LEU A N   1 
ATOM   888  C CA  . LEU A 1 111 ? -7.989  6.799   -20.361 1.00 70.82  ? 108 LEU A CA  1 
ATOM   889  C C   . LEU A 1 111 ? -8.719  8.127   -20.221 1.00 87.90  ? 108 LEU A C   1 
ATOM   890  O O   . LEU A 1 111 ? -9.664  8.186   -19.476 1.00 85.90  ? 108 LEU A O   1 
ATOM   891  C CB  . LEU A 1 111 ? -8.485  6.084   -21.607 1.00 61.84  ? 108 LEU A CB  1 
ATOM   892  C CG  . LEU A 1 111 ? -7.624  4.919   -22.041 1.00 57.94  ? 108 LEU A CG  1 
ATOM   893  C CD1 . LEU A 1 111 ? -8.282  4.173   -23.158 1.00 54.67  ? 108 LEU A CD1 1 
ATOM   894  C CD2 . LEU A 1 111 ? -6.288  5.416   -22.498 1.00 62.87  ? 108 LEU A CD2 1 
ATOM   895  N N   . GLU A 1 112 ? -8.275  9.143   -20.954 1.00 80.86  ? 109 GLU A N   1 
ATOM   896  C CA  . GLU A 1 112 ? -8.911  10.472  -20.852 1.00 80.69  ? 109 GLU A CA  1 
ATOM   897  C C   . GLU A 1 112 ? -10.322 10.374  -21.391 1.00 85.94  ? 109 GLU A C   1 
ATOM   898  O O   . GLU A 1 112 ? -10.514 9.700   -22.374 1.00 86.71  ? 109 GLU A O   1 
ATOM   899  C CB  . GLU A 1 112 ? -8.138  11.533  -21.619 1.00 87.70  ? 109 GLU A CB  1 
ATOM   900  C CG  . GLU A 1 112 ? -7.682  11.088  -22.979 1.00 108.57 ? 109 GLU A CG  1 
ATOM   901  C CD  . GLU A 1 112 ? -6.970  12.194  -23.725 1.00 112.59 ? 109 GLU A CD  1 
ATOM   902  O OE1 . GLU A 1 112 ? -6.207  11.888  -24.654 1.00 106.78 ? 109 GLU A OE1 1 
ATOM   903  O OE2 . GLU A 1 112 ? -7.181  13.352  -23.363 1.00 100.00 ? 109 GLU A OE2 1 
ATOM   904  N N   . GLY A 1 113 ? -11.232 11.146  -20.821 1.00 81.79  ? 110 GLY A N   1 
ATOM   905  C CA  . GLY A 1 113 ? -12.637 11.064  -21.243 1.00 82.68  ? 110 GLY A CA  1 
ATOM   906  C C   . GLY A 1 113 ? -13.393 10.092  -20.379 1.00 77.40  ? 110 GLY A C   1 
ATOM   907  O O   . GLY A 1 113 ? -14.558 9.875   -20.620 1.00 75.14  ? 110 GLY A O   1 
ATOM   908  N N   . HIS A 1 114 ? -12.725 9.547   -19.383 1.00 77.81  ? 111 HIS A N   1 
ATOM   909  C CA  . HIS A 1 114 ? -13.352 8.612   -18.438 1.00 71.50  ? 111 HIS A CA  1 
ATOM   910  C C   . HIS A 1 114 ? -13.138 9.170   -17.050 1.00 80.94  ? 111 HIS A C   1 
ATOM   911  O O   . HIS A 1 114 ? -12.195 9.901   -16.847 1.00 84.40  ? 111 HIS A O   1 
ATOM   912  C CB  . HIS A 1 114 ? -12.720 7.246   -18.584 1.00 72.80  ? 111 HIS A CB  1 
ATOM   913  C CG  . HIS A 1 114 ? -13.222 6.532   -19.777 1.00 84.79  ? 111 HIS A CG  1 
ATOM   914  N ND1 . HIS A 1 114 ? -14.005 5.439   -19.685 1.00 85.46  ? 111 HIS A ND1 1 
ATOM   915  C CD2 . HIS A 1 114 ? -13.081 6.782   -21.082 1.00 79.64  ? 111 HIS A CD2 1 
ATOM   916  C CE1 . HIS A 1 114 ? -14.324 5.033   -20.880 1.00 71.74  ? 111 HIS A CE1 1 
ATOM   917  N NE2 . HIS A 1 114 ? -13.770 5.830   -21.745 1.00 85.34  ? 111 HIS A NE2 1 
ATOM   918  N N   . PRO A 1 115 ? -13.968 8.816   -16.074 1.00 79.86  ? 112 PRO A N   1 
ATOM   919  C CA  . PRO A 1 115 ? -13.836 9.369   -14.762 1.00 66.22  ? 112 PRO A CA  1 
ATOM   920  C C   . PRO A 1 115 ? -12.557 8.833   -14.146 1.00 71.40  ? 112 PRO A C   1 
ATOM   921  O O   . PRO A 1 115 ? -12.283 7.721   -14.318 1.00 77.88  ? 112 PRO A O   1 
ATOM   922  C CB  . PRO A 1 115 ? -14.964 8.670   -14.038 1.00 75.48  ? 112 PRO A CB  1 
ATOM   923  C CG  . PRO A 1 115 ? -15.060 7.385   -14.753 1.00 83.84  ? 112 PRO A CG  1 
ATOM   924  C CD  . PRO A 1 115 ? -14.984 7.814   -16.190 1.00 71.77  ? 112 PRO A CD  1 
ATOM   925  N N   . PRO A 1 116 ? -11.836 9.599   -13.324 1.00 68.70  ? 113 PRO A N   1 
ATOM   926  C CA  . PRO A 1 116 ? -10.632 9.129   -12.710 1.00 68.45  ? 113 PRO A CA  1 
ATOM   927  C C   . PRO A 1 116 ? -10.792 7.918   -11.801 1.00 70.51  ? 113 PRO A C   1 
ATOM   928  O O   . PRO A 1 116 ? -11.812 7.674   -11.275 1.00 64.60  ? 113 PRO A O   1 
ATOM   929  C CB  . PRO A 1 116 ? -10.253 10.284  -11.805 1.00 63.90  ? 113 PRO A CB  1 
ATOM   930  C CG  . PRO A 1 116 ? -11.525 10.976  -11.609 1.00 64.16  ? 113 PRO A CG  1 
ATOM   931  C CD  . PRO A 1 116 ? -12.111 10.958  -12.988 1.00 69.96  ? 113 PRO A CD  1 
ATOM   932  N N   . VAL A 1 117 ? -9.679  7.254   -11.578 1.00 65.45  ? 114 VAL A N   1 
ATOM   933  C CA  . VAL A 1 117 ? -9.628  6.036   -10.781 1.00 61.05  ? 114 VAL A CA  1 
ATOM   934  C C   . VAL A 1 117 ? -9.613  6.399   -9.306  1.00 60.44  ? 114 VAL A C   1 
ATOM   935  O O   . VAL A 1 117 ? -8.797  7.216   -8.861  1.00 65.56  ? 114 VAL A O   1 
ATOM   936  C CB  . VAL A 1 117 ? -8.396  5.196   -11.151 1.00 64.00  ? 114 VAL A CB  1 
ATOM   937  C CG1 . VAL A 1 117 ? -8.335  3.939   -10.302 1.00 58.03  ? 114 VAL A CG1 1 
ATOM   938  C CG2 . VAL A 1 117 ? -8.417  4.844   -12.625 1.00 65.86  ? 114 VAL A CG2 1 
ATOM   939  N N   . ASN A 1 118 ? -10.519 5.781   -8.542  1.00 63.65  ? 115 ASN A N   1 
ATOM   940  C CA  . ASN A 1 118 ? -10.537 5.846   -7.083  1.00 54.38  ? 115 ASN A CA  1 
ATOM   941  C C   . ASN A 1 118 ? -10.812 4.414   -6.618  1.00 64.68  ? 115 ASN A C   1 
ATOM   942  O O   . ASN A 1 118 ? -11.952 4.026   -6.356  1.00 57.75  ? 115 ASN A O   1 
ATOM   943  C CB  . ASN A 1 118 ? -11.583 6.836   -6.572  1.00 60.26  ? 115 ASN A CB  1 
ATOM   944  C CG  . ASN A 1 118 ? -11.676 6.865   -5.058  1.00 62.37  ? 115 ASN A CG  1 
ATOM   945  O OD1 . ASN A 1 118 ? -10.744 6.466   -4.357  1.00 54.71  ? 115 ASN A OD1 1 
ATOM   946  N ND2 . ASN A 1 118 ? -12.799 7.355   -4.546  1.00 60.59  ? 115 ASN A ND2 1 
ATOM   947  N N   . HIS A 1 119 ? -9.749  3.615   -6.528  1.00 66.36  ? 116 HIS A N   1 
ATOM   948  C CA  . HIS A 1 119 ? -9.864  2.187   -6.281  1.00 54.73  ? 116 HIS A CA  1 
ATOM   949  C C   . HIS A 1 119 ? -9.497  1.844   -4.843  1.00 55.13  ? 116 HIS A C   1 
ATOM   950  O O   . HIS A 1 119 ? -8.528  2.380   -4.287  1.00 65.54  ? 116 HIS A O   1 
ATOM   951  C CB  . HIS A 1 119 ? -8.974  1.394   -7.240  1.00 62.39  ? 116 HIS A CB  1 
ATOM   952  C CG  . HIS A 1 119 ? -9.250  -0.078  -7.236  1.00 67.12  ? 116 HIS A CG  1 
ATOM   953  N ND1 . HIS A 1 119 ? -8.472  -0.981  -6.544  1.00 62.63  ? 116 HIS A ND1 1 
ATOM   954  C CD2 . HIS A 1 119 ? -10.220 -0.804  -7.841  1.00 59.73  ? 116 HIS A CD2 1 
ATOM   955  C CE1 . HIS A 1 119 ? -8.953  -2.199  -6.721  1.00 73.47  ? 116 HIS A CE1 1 
ATOM   956  N NE2 . HIS A 1 119 ? -10.013 -2.120  -7.505  1.00 76.42  ? 116 HIS A NE2 1 
ATOM   957  N N   . LEU A 1 120 ? -10.271 0.925   -4.263  1.00 52.59  ? 117 LEU A N   1 
ATOM   958  C CA  . LEU A 1 120 ? -10.102 0.456   -2.895  1.00 61.08  ? 117 LEU A CA  1 
ATOM   959  C C   . LEU A 1 120 ? -10.013 -1.065  -2.889  1.00 61.07  ? 117 LEU A C   1 
ATOM   960  O O   . LEU A 1 120 ? -10.761 -1.742  -3.603  1.00 69.75  ? 117 LEU A O   1 
ATOM   961  C CB  . LEU A 1 120 ? -11.271 0.917   -2.010  1.00 52.39  ? 117 LEU A CB  1 
ATOM   962  C CG  . LEU A 1 120 ? -11.244 0.522   -0.535  1.00 51.04  ? 117 LEU A CG  1 
ATOM   963  C CD1 . LEU A 1 120 ? -10.079 1.198   0.170   1.00 51.51  ? 117 LEU A CD1 1 
ATOM   964  C CD2 . LEU A 1 120 ? -12.557 0.878   0.142   1.00 59.99  ? 117 LEU A CD2 1 
ATOM   965  N N   . ARG A 1 121 ? -9.105  -1.600  -2.070  1.00 56.44  ? 118 ARG A N   1 
ATOM   966  C CA  . ARG A 1 121 ? -8.859  -3.038  -1.966  1.00 62.78  ? 118 ARG A CA  1 
ATOM   967  C C   . ARG A 1 121 ? -8.686  -3.344  -0.483  1.00 50.75  ? 118 ARG A C   1 
ATOM   968  O O   . ARG A 1 121 ? -7.644  -3.037  0.100   1.00 80.29  ? 118 ARG A O   1 
ATOM   969  C CB  . ARG A 1 121 ? -7.628  -3.457  -2.765  1.00 49.33  ? 118 ARG A CB  1 
ATOM   970  C CG  . ARG A 1 121 ? -7.117  -4.854  -2.439  1.00 46.58  ? 118 ARG A CG  1 
ATOM   971  C CD  . ARG A 1 121 ? -5.969  -5.253  -3.353  1.00 55.36  ? 118 ARG A CD  1 
ATOM   972  N NE  . ARG A 1 121 ? -5.334  -6.496  -2.920  1.00 63.35  ? 118 ARG A NE  1 
ATOM   973  C CZ  . ARG A 1 121 ? -4.288  -7.053  -3.524  1.00 62.73  ? 118 ARG A CZ  1 
ATOM   974  N NH1 . ARG A 1 121 ? -3.751  -6.480  -4.592  1.00 61.93  ? 118 ARG A NH1 1 
ATOM   975  N NH2 . ARG A 1 121 ? -3.774  -8.183  -3.055  1.00 53.54  ? 118 ARG A NH2 1 
ATOM   976  N N   . CYS A 1 122 ? -9.707  -3.928  0.132   1.00 50.01  ? 119 CYS A N   1 
ATOM   977  C CA  . CYS A 1 122 ? -9.624  -4.247  1.549   1.00 53.60  ? 119 CYS A CA  1 
ATOM   978  C C   . CYS A 1 122 ? -8.954  -5.600  1.742   1.00 61.49  ? 119 CYS A C   1 
ATOM   979  O O   . CYS A 1 122 ? -9.336  -6.590  1.110   1.00 72.82  ? 119 CYS A O   1 
ATOM   980  C CB  . CYS A 1 122 ? -11.012 -4.241  2.181   1.00 55.08  ? 119 CYS A CB  1 
ATOM   981  S SG  . CYS A 1 122 ? -11.811 -2.626  2.151   1.00 66.82  ? 119 CYS A SG  1 
ATOM   982  N N   . GLU A 1 123 ? -7.944  -5.637  2.603   1.00 62.95  ? 120 GLU A N   1 
ATOM   983  C CA  . GLU A 1 123 ? -7.264  -6.869  2.959   1.00 65.17  ? 120 GLU A CA  1 
ATOM   984  C C   . GLU A 1 123 ? -7.414  -7.086  4.459   1.00 71.98  ? 120 GLU A C   1 
ATOM   985  O O   . GLU A 1 123 ? -7.662  -6.147  5.221   1.00 59.74  ? 120 GLU A O   1 
ATOM   986  C CB  . GLU A 1 123 ? -5.784  -6.822  2.552   1.00 56.50  ? 120 GLU A CB  1 
ATOM   987  C CG  . GLU A 1 123 ? -5.555  -6.835  1.043   1.00 56.98  ? 120 GLU A CG  1 
ATOM   988  C CD  . GLU A 1 123 ? -5.798  -8.196  0.406   1.00 69.85  ? 120 GLU A CD  1 
ATOM   989  O OE1 . GLU A 1 123 ? -6.116  -9.163  1.135   1.00 81.21  ? 120 GLU A OE1 1 
ATOM   990  O OE2 . GLU A 1 123 ? -5.670  -8.301  -0.833  1.00 71.63  ? 120 GLU A OE2 1 
ATOM   991  N N   . LYS A 1 124 ? -7.279  -8.336  4.884   1.00 69.58  ? 121 LYS A N   1 
ATOM   992  C CA  . LYS A 1 124 ? -7.583  -8.705  6.262   1.00 51.36  ? 121 LYS A CA  1 
ATOM   993  C C   . LYS A 1 124 ? -6.578  -9.758  6.704   1.00 72.06  ? 121 LYS A C   1 
ATOM   994  O O   . LYS A 1 124 ? -6.571  -10.874 6.175   1.00 72.07  ? 121 LYS A O   1 
ATOM   995  C CB  . LYS A 1 124 ? -9.022  -9.212  6.379   1.00 65.05  ? 121 LYS A CB  1 
ATOM   996  C CG  . LYS A 1 124 ? -9.334  -10.018 7.625   1.00 85.44  ? 121 LYS A CG  1 
ATOM   997  C CD  . LYS A 1 124 ? -10.816 -9.940  7.980   1.00 89.16  ? 121 LYS A CD  1 
ATOM   998  C CE  . LYS A 1 124 ? -11.709 -9.837  6.748   1.00 93.05  ? 121 LYS A CE  1 
ATOM   999  N NZ  . LYS A 1 124 ? -13.153 -9.763  7.118   1.00 66.98  ? 121 LYS A NZ  1 
ATOM   1000 N N   . LEU A 1 125 ? -5.728  -9.402  7.663   1.00 71.21  ? 122 LEU A N   1 
ATOM   1001 C CA  . LEU A 1 125 ? -4.682  -10.289 8.148   1.00 71.94  ? 122 LEU A CA  1 
ATOM   1002 C C   . LEU A 1 125 ? -5.115  -10.978 9.433   1.00 78.73  ? 122 LEU A C   1 
ATOM   1003 O O   . LEU A 1 125 ? -5.684  -10.348 10.330  1.00 77.98  ? 122 LEU A O   1 
ATOM   1004 C CB  . LEU A 1 125 ? -3.380  -9.530  8.395   1.00 62.36  ? 122 LEU A CB  1 
ATOM   1005 C CG  . LEU A 1 125 ? -2.730  -8.828  7.209   1.00 71.85  ? 122 LEU A CG  1 
ATOM   1006 C CD1 . LEU A 1 125 ? -1.784  -7.747  7.701   1.00 73.10  ? 122 LEU A CD1 1 
ATOM   1007 C CD2 . LEU A 1 125 ? -1.996  -9.846  6.355   1.00 79.88  ? 122 LEU A CD2 1 
ATOM   1008 N N   . THR A 1 126 ? -4.880  -12.269 9.497   1.00 77.38  ? 123 THR A N   1 
ATOM   1009 C CA  . THR A 1 126 ? -5.242  -12.981 10.726  1.00 84.58  ? 123 THR A CA  1 
ATOM   1010 C C   . THR A 1 126 ? -3.957  -13.563 11.280  1.00 76.79  ? 123 THR A C   1 
ATOM   1011 O O   . THR A 1 126 ? -3.367  -14.354 10.600  1.00 94.13  ? 123 THR A O   1 
ATOM   1012 C CB  . THR A 1 126 ? -6.292  -14.045 10.423  1.00 79.46  ? 123 THR A CB  1 
ATOM   1013 O OG1 . THR A 1 126 ? -5.566  -15.177 9.979   1.00 97.15  ? 123 THR A OG1 1 
ATOM   1014 C CG2 . THR A 1 126 ? -7.203  -13.652 9.293   1.00 60.20  ? 123 THR A CG2 1 
ATOM   1015 N N   . PHE A 1 127 ? -3.546  -13.164 12.464  1.00 75.67  ? 124 PHE A N   1 
ATOM   1016 C CA  . PHE A 1 127 ? -2.331  -13.784 13.017  1.00 78.64  ? 124 PHE A CA  1 
ATOM   1017 C C   . PHE A 1 127 ? -2.796  -14.755 14.075  1.00 80.27  ? 124 PHE A C   1 
ATOM   1018 O O   . PHE A 1 127 ? -3.639  -14.375 14.850  1.00 80.00  ? 124 PHE A O   1 
ATOM   1019 C CB  . PHE A 1 127 ? -1.477  -12.746 13.718  1.00 77.91  ? 124 PHE A CB  1 
ATOM   1020 C CG  . PHE A 1 127 ? -1.098  -11.601 12.833  1.00 75.50  ? 124 PHE A CG  1 
ATOM   1021 C CD1 . PHE A 1 127 ? 0.009   -11.680 12.028  1.00 75.24  ? 124 PHE A CD1 1 
ATOM   1022 C CD2 . PHE A 1 127 ? -1.864  -10.468 12.800  1.00 72.96  ? 124 PHE A CD2 1 
ATOM   1023 C CE1 . PHE A 1 127 ? 0.352   -10.628 11.214  1.00 67.87  ? 124 PHE A CE1 1 
ATOM   1024 C CE2 . PHE A 1 127 ? -1.520  -9.417  11.984  1.00 66.60  ? 124 PHE A CE2 1 
ATOM   1025 C CZ  . PHE A 1 127 ? -0.410  -9.499  11.202  1.00 72.32  ? 124 PHE A CZ  1 
ATOM   1026 N N   . ASN A 1 128 ? -2.225  -15.945 14.094  1.00 83.27  ? 125 ASN A N   1 
ATOM   1027 C CA  . ASN A 1 128 ? -2.657  -16.965 15.064  1.00 83.17  ? 125 ASN A CA  1 
ATOM   1028 C C   . ASN A 1 128 ? -1.604  -17.144 16.132  1.00 81.18  ? 125 ASN A C   1 
ATOM   1029 O O   . ASN A 1 128 ? -0.476  -17.414 15.781  1.00 80.89  ? 125 ASN A O   1 
ATOM   1030 C CB  . ASN A 1 128 ? -2.697  -18.341 14.430  1.00 77.30  ? 125 ASN A CB  1 
ATOM   1031 C CG  . ASN A 1 128 ? -3.876  -18.505 13.515  1.00 81.99  ? 125 ASN A CG  1 
ATOM   1032 O OD1 . ASN A 1 128 ? -4.956  -18.036 13.810  1.00 80.03  ? 125 ASN A OD1 1 
ATOM   1033 N ND2 . ASN A 1 128 ? -3.661  -19.158 12.397  1.00 92.90  ? 125 ASN A ND2 1 
ATOM   1034 N N   . ASN A 1 129 ? -2.024  -17.015 17.375  1.00 79.00  ? 126 ASN A N   1 
ATOM   1035 C CA  . ASN A 1 129 ? -1.154  -17.266 18.535  1.00 79.35  ? 126 ASN A CA  1 
ATOM   1036 C C   . ASN A 1 129 ? 0.148   -16.515 18.386  1.00 81.45  ? 126 ASN A C   1 
ATOM   1037 O O   . ASN A 1 129 ? 1.174   -17.140 18.364  1.00 82.06  ? 126 ASN A O   1 
ATOM   1038 C CB  . ASN A 1 129 ? -0.875  -18.752 18.670  1.00 68.70  ? 126 ASN A CB  1 
ATOM   1039 C CG  . ASN A 1 129 ? -2.082  -19.471 19.191  1.00 80.16  ? 126 ASN A CG  1 
ATOM   1040 O OD1 . ASN A 1 129 ? -2.762  -18.963 20.065  1.00 77.83  ? 126 ASN A OD1 1 
ATOM   1041 N ND2 . ASN A 1 129 ? -2.352  -20.633 18.642  1.00 80.62  ? 126 ASN A ND2 1 
ATOM   1042 N N   . PRO A 1 130 ? 0.168   -15.183 18.366  1.00 75.17  ? 127 PRO A N   1 
ATOM   1043 C CA  . PRO A 1 130 ? 1.420   -14.493 18.267  1.00 82.93  ? 127 PRO A CA  1 
ATOM   1044 C C   . PRO A 1 130 ? 2.024   -14.299 19.655  1.00 94.15  ? 127 PRO A C   1 
ATOM   1045 O O   . PRO A 1 130 ? 1.419   -14.622 20.611  1.00 95.02  ? 127 PRO A O   1 
ATOM   1046 C CB  . PRO A 1 130 ? 0.934   -13.129 17.810  1.00 81.21  ? 127 PRO A CB  1 
ATOM   1047 C CG  . PRO A 1 130 ? -0.339  -12.962 18.533  1.00 67.35  ? 127 PRO A CG  1 
ATOM   1048 C CD  . PRO A 1 130 ? -0.976  -14.318 18.412  1.00 78.69  ? 127 PRO A CD  1 
ATOM   1049 N N   . THR A 1 131 ? 3.181   -13.646 19.735  1.00 100.02 ? 128 THR A N   1 
ATOM   1050 C CA  . THR A 1 131 ? 3.800   -13.311 21.005  1.00 79.42  ? 128 THR A CA  1 
ATOM   1051 C C   . THR A 1 131 ? 3.018   -12.191 21.683  1.00 84.88  ? 128 THR A C   1 
ATOM   1052 O O   . THR A 1 131 ? 2.237   -11.474 21.051  1.00 97.23  ? 128 THR A O   1 
ATOM   1053 C CB  . THR A 1 131 ? 5.256   -12.893 20.805  1.00 90.04  ? 128 THR A CB  1 
ATOM   1054 O OG1 . THR A 1 131 ? 5.302   -11.653 20.087  1.00 108.69 ? 128 THR A OG1 1 
ATOM   1055 C CG2 . THR A 1 131 ? 6.004   -13.959 20.017  1.00 87.67  ? 128 THR A CG2 1 
ATOM   1056 N N   . GLU A 1 132 ? 3.221   -12.053 22.994  1.00 77.40  ? 129 GLU A N   1 
ATOM   1057 C CA  . GLU A 1 132 ? 2.439   -11.076 23.744  1.00 92.24  ? 129 GLU A CA  1 
ATOM   1058 C C   . GLU A 1 132 ? 2.819   -9.646  23.365  1.00 94.60  ? 129 GLU A C   1 
ATOM   1059 O O   . GLU A 1 132 ? 1.952   -8.763  23.321  1.00 77.55  ? 129 GLU A O   1 
ATOM   1060 C CB  . GLU A 1 132 ? 2.591   -11.316 25.248  1.00 86.99  ? 129 GLU A CB  1 
ATOM   1061 C CG  . GLU A 1 132 ? 4.018   -11.331 25.764  1.00 113.97 ? 129 GLU A CG  1 
ATOM   1062 C CD  . GLU A 1 132 ? 4.082   -11.466 27.277  1.00 110.96 ? 129 GLU A CD  1 
ATOM   1063 O OE1 . GLU A 1 132 ? 3.010   -11.517 27.919  1.00 89.68  ? 129 GLU A OE1 1 
ATOM   1064 O OE2 . GLU A 1 132 ? 5.205   -11.524 27.823  1.00 120.09 ? 129 GLU A OE2 1 
ATOM   1065 N N   . ASP A 1 133 ? 4.100   -9.400  23.075  1.00 101.95 ? 130 ASP A N   1 
ATOM   1066 C CA  . ASP A 1 133 ? 4.521   -8.083  22.604  1.00 110.51 ? 130 ASP A CA  1 
ATOM   1067 C C   . ASP A 1 133 ? 3.773   -7.702  21.332  1.00 95.83  ? 130 ASP A C   1 
ATOM   1068 O O   . ASP A 1 133 ? 3.088   -6.669  21.271  1.00 85.96  ? 130 ASP A O   1 
ATOM   1069 C CB  . ASP A 1 133 ? 6.031   -8.075  22.352  1.00 115.03 ? 130 ASP A CB  1 
ATOM   1070 C CG  . ASP A 1 133 ? 6.838   -8.052  23.632  1.00 121.76 ? 130 ASP A CG  1 
ATOM   1071 O OD1 . ASP A 1 133 ? 6.455   -7.323  24.570  1.00 120.01 ? 130 ASP A OD1 1 
ATOM   1072 O OD2 . ASP A 1 133 ? 7.859   -8.769  23.696  1.00 122.12 ? 130 ASP A OD2 1 
ATOM   1073 N N   . PHE A 1 134 ? 3.904   -8.539  20.299  1.00 92.47  ? 131 PHE A N   1 
ATOM   1074 C CA  . PHE A 1 134 ? 3.175   -8.320  19.057  1.00 84.34  ? 131 PHE A CA  1 
ATOM   1075 C C   . PHE A 1 134 ? 1.674   -8.311  19.287  1.00 82.49  ? 131 PHE A C   1 
ATOM   1076 O O   . PHE A 1 134 ? 0.954   -7.579  18.605  1.00 76.16  ? 131 PHE A O   1 
ATOM   1077 C CB  . PHE A 1 134 ? 3.536   -9.395  18.035  1.00 75.68  ? 131 PHE A CB  1 
ATOM   1078 C CG  . PHE A 1 134 ? 3.146   -9.044  16.628  1.00 83.23  ? 131 PHE A CG  1 
ATOM   1079 C CD1 . PHE A 1 134 ? 3.342   -7.763  16.141  1.00 78.82  ? 131 PHE A CD1 1 
ATOM   1080 C CD2 . PHE A 1 134 ? 2.574   -9.992  15.797  1.00 90.76  ? 131 PHE A CD2 1 
ATOM   1081 C CE1 . PHE A 1 134 ? 2.984   -7.436  14.848  1.00 77.46  ? 131 PHE A CE1 1 
ATOM   1082 C CE2 . PHE A 1 134 ? 2.216   -9.672  14.501  1.00 79.83  ? 131 PHE A CE2 1 
ATOM   1083 C CZ  . PHE A 1 134 ? 2.418   -8.390  14.028  1.00 79.14  ? 131 PHE A CZ  1 
ATOM   1084 N N   . ARG A 1 135 ? 1.184   -9.109  20.241  1.00 84.10  ? 132 ARG A N   1 
ATOM   1085 C CA  . ARG A 1 135 ? -0.251  -9.154  20.508  1.00 74.30  ? 132 ARG A CA  1 
ATOM   1086 C C   . ARG A 1 135 ? -0.771  -7.795  20.955  1.00 80.19  ? 132 ARG A C   1 
ATOM   1087 O O   . ARG A 1 135 ? -1.759  -7.287  20.413  1.00 82.87  ? 132 ARG A O   1 
ATOM   1088 C CB  . ARG A 1 135 ? -0.565  -10.212 21.563  1.00 79.00  ? 132 ARG A CB  1 
ATOM   1089 C CG  . ARG A 1 135 ? -1.943  -10.840 21.411  1.00 75.06  ? 132 ARG A CG  1 
ATOM   1090 C CD  . ARG A 1 135 ? -2.241  -11.814 22.533  1.00 61.54  ? 132 ARG A CD  1 
ATOM   1091 N NE  . ARG A 1 135 ? -2.270  -11.135 23.825  1.00 92.93  ? 132 ARG A NE  1 
ATOM   1092 C CZ  . ARG A 1 135 ? -1.528  -11.487 24.869  1.00 95.86  ? 132 ARG A CZ  1 
ATOM   1093 N NH1 . ARG A 1 135 ? -0.706  -12.527 24.781  1.00 59.02  ? 132 ARG A NH1 1 
ATOM   1094 N NH2 . ARG A 1 135 ? -1.615  -10.804 26.005  1.00 70.45  ? 132 ARG A NH2 1 
ATOM   1095 N N   . ARG A 1 136 ? -0.126  -7.194  21.956  1.00 87.98  ? 133 ARG A N   1 
ATOM   1096 C CA  . ARG A 1 136 ? -0.591  -5.900  22.447  1.00 89.96  ? 133 ARG A CA  1 
ATOM   1097 C C   . ARG A 1 136 ? -0.319  -4.781  21.445  1.00 86.71  ? 133 ARG A C   1 
ATOM   1098 O O   . ARG A 1 136 ? -1.126  -3.845  21.334  1.00 81.57  ? 133 ARG A O   1 
ATOM   1099 C CB  . ARG A 1 136 ? 0.031   -5.619  23.817  1.00 77.43  ? 133 ARG A CB  1 
ATOM   1100 C CG  . ARG A 1 136 ? -0.008  -6.854  24.706  1.00 84.82  ? 133 ARG A CG  1 
ATOM   1101 C CD  . ARG A 1 136 ? 0.633   -6.692  26.071  1.00 95.44  ? 133 ARG A CD  1 
ATOM   1102 N NE  . ARG A 1 136 ? 0.896   -8.010  26.649  1.00 107.84 ? 133 ARG A NE  1 
ATOM   1103 C CZ  . ARG A 1 136 ? 1.236   -8.230  27.914  1.00 103.75 ? 133 ARG A CZ  1 
ATOM   1104 N NH1 . ARG A 1 136 ? 1.356   -7.216  28.759  1.00 93.56  ? 133 ARG A NH1 1 
ATOM   1105 N NH2 . ARG A 1 136 ? 1.449   -9.469  28.335  1.00 96.42  ? 133 ARG A NH2 1 
ATOM   1106 N N   . LYS A 1 137 ? 0.775   -4.873  20.679  1.00 70.40  ? 134 LYS A N   1 
ATOM   1107 C CA  . LYS A 1 137 ? 0.972   -3.914  19.592  1.00 78.33  ? 134 LYS A CA  1 
ATOM   1108 C C   . LYS A 1 137 ? -0.161  -3.997  18.571  1.00 85.51  ? 134 LYS A C   1 
ATOM   1109 O O   . LYS A 1 137 ? -0.673  -2.967  18.113  1.00 85.47  ? 134 LYS A O   1 
ATOM   1110 C CB  . LYS A 1 137 ? 2.322   -4.139  18.909  1.00 77.94  ? 134 LYS A CB  1 
ATOM   1111 C CG  . LYS A 1 137 ? 3.528   -3.766  19.753  1.00 90.57  ? 134 LYS A CG  1 
ATOM   1112 C CD  . LYS A 1 137 ? 4.726   -3.433  18.877  1.00 74.57  ? 134 LYS A CD  1 
ATOM   1113 C CE  . LYS A 1 137 ? 6.037   -3.754  19.575  1.00 72.17  ? 134 LYS A CE  1 
ATOM   1114 N NZ  . LYS A 1 137 ? 6.345   -5.209  19.518  1.00 75.13  ? 134 LYS A NZ  1 
ATOM   1115 N N   . LEU A 1 138 ? -0.569  -5.216  18.210  1.00 78.16  ? 135 LEU A N   1 
ATOM   1116 C CA  . LEU A 1 138 ? -1.662  -5.404  17.261  1.00 82.36  ? 135 LEU A CA  1 
ATOM   1117 C C   . LEU A 1 138 ? -2.980  -4.897  17.824  1.00 86.94  ? 135 LEU A C   1 
ATOM   1118 O O   . LEU A 1 138 ? -3.767  -4.264  17.109  1.00 87.41  ? 135 LEU A O   1 
ATOM   1119 C CB  . LEU A 1 138 ? -1.792  -6.885  16.903  1.00 67.54  ? 135 LEU A CB  1 
ATOM   1120 C CG  . LEU A 1 138 ? -0.826  -7.511  15.901  1.00 70.08  ? 135 LEU A CG  1 
ATOM   1121 C CD1 . LEU A 1 138 ? -0.923  -9.023  15.976  1.00 65.89  ? 135 LEU A CD1 1 
ATOM   1122 C CD2 . LEU A 1 138 ? -1.129  -7.024  14.497  1.00 68.89  ? 135 LEU A CD2 1 
ATOM   1123 N N   . LEU A 1 139 ? -3.244  -5.183  19.096  1.00 75.88  ? 136 LEU A N   1 
ATOM   1124 C CA  . LEU A 1 139 ? -4.520  -4.854  19.712  1.00 86.23  ? 136 LEU A CA  1 
ATOM   1125 C C   . LEU A 1 139 ? -4.608  -3.400  20.162  1.00 93.50  ? 136 LEU A C   1 
ATOM   1126 O O   . LEU A 1 139 ? -5.672  -2.978  20.627  1.00 90.34  ? 136 LEU A O   1 
ATOM   1127 C CB  . LEU A 1 139 ? -4.775  -5.796  20.893  1.00 96.72  ? 136 LEU A CB  1 
ATOM   1128 C CG  . LEU A 1 139 ? -4.909  -7.274  20.502  1.00 91.18  ? 136 LEU A CG  1 
ATOM   1129 C CD1 . LEU A 1 139 ? -4.908  -8.171  21.726  1.00 71.50  ? 136 LEU A CD1 1 
ATOM   1130 C CD2 . LEU A 1 139 ? -6.159  -7.515  19.668  1.00 73.75  ? 136 LEU A CD2 1 
ATOM   1131 N N   . LYS A 1 140 ? -3.529  -2.630  20.045  1.00 92.15  ? 137 LYS A N   1 
ATOM   1132 C CA  . LYS A 1 140 ? -3.620  -1.185  20.249  1.00 94.71  ? 137 LYS A CA  1 
ATOM   1133 C C   . LYS A 1 140 ? -3.906  -0.451  18.932  1.00 110.66 ? 137 LYS A C   1 
ATOM   1134 O O   . LYS A 1 140 ? -3.300  0.578   18.615  1.00 102.94 ? 137 LYS A O   1 
ATOM   1135 C CB  . LYS A 1 140 ? -2.332  -0.696  20.914  1.00 77.38  ? 137 LYS A CB  1 
ATOM   1136 C CG  . LYS A 1 140 ? -2.268  0.775   21.345  1.00 89.92  ? 137 LYS A CG  1 
ATOM   1137 C CD  . LYS A 1 140 ? -3.615  1.342   21.793  1.00 99.74  ? 137 LYS A CD  1 
ATOM   1138 C CE  . LYS A 1 140 ? -4.053  0.788   23.144  1.00 101.40 ? 137 LYS A CE  1 
ATOM   1139 N NZ  . LYS A 1 140 ? -3.413  1.540   24.269  1.00 92.94  ? 137 LYS A NZ  1 
ATOM   1140 N N   . ALA A 1 141 ? -4.831  -0.971  18.129  1.00 121.59 ? 138 ALA A N   1 
ATOM   1141 C CA  . ALA A 1 141 ? -5.153  -0.348  16.843  1.00 109.87 ? 138 ALA A CA  1 
ATOM   1142 C C   . ALA A 1 141 ? -6.608  -0.563  16.433  1.00 113.11 ? 138 ALA A C   1 
ATOM   1143 O O   . ALA A 1 141 ? -7.464  -0.930  17.238  1.00 104.93 ? 138 ALA A O   1 
ATOM   1144 C CB  . ALA A 1 141 ? -4.224  -0.874  15.753  1.00 81.96  ? 138 ALA A CB  1 
ATOM   1145 O OXT . ALA A 1 141 ? -6.956  -0.358  15.268  1.00 95.20  ? 138 ALA A OXT 1 
HETATM 1146 C C20 . EDX B 2 1   ? -7.077  -0.346  -18.245 1.00 63.14  ? 1   EDX C C20 1 
HETATM 1147 C C21 . EDX B 2 1   ? -8.207  -1.326  -17.935 1.00 68.77  ? 1   EDX C C21 1 
HETATM 1148 C C22 . EDX B 2 1   ? -7.974  -2.065  -16.616 1.00 79.99  ? 1   EDX C C22 1 
HETATM 1149 C C06 . EDX B 2 1   ? -6.533  1.476   -19.808 1.00 58.16  ? 1   EDX C C06 1 
HETATM 1150 C C08 . EDX B 2 1   ? -7.569  0.987   -18.807 1.00 61.08  ? 1   EDX C C08 1 
HETATM 1151 C C23 . EDX B 2 1   ? -7.090  -3.303  -16.772 1.00 86.20  ? 1   EDX C C23 1 
HETATM 1152 C C25 . EDX B 2 1   ? -4.592  -3.298  -16.714 1.00 75.29  ? 1   EDX C C25 1 
HETATM 1153 N N09 . EDX B 2 1   ? -8.847  0.822   -19.472 1.00 75.30  ? 1   EDX C N09 1 
HETATM 1154 N N24 . EDX B 2 1   ? -5.857  -3.156  -16.018 1.00 75.98  ? 1   EDX C N24 1 
HETATM 1155 N N26 . EDX B 2 1   ? -3.336  -3.158  -15.995 1.00 62.94  ? 1   EDX C N26 1 
HETATM 1156 N N27 . EDX B 2 1   ? -4.595  -3.543  -17.944 1.00 74.09  ? 1   EDX C N27 1 
HETATM 1157 O O07 . EDX B 2 1   ? -6.682  1.295   -20.967 1.00 55.14  ? 1   EDX C O07 1 
HETATM 1158 C C1  . EDX B 2 1   ? -9.625  2.001   -19.815 1.00 78.97  ? 1   EDX C C1  1 
HETATM 1159 O O2  . EDX B 2 1   ? -9.113  3.068   -19.823 1.00 72.18  ? 1   EDX C O2  1 
HETATM 1160 O O3  . EDX B 2 1   ? -10.988 1.873   -20.119 1.00 93.85  ? 1   EDX C O3  1 
HETATM 1161 C C2  . EDX B 2 1   ? -11.696 3.079   -20.040 1.00 85.84  ? 1   EDX C C2  1 
HETATM 1162 C C3  . EDX B 2 1   ? -12.925 2.884   -19.145 1.00 92.98  ? 1   EDX C C3  1 
HETATM 1163 C C4  . EDX B 2 1   ? -12.939 3.414   -17.864 1.00 92.59  ? 1   EDX C C4  1 
HETATM 1164 C C5  . EDX B 2 1   ? -14.050 3.242   -17.053 1.00 82.28  ? 1   EDX C C5  1 
HETATM 1165 C C6  . EDX B 2 1   ? -15.147 2.540   -17.522 1.00 82.78  ? 1   EDX C C6  1 
HETATM 1166 C C7  . EDX B 2 1   ? -15.135 2.010   -18.801 1.00 81.05  ? 1   EDX C C7  1 
HETATM 1167 C C8  . EDX B 2 1   ? -14.025 2.182   -19.614 1.00 83.28  ? 1   EDX C C8  1 
HETATM 1168 N N   . ALO B 2 2   ? -5.349  2.154   -19.313 1.00 69.06  ? 2   ALO C N   1 
HETATM 1169 C CA  . ALO B 2 2   ? -4.329  2.615   -20.227 1.00 52.70  ? 2   ALO C CA  1 
HETATM 1170 C CB  . ALO B 2 2   ? -3.401  3.557   -19.476 1.00 64.46  ? 2   ALO C CB  1 
HETATM 1171 C CG2 . ALO B 2 2   ? -2.703  2.770   -18.365 1.00 63.27  ? 2   ALO C CG2 1 
HETATM 1172 O OG1 . ALO B 2 2   ? -4.149  4.593   -18.911 1.00 80.86  ? 2   ALO C OG1 1 
HETATM 1173 C C   . ALO B 2 2   ? -3.511  1.394   -20.623 1.00 63.35  ? 2   ALO C C   1 
HETATM 1174 O O   . ALO B 2 2   ? -3.890  0.306   -20.349 1.00 65.50  ? 2   ALO C O   1 
ATOM   1175 N N   . ALA B 2 3   ? -2.252  1.547   -21.323 1.00 69.63  ? 3   ALA C N   1 
ATOM   1176 C CA  . ALA B 2 3   ? -1.530  0.338   -21.651 1.00 59.55  ? 3   ALA C CA  1 
ATOM   1177 C C   . ALA B 2 3   ? -0.807  -0.170  -20.401 1.00 76.05  ? 3   ALA C C   1 
ATOM   1178 O O   . ALA B 2 3   ? -0.480  0.601   -19.560 1.00 66.04  ? 3   ALA C O   1 
ATOM   1179 C CB  . ALA B 2 3   ? -0.511  0.623   -22.747 1.00 59.29  ? 3   ALA C CB  1 
HETATM 1180 C C28 . EE0 B 2 4   ? -2.078  -3.303  -16.708 1.00 67.33  ? 4   EE0 C C28 1 
HETATM 1181 C C29 . EE0 B 2 4   ? -1.824  -2.073  -17.578 1.00 68.64  ? 4   EE0 C C29 1 
HETATM 1182 C C30 . EE0 B 2 4   ? -0.340  -1.809  -17.810 1.00 70.39  ? 4   EE0 C C30 1 
HETATM 1183 C CA  . EE0 B 2 4   ? 0.134   -2.271  -19.190 1.00 71.31  ? 4   EE0 C CA  1 
HETATM 1184 C C   . EE0 B 2 4   ? 1.646   -2.105  -19.361 1.00 59.38  ? 4   EE0 C C   1 
HETATM 1185 N N   . EE0 B 2 4   ? -0.551  -1.602  -20.292 1.00 87.47  ? 4   EE0 C N   1 
HETATM 1186 O O   . EE0 B 2 4   ? 2.134   -2.336  -20.413 1.00 70.97  ? 4   EE0 C O   1 
HETATM 1187 C CA  . EE3 B 2 5   ? 3.939   -1.586  -18.581 1.00 59.83  ? 5   EE3 C CA  1 
HETATM 1188 C C36 . EE3 B 2 5   ? 4.458   -0.154  -18.415 1.00 63.00  ? 5   EE3 C C36 1 
HETATM 1189 C C37 . EE3 B 2 5   ? 4.838   0.205   -16.979 1.00 61.55  ? 5   EE3 C C37 1 
HETATM 1190 C C38 . EE3 B 2 5   ? 5.662   1.490   -16.910 1.00 57.08  ? 5   EE3 C C38 1 
HETATM 1191 C C39 . EE3 B 2 5   ? 4.998   2.583   -16.072 1.00 71.34  ? 5   EE3 C C39 1 
HETATM 1192 C C41 . EE3 B 2 5   ? 5.567   5.029   -15.762 1.00 69.87  ? 5   EE3 C C41 1 
HETATM 1193 C C43 . EE3 B 2 5   ? 6.607   6.103   -15.443 1.00 74.90  ? 5   EE3 C C43 1 
HETATM 1194 C C44 . EE3 B 2 5   ? 6.369   7.449   -15.225 1.00 63.63  ? 5   EE3 C C44 1 
HETATM 1195 C C46 . EE3 B 2 5   ? 8.481   7.111   -15.027 1.00 74.80  ? 5   EE3 C C46 1 
HETATM 1196 C C   . EE3 B 2 5   ? 4.691   -2.559  -17.676 1.00 56.17  ? 5   EE3 C C   1 
HETATM 1197 N N   . EE3 B 2 5   ? 2.518   -1.683  -18.283 1.00 60.56  ? 5   EE3 C N   1 
HETATM 1198 N N40 . EE3 B 2 5   ? 5.961   3.630   -15.770 1.00 63.39  ? 5   EE3 C N40 1 
HETATM 1199 N N45 . EE3 B 2 5   ? 7.530   8.026   -14.977 1.00 75.12  ? 5   EE3 C N45 1 
HETATM 1200 O O42 . EE3 B 2 5   ? 4.449   5.338   -16.001 1.00 69.76  ? 5   EE3 C O42 1 
HETATM 1201 O O47 . EE3 B 2 5   ? 7.931   5.918   -15.312 1.00 75.86  ? 5   EE3 C O47 1 
HETATM 1202 O O   . EE3 B 2 5   ? 5.838   -2.778  -17.865 1.00 73.89  ? 5   EE3 C O   1 
HETATM 1203 N N   . NH2 B 2 6   ? 3.998   -3.224  -16.589 1.00 52.26  ? 6   NH2 C N   1 
HETATM 1204 O O   . HOH C 3 .   ? -6.795  10.427  -0.872  1.00 72.78  ? 201 HOH A O   1 
HETATM 1205 O O   . HOH C 3 .   ? 2.457   4.979   -13.701 1.00 67.86  ? 202 HOH A O   1 
HETATM 1206 O O   . HOH C 3 .   ? 15.451  5.493   -13.844 1.00 65.47  ? 203 HOH A O   1 
HETATM 1207 O O   . HOH C 3 .   ? -1.601  17.155  -8.047  1.00 58.08  ? 204 HOH A O   1 
# 
loop_
_pdbx_poly_seq_scheme.asym_id 
_pdbx_poly_seq_scheme.entity_id 
_pdbx_poly_seq_scheme.seq_id 
_pdbx_poly_seq_scheme.mon_id 
_pdbx_poly_seq_scheme.ndb_seq_num 
_pdbx_poly_seq_scheme.pdb_seq_num 
_pdbx_poly_seq_scheme.auth_seq_num 
_pdbx_poly_seq_scheme.pdb_mon_id 
_pdbx_poly_seq_scheme.auth_mon_id 
_pdbx_poly_seq_scheme.pdb_strand_id 
_pdbx_poly_seq_scheme.pdb_ins_code 
_pdbx_poly_seq_scheme.hetero 
A 1 1   GLY 1   -2  ?   ?   ?   A . n 
A 1 2   SER 2   -1  ?   ?   ?   A . n 
A 1 3   HIS 3   0   ?   ?   ?   A . n 
A 1 4   MET 4   1   ?   ?   ?   A . n 
A 1 5   ALA 5   2   2   ALA ALA A . n 
A 1 6   SER 6   3   3   SER SER A . n 
A 1 7   SER 7   4   4   SER SER A . n 
A 1 8   CYS 8   5   5   CYS CYS A . n 
A 1 9   ALA 9   6   6   ALA ALA A . n 
A 1 10  VAL 10  7   7   VAL VAL A . n 
A 1 11  GLN 11  8   8   GLN GLN A . n 
A 1 12  VAL 12  9   9   VAL VAL A . n 
A 1 13  LYS 13  10  10  LYS LYS A . n 
A 1 14  LEU 14  11  11  LEU LEU A . n 
A 1 15  GLU 15  12  12  GLU GLU A . n 
A 1 16  LEU 16  13  13  LEU LEU A . n 
A 1 17  GLY 17  14  14  GLY GLY A . n 
A 1 18  HIS 18  15  15  HIS HIS A . n 
A 1 19  ARG 19  16  16  ARG ARG A . n 
A 1 20  ALA 20  17  17  ALA ALA A . n 
A 1 21  GLN 21  18  18  GLN GLN A . n 
A 1 22  VAL 22  19  19  VAL VAL A . n 
A 1 23  ARG 23  20  20  ARG ARG A . n 
A 1 24  LYS 24  21  21  LYS LYS A . n 
A 1 25  LYS 25  22  22  LYS LYS A . n 
A 1 26  PRO 26  23  23  PRO PRO A . n 
A 1 27  THR 27  24  24  THR THR A . n 
A 1 28  VAL 28  25  25  VAL VAL A . n 
A 1 29  GLU 29  26  26  GLU GLU A . n 
A 1 30  GLY 30  27  27  GLY GLY A . n 
A 1 31  PHE 31  28  28  PHE PHE A . n 
A 1 32  THR 32  29  29  THR THR A . n 
A 1 33  HIS 33  30  30  HIS HIS A . n 
A 1 34  ASP 34  31  31  ASP ASP A . n 
A 1 35  TRP 35  32  32  TRP TRP A . n 
A 1 36  MET 36  33  33  MET MET A . n 
A 1 37  VAL 37  34  34  VAL VAL A . n 
A 1 38  PHE 38  35  35  PHE PHE A . n 
A 1 39  VAL 39  36  36  VAL VAL A . n 
A 1 40  ARG 40  37  37  ARG ARG A . n 
A 1 41  GLY 41  38  38  GLY GLY A . n 
A 1 42  PRO 42  39  39  PRO PRO A . n 
A 1 43  GLU 43  40  40  GLU GLU A . n 
A 1 44  HIS 44  41  41  HIS HIS A . n 
A 1 45  SER 45  42  42  SER SER A . n 
A 1 46  ASN 46  43  43  ASN ASN A . n 
A 1 47  ILE 47  44  44  ILE ILE A . n 
A 1 48  GLN 48  45  45  GLN GLN A . n 
A 1 49  HIS 49  46  46  HIS HIS A . n 
A 1 50  PHE 50  47  47  PHE PHE A . n 
A 1 51  VAL 51  48  48  VAL VAL A . n 
A 1 52  GLU 52  49  49  GLU GLU A . n 
A 1 53  LYS 53  50  50  LYS LYS A . n 
A 1 54  VAL 54  51  51  VAL VAL A . n 
A 1 55  VAL 55  52  52  VAL VAL A . n 
A 1 56  PHE 56  53  53  PHE PHE A . n 
A 1 57  HIS 57  54  54  HIS HIS A . n 
A 1 58  LEU 58  55  55  LEU LEU A . n 
A 1 59  HIS 59  56  56  HIS HIS A . n 
A 1 60  GLU 60  57  57  GLU GLU A . n 
A 1 61  SER 61  58  58  SER SER A . n 
A 1 62  PHE 62  59  59  PHE PHE A . n 
A 1 63  PRO 63  60  60  PRO PRO A . n 
A 1 64  ARG 64  61  61  ARG ARG A . n 
A 1 65  PRO 65  62  62  PRO PRO A . n 
A 1 66  LYS 66  63  63  LYS LYS A . n 
A 1 67  ARG 67  64  64  ARG ARG A . n 
A 1 68  VAL 68  65  65  VAL VAL A . n 
A 1 69  CYS 69  66  66  CYS CYS A . n 
A 1 70  LYS 70  67  67  LYS LYS A . n 
A 1 71  ASP 71  68  68  ASP ASP A . n 
A 1 72  PRO 72  69  69  PRO PRO A . n 
A 1 73  PRO 73  70  70  PRO PRO A . n 
A 1 74  TYR 74  71  71  TYR TYR A . n 
A 1 75  LYS 75  72  72  LYS LYS A . n 
A 1 76  VAL 76  73  73  VAL VAL A . n 
A 1 77  GLU 77  74  74  GLU GLU A . n 
A 1 78  GLU 78  75  75  GLU GLU A . n 
A 1 79  SER 79  76  76  SER SER A . n 
A 1 80  GLY 80  77  77  GLY GLY A . n 
A 1 81  TYR 81  78  78  TYR TYR A . n 
A 1 82  ALA 82  79  79  ALA ALA A . n 
A 1 83  GLY 83  80  80  GLY GLY A . n 
A 1 84  PHE 84  81  81  PHE PHE A . n 
A 1 85  ILE 85  82  82  ILE ILE A . n 
A 1 86  LEU 86  83  83  LEU LEU A . n 
A 1 87  PRO 87  84  84  PRO PRO A . n 
A 1 88  ILE 88  85  85  ILE ILE A . n 
A 1 89  GLU 89  86  86  GLU GLU A . n 
A 1 90  VAL 90  87  87  VAL VAL A . n 
A 1 91  TYR 91  88  88  TYR TYR A . n 
A 1 92  PHE 92  89  89  PHE PHE A . n 
A 1 93  LYS 93  90  90  LYS LYS A . n 
A 1 94  ASN 94  91  91  ASN ASN A . n 
A 1 95  LYS 95  92  92  LYS LYS A . n 
A 1 96  GLU 96  93  93  GLU GLU A . n 
A 1 97  GLU 97  94  94  GLU GLU A . n 
A 1 98  PRO 98  95  95  PRO PRO A . n 
A 1 99  ARG 99  96  96  ARG ARG A . n 
A 1 100 LYS 100 97  97  LYS LYS A . n 
A 1 101 VAL 101 98  98  VAL VAL A . n 
A 1 102 ARG 102 99  99  ARG ARG A . n 
A 1 103 PHE 103 100 100 PHE PHE A . n 
A 1 104 ASP 104 101 101 ASP ASP A . n 
A 1 105 TYR 105 102 102 TYR TYR A . n 
A 1 106 ASP 106 103 103 ASP ASP A . n 
A 1 107 LEU 107 104 104 LEU LEU A . n 
A 1 108 PHE 108 105 105 PHE PHE A . n 
A 1 109 LEU 109 106 106 LEU LEU A . n 
A 1 110 HIS 110 107 107 HIS HIS A . n 
A 1 111 LEU 111 108 108 LEU LEU A . n 
A 1 112 GLU 112 109 109 GLU GLU A . n 
A 1 113 GLY 113 110 110 GLY GLY A . n 
A 1 114 HIS 114 111 111 HIS HIS A . n 
A 1 115 PRO 115 112 112 PRO PRO A . n 
A 1 116 PRO 116 113 113 PRO PRO A . n 
A 1 117 VAL 117 114 114 VAL VAL A . n 
A 1 118 ASN 118 115 115 ASN ASN A . n 
A 1 119 HIS 119 116 116 HIS HIS A . n 
A 1 120 LEU 120 117 117 LEU LEU A . n 
A 1 121 ARG 121 118 118 ARG ARG A . n 
A 1 122 CYS 122 119 119 CYS CYS A . n 
A 1 123 GLU 123 120 120 GLU GLU A . n 
A 1 124 LYS 124 121 121 LYS LYS A . n 
A 1 125 LEU 125 122 122 LEU LEU A . n 
A 1 126 THR 126 123 123 THR THR A . n 
A 1 127 PHE 127 124 124 PHE PHE A . n 
A 1 128 ASN 128 125 125 ASN ASN A . n 
A 1 129 ASN 129 126 126 ASN ASN A . n 
A 1 130 PRO 130 127 127 PRO PRO A . n 
A 1 131 THR 131 128 128 THR THR A . n 
A 1 132 GLU 132 129 129 GLU GLU A . n 
A 1 133 ASP 133 130 130 ASP ASP A . n 
A 1 134 PHE 134 131 131 PHE PHE A . n 
A 1 135 ARG 135 132 132 ARG ARG A . n 
A 1 136 ARG 136 133 133 ARG ARG A . n 
A 1 137 LYS 137 134 134 LYS LYS A . n 
A 1 138 LEU 138 135 135 LEU LEU A . n 
A 1 139 LEU 139 136 136 LEU LEU A . n 
A 1 140 LYS 140 137 137 LYS LYS A . n 
A 1 141 ALA 141 138 138 ALA ALA A . n 
B 2 1   EDX 1   1   1   EDX LIG C . n 
B 2 2   ALO 2   2   1   ALO LIG C . n 
B 2 3   ALA 3   3   1   ALA LIG C . n 
B 2 4   EE0 4   4   1   EE0 LIG C . n 
B 2 5   EE3 5   5   1   EE3 LIG C . n 
B 2 6   NH2 6   6   1   NH2 LIG C . n 
# 
loop_
_pdbx_nonpoly_scheme.asym_id 
_pdbx_nonpoly_scheme.entity_id 
_pdbx_nonpoly_scheme.mon_id 
_pdbx_nonpoly_scheme.ndb_seq_num 
_pdbx_nonpoly_scheme.pdb_seq_num 
_pdbx_nonpoly_scheme.auth_seq_num 
_pdbx_nonpoly_scheme.pdb_mon_id 
_pdbx_nonpoly_scheme.auth_mon_id 
_pdbx_nonpoly_scheme.pdb_strand_id 
_pdbx_nonpoly_scheme.pdb_ins_code 
C 3 HOH 1 201 3 HOH HOH A . 
C 3 HOH 2 202 4 HOH HOH A . 
C 3 HOH 3 203 1 HOH HOH A . 
C 3 HOH 4 204 2 HOH HOH A . 
# 
_pdbx_struct_assembly.id                   1 
_pdbx_struct_assembly.details              author_defined_assembly 
_pdbx_struct_assembly.method_details       ? 
_pdbx_struct_assembly.oligomeric_details   dimeric 
_pdbx_struct_assembly.oligomeric_count     2 
# 
_pdbx_struct_assembly_gen.assembly_id       1 
_pdbx_struct_assembly_gen.oper_expression   1 
_pdbx_struct_assembly_gen.asym_id_list      A,B,C 
# 
_pdbx_struct_oper_list.id                   1 
_pdbx_struct_oper_list.type                 'identity operation' 
_pdbx_struct_oper_list.name                 1_555 
_pdbx_struct_oper_list.symmetry_operation   x,y,z 
_pdbx_struct_oper_list.matrix[1][1]         1.0000000000 
_pdbx_struct_oper_list.matrix[1][2]         0.0000000000 
_pdbx_struct_oper_list.matrix[1][3]         0.0000000000 
_pdbx_struct_oper_list.vector[1]            0.0000000000 
_pdbx_struct_oper_list.matrix[2][1]         0.0000000000 
_pdbx_struct_oper_list.matrix[2][2]         1.0000000000 
_pdbx_struct_oper_list.matrix[2][3]         0.0000000000 
_pdbx_struct_oper_list.vector[2]            0.0000000000 
_pdbx_struct_oper_list.matrix[3][1]         0.0000000000 
_pdbx_struct_oper_list.matrix[3][2]         0.0000000000 
_pdbx_struct_oper_list.matrix[3][3]         1.0000000000 
_pdbx_struct_oper_list.vector[3]            0.0000000000 
# 
loop_
_pdbx_audit_revision_history.ordinal 
_pdbx_audit_revision_history.data_content_type 
_pdbx_audit_revision_history.major_revision 
_pdbx_audit_revision_history.minor_revision 
_pdbx_audit_revision_history.revision_date 
1 'Structure model' 1 0 2020-10-28 
2 'Structure model' 1 1 2021-05-05 
3 'Structure model' 2 0 2023-11-15 
4 'Structure model' 2 1 2023-11-22 
# 
_pdbx_audit_revision_details.ordinal             1 
_pdbx_audit_revision_details.revision_ordinal    1 
_pdbx_audit_revision_details.data_content_type   'Structure model' 
_pdbx_audit_revision_details.provider            repository 
_pdbx_audit_revision_details.type                'Initial release' 
_pdbx_audit_revision_details.description         ? 
_pdbx_audit_revision_details.details             ? 
# 
loop_
_pdbx_audit_revision_group.ordinal 
_pdbx_audit_revision_group.revision_ordinal 
_pdbx_audit_revision_group.data_content_type 
_pdbx_audit_revision_group.group 
1 2 'Structure model' 'Database references'    
2 3 'Structure model' 'Atomic model'           
3 3 'Structure model' 'Data collection'        
4 3 'Structure model' 'Database references'    
5 3 'Structure model' 'Derived calculations'   
6 4 'Structure model' 'Refinement description' 
# 
loop_
_pdbx_audit_revision_category.ordinal 
_pdbx_audit_revision_category.revision_ordinal 
_pdbx_audit_revision_category.data_content_type 
_pdbx_audit_revision_category.category 
1 2 'Structure model' citation                      
2 2 'Structure model' citation_author               
3 3 'Structure model' atom_site                     
4 3 'Structure model' chem_comp_atom                
5 3 'Structure model' chem_comp_bond                
6 3 'Structure model' database_2                    
7 3 'Structure model' struct_conn                   
8 4 'Structure model' pdbx_initial_refinement_model 
# 
loop_
_pdbx_audit_revision_item.ordinal 
_pdbx_audit_revision_item.revision_ordinal 
_pdbx_audit_revision_item.data_content_type 
_pdbx_audit_revision_item.item 
1  2 'Structure model' '_citation.country'                   
2  2 'Structure model' '_citation.journal_abbrev'            
3  2 'Structure model' '_citation.journal_id_ASTM'           
4  2 'Structure model' '_citation.journal_id_CSD'            
5  2 'Structure model' '_citation.journal_id_ISSN'           
6  2 'Structure model' '_citation.journal_volume'            
7  2 'Structure model' '_citation.page_first'                
8  2 'Structure model' '_citation.page_last'                 
9  2 'Structure model' '_citation.pdbx_database_id_DOI'      
10 2 'Structure model' '_citation.pdbx_database_id_PubMed'   
11 2 'Structure model' '_citation.title'                     
12 2 'Structure model' '_citation.year'                      
13 3 'Structure model' '_atom_site.auth_atom_id'             
14 3 'Structure model' '_atom_site.label_atom_id'            
15 3 'Structure model' '_database_2.pdbx_DOI'                
16 3 'Structure model' '_database_2.pdbx_database_accession' 
17 3 'Structure model' '_struct_conn.pdbx_leaving_atom_flag' 
18 3 'Structure model' '_struct_conn.ptnr1_label_atom_id'    
19 3 'Structure model' '_struct_conn.ptnr2_label_atom_id'    
# 
loop_
_software.citation_id 
_software.classification 
_software.compiler_name 
_software.compiler_version 
_software.contact_author 
_software.contact_author_email 
_software.date 
_software.description 
_software.dependencies 
_software.hardware 
_software.language 
_software.location 
_software.mods 
_software.name 
_software.os 
_software.os_version 
_software.type 
_software.version 
_software.pdbx_ordinal 
? refinement        ? ? ? ? ? ? ? ? ? ? ? PHENIX      ? ? ? 1.17.1_3660 1 
? 'data scaling'    ? ? ? ? ? ? ? ? ? ? ? HKL-2000    ? ? ? .           2 
? 'data extraction' ? ? ? ? ? ? ? ? ? ? ? PDB_EXTRACT ? ? ? 3.25        3 
? 'data reduction'  ? ? ? ? ? ? ? ? ? ? ? HKL-2000    ? ? ? .           4 
? phasing           ? ? ? ? ? ? ? ? ? ? ? MOLREP      ? ? ? .           5 
# 
_pdbx_entry_details.entry_id                 6L5Z 
_pdbx_entry_details.nonpolymer_details       ? 
_pdbx_entry_details.sequence_details         ? 
_pdbx_entry_details.compound_details         ? 
_pdbx_entry_details.source_details           ? 
_pdbx_entry_details.has_ligand_of_interest   Y 
# 
_pdbx_validate_torsion.id              1 
_pdbx_validate_torsion.PDB_model_num   1 
_pdbx_validate_torsion.auth_comp_id    LYS 
_pdbx_validate_torsion.auth_asym_id    A 
_pdbx_validate_torsion.auth_seq_id     137 
_pdbx_validate_torsion.PDB_ins_code    ? 
_pdbx_validate_torsion.label_alt_id    ? 
_pdbx_validate_torsion.phi             -91.15 
_pdbx_validate_torsion.psi             43.92 
# 
loop_
_pdbx_unobs_or_zero_occ_residues.id 
_pdbx_unobs_or_zero_occ_residues.PDB_model_num 
_pdbx_unobs_or_zero_occ_residues.polymer_flag 
_pdbx_unobs_or_zero_occ_residues.occupancy_flag 
_pdbx_unobs_or_zero_occ_residues.auth_asym_id 
_pdbx_unobs_or_zero_occ_residues.auth_comp_id 
_pdbx_unobs_or_zero_occ_residues.auth_seq_id 
_pdbx_unobs_or_zero_occ_residues.PDB_ins_code 
_pdbx_unobs_or_zero_occ_residues.label_asym_id 
_pdbx_unobs_or_zero_occ_residues.label_comp_id 
_pdbx_unobs_or_zero_occ_residues.label_seq_id 
1 1 Y 1 A GLY -2 ? A GLY 1 
2 1 Y 1 A SER -1 ? A SER 2 
3 1 Y 1 A HIS 0  ? A HIS 3 
4 1 Y 1 A MET 1  ? A MET 4 
# 
loop_
_chem_comp_atom.comp_id 
_chem_comp_atom.atom_id 
_chem_comp_atom.type_symbol 
_chem_comp_atom.pdbx_aromatic_flag 
_chem_comp_atom.pdbx_stereo_config 
_chem_comp_atom.pdbx_ordinal 
ALA N    N N N 1   
ALA CA   C N S 2   
ALA C    C N N 3   
ALA O    O N N 4   
ALA CB   C N N 5   
ALA OXT  O N N 6   
ALA H    H N N 7   
ALA H2   H N N 8   
ALA HA   H N N 9   
ALA HB1  H N N 10  
ALA HB2  H N N 11  
ALA HB3  H N N 12  
ALA HXT  H N N 13  
ALO N    N N N 14  
ALO CA   C N S 15  
ALO CB   C N S 16  
ALO CG2  C N N 17  
ALO OG1  O N N 18  
ALO C    C N N 19  
ALO O    O N N 20  
ALO OXT  O N N 21  
ALO H    H N N 22  
ALO H2   H N N 23  
ALO HA   H N N 24  
ALO HB   H N N 25  
ALO HG21 H N N 26  
ALO HG22 H N N 27  
ALO HG23 H N N 28  
ALO HG1  H N N 29  
ALO HXT  H N N 30  
ARG N    N N N 31  
ARG CA   C N S 32  
ARG C    C N N 33  
ARG O    O N N 34  
ARG CB   C N N 35  
ARG CG   C N N 36  
ARG CD   C N N 37  
ARG NE   N N N 38  
ARG CZ   C N N 39  
ARG NH1  N N N 40  
ARG NH2  N N N 41  
ARG OXT  O N N 42  
ARG H    H N N 43  
ARG H2   H N N 44  
ARG HA   H N N 45  
ARG HB2  H N N 46  
ARG HB3  H N N 47  
ARG HG2  H N N 48  
ARG HG3  H N N 49  
ARG HD2  H N N 50  
ARG HD3  H N N 51  
ARG HE   H N N 52  
ARG HH11 H N N 53  
ARG HH12 H N N 54  
ARG HH21 H N N 55  
ARG HH22 H N N 56  
ARG HXT  H N N 57  
ASN N    N N N 58  
ASN CA   C N S 59  
ASN C    C N N 60  
ASN O    O N N 61  
ASN CB   C N N 62  
ASN CG   C N N 63  
ASN OD1  O N N 64  
ASN ND2  N N N 65  
ASN OXT  O N N 66  
ASN H    H N N 67  
ASN H2   H N N 68  
ASN HA   H N N 69  
ASN HB2  H N N 70  
ASN HB3  H N N 71  
ASN HD21 H N N 72  
ASN HD22 H N N 73  
ASN HXT  H N N 74  
ASP N    N N N 75  
ASP CA   C N S 76  
ASP C    C N N 77  
ASP O    O N N 78  
ASP CB   C N N 79  
ASP CG   C N N 80  
ASP OD1  O N N 81  
ASP OD2  O N N 82  
ASP OXT  O N N 83  
ASP H    H N N 84  
ASP H2   H N N 85  
ASP HA   H N N 86  
ASP HB2  H N N 87  
ASP HB3  H N N 88  
ASP HD2  H N N 89  
ASP HXT  H N N 90  
CYS N    N N N 91  
CYS CA   C N R 92  
CYS C    C N N 93  
CYS O    O N N 94  
CYS CB   C N N 95  
CYS SG   S N N 96  
CYS OXT  O N N 97  
CYS H    H N N 98  
CYS H2   H N N 99  
CYS HA   H N N 100 
CYS HB2  H N N 101 
CYS HB3  H N N 102 
CYS HG   H N N 103 
CYS HXT  H N N 104 
EDX C20  C N N 105 
EDX C21  C N N 106 
EDX C22  C N N 107 
EDX C06  C N N 108 
EDX C08  C N S 109 
EDX C23  C N N 110 
EDX C25  C N N 111 
EDX N09  N N N 112 
EDX N24  N N N 113 
EDX N26  N N N 114 
EDX N27  N N N 115 
EDX O07  O N N 116 
EDX O1   O N N 117 
EDX H1   H N N 118 
EDX H2   H N N 119 
EDX H3   H N N 120 
EDX H4   H N N 121 
EDX H5   H N N 122 
EDX H6   H N N 123 
EDX H7   H N N 124 
EDX H8   H N N 125 
EDX H9   H N N 126 
EDX H10  H N N 127 
EDX H13  H N N 128 
EDX H14  H N N 129 
EDX H15  H N N 130 
EDX H16  H N N 131 
EDX H17  H N N 132 
EDX C1   C N N 133 
EDX O2   O N N 134 
EDX O3   O N N 135 
EDX C2   C N N 136 
EDX C3   C Y N 137 
EDX C4   C Y N 138 
EDX C5   C Y N 139 
EDX C6   C Y N 140 
EDX C7   C Y N 141 
EDX C8   C Y N 142 
EDX H11  H N N 143 
EDX H12  H N N 144 
EDX H18  H N N 145 
EDX H19  H N N 146 
EDX H20  H N N 147 
EDX H21  H N N 148 
EDX H22  H N N 149 
EE0 C28  C N N 150 
EE0 C29  C N N 151 
EE0 C30  C N N 152 
EE0 CA   C N R 153 
EE0 C    C N N 154 
EE0 N    N N N 155 
EE0 O    O N N 156 
EE0 OXT  O N N 157 
EE0 H1   H N N 158 
EE0 H8   H N N 159 
EE0 H3   H N N 160 
EE0 H4   H N N 161 
EE0 H5   H N N 162 
EE0 H6   H N N 163 
EE0 H7   H N N 164 
EE0 HA   H N N 165 
EE0 H    H N N 166 
EE0 H2   H N N 167 
EE0 HXT  H N N 168 
EE3 CA   C N S 169 
EE3 C36  C N N 170 
EE3 C37  C N N 171 
EE3 C38  C N N 172 
EE3 C39  C N N 173 
EE3 C41  C N N 174 
EE3 C43  C Y N 175 
EE3 C44  C Y N 176 
EE3 C46  C Y N 177 
EE3 C    C N N 178 
EE3 N    N N N 179 
EE3 N40  N N N 180 
EE3 N45  N Y N 181 
EE3 O42  O N N 182 
EE3 O47  O Y N 183 
EE3 O    O N N 184 
EE3 HA   H N N 185 
EE3 H1   H N N 186 
EE3 H3   H N N 187 
EE3 H4   H N N 188 
EE3 H5   H N N 189 
EE3 H6   H N N 190 
EE3 H7   H N N 191 
EE3 H8   H N N 192 
EE3 H9   H N N 193 
EE3 H10  H N N 194 
EE3 H11  H N N 195 
EE3 H    H N N 196 
EE3 H2   H N N 197 
EE3 H16  H N N 198 
EE3 OXT  O N N 199 
EE3 HXT  H N N 200 
GLN N    N N N 201 
GLN CA   C N S 202 
GLN C    C N N 203 
GLN O    O N N 204 
GLN CB   C N N 205 
GLN CG   C N N 206 
GLN CD   C N N 207 
GLN OE1  O N N 208 
GLN NE2  N N N 209 
GLN OXT  O N N 210 
GLN H    H N N 211 
GLN H2   H N N 212 
GLN HA   H N N 213 
GLN HB2  H N N 214 
GLN HB3  H N N 215 
GLN HG2  H N N 216 
GLN HG3  H N N 217 
GLN HE21 H N N 218 
GLN HE22 H N N 219 
GLN HXT  H N N 220 
GLU N    N N N 221 
GLU CA   C N S 222 
GLU C    C N N 223 
GLU O    O N N 224 
GLU CB   C N N 225 
GLU CG   C N N 226 
GLU CD   C N N 227 
GLU OE1  O N N 228 
GLU OE2  O N N 229 
GLU OXT  O N N 230 
GLU H    H N N 231 
GLU H2   H N N 232 
GLU HA   H N N 233 
GLU HB2  H N N 234 
GLU HB3  H N N 235 
GLU HG2  H N N 236 
GLU HG3  H N N 237 
GLU HE2  H N N 238 
GLU HXT  H N N 239 
GLY N    N N N 240 
GLY CA   C N N 241 
GLY C    C N N 242 
GLY O    O N N 243 
GLY OXT  O N N 244 
GLY H    H N N 245 
GLY H2   H N N 246 
GLY HA2  H N N 247 
GLY HA3  H N N 248 
GLY HXT  H N N 249 
HIS N    N N N 250 
HIS CA   C N S 251 
HIS C    C N N 252 
HIS O    O N N 253 
HIS CB   C N N 254 
HIS CG   C Y N 255 
HIS ND1  N Y N 256 
HIS CD2  C Y N 257 
HIS CE1  C Y N 258 
HIS NE2  N Y N 259 
HIS OXT  O N N 260 
HIS H    H N N 261 
HIS H2   H N N 262 
HIS HA   H N N 263 
HIS HB2  H N N 264 
HIS HB3  H N N 265 
HIS HD1  H N N 266 
HIS HD2  H N N 267 
HIS HE1  H N N 268 
HIS HE2  H N N 269 
HIS HXT  H N N 270 
HOH O    O N N 271 
HOH H1   H N N 272 
HOH H2   H N N 273 
ILE N    N N N 274 
ILE CA   C N S 275 
ILE C    C N N 276 
ILE O    O N N 277 
ILE CB   C N S 278 
ILE CG1  C N N 279 
ILE CG2  C N N 280 
ILE CD1  C N N 281 
ILE OXT  O N N 282 
ILE H    H N N 283 
ILE H2   H N N 284 
ILE HA   H N N 285 
ILE HB   H N N 286 
ILE HG12 H N N 287 
ILE HG13 H N N 288 
ILE HG21 H N N 289 
ILE HG22 H N N 290 
ILE HG23 H N N 291 
ILE HD11 H N N 292 
ILE HD12 H N N 293 
ILE HD13 H N N 294 
ILE HXT  H N N 295 
LEU N    N N N 296 
LEU CA   C N S 297 
LEU C    C N N 298 
LEU O    O N N 299 
LEU CB   C N N 300 
LEU CG   C N N 301 
LEU CD1  C N N 302 
LEU CD2  C N N 303 
LEU OXT  O N N 304 
LEU H    H N N 305 
LEU H2   H N N 306 
LEU HA   H N N 307 
LEU HB2  H N N 308 
LEU HB3  H N N 309 
LEU HG   H N N 310 
LEU HD11 H N N 311 
LEU HD12 H N N 312 
LEU HD13 H N N 313 
LEU HD21 H N N 314 
LEU HD22 H N N 315 
LEU HD23 H N N 316 
LEU HXT  H N N 317 
LYS N    N N N 318 
LYS CA   C N S 319 
LYS C    C N N 320 
LYS O    O N N 321 
LYS CB   C N N 322 
LYS CG   C N N 323 
LYS CD   C N N 324 
LYS CE   C N N 325 
LYS NZ   N N N 326 
LYS OXT  O N N 327 
LYS H    H N N 328 
LYS H2   H N N 329 
LYS HA   H N N 330 
LYS HB2  H N N 331 
LYS HB3  H N N 332 
LYS HG2  H N N 333 
LYS HG3  H N N 334 
LYS HD2  H N N 335 
LYS HD3  H N N 336 
LYS HE2  H N N 337 
LYS HE3  H N N 338 
LYS HZ1  H N N 339 
LYS HZ2  H N N 340 
LYS HZ3  H N N 341 
LYS HXT  H N N 342 
MET N    N N N 343 
MET CA   C N S 344 
MET C    C N N 345 
MET O    O N N 346 
MET CB   C N N 347 
MET CG   C N N 348 
MET SD   S N N 349 
MET CE   C N N 350 
MET OXT  O N N 351 
MET H    H N N 352 
MET H2   H N N 353 
MET HA   H N N 354 
MET HB2  H N N 355 
MET HB3  H N N 356 
MET HG2  H N N 357 
MET HG3  H N N 358 
MET HE1  H N N 359 
MET HE2  H N N 360 
MET HE3  H N N 361 
MET HXT  H N N 362 
NH2 N    N N N 363 
NH2 HN1  H N N 364 
NH2 HN2  H N N 365 
PHE N    N N N 366 
PHE CA   C N S 367 
PHE C    C N N 368 
PHE O    O N N 369 
PHE CB   C N N 370 
PHE CG   C Y N 371 
PHE CD1  C Y N 372 
PHE CD2  C Y N 373 
PHE CE1  C Y N 374 
PHE CE2  C Y N 375 
PHE CZ   C Y N 376 
PHE OXT  O N N 377 
PHE H    H N N 378 
PHE H2   H N N 379 
PHE HA   H N N 380 
PHE HB2  H N N 381 
PHE HB3  H N N 382 
PHE HD1  H N N 383 
PHE HD2  H N N 384 
PHE HE1  H N N 385 
PHE HE2  H N N 386 
PHE HZ   H N N 387 
PHE HXT  H N N 388 
PRO N    N N N 389 
PRO CA   C N S 390 
PRO C    C N N 391 
PRO O    O N N 392 
PRO CB   C N N 393 
PRO CG   C N N 394 
PRO CD   C N N 395 
PRO OXT  O N N 396 
PRO H    H N N 397 
PRO HA   H N N 398 
PRO HB2  H N N 399 
PRO HB3  H N N 400 
PRO HG2  H N N 401 
PRO HG3  H N N 402 
PRO HD2  H N N 403 
PRO HD3  H N N 404 
PRO HXT  H N N 405 
SER N    N N N 406 
SER CA   C N S 407 
SER C    C N N 408 
SER O    O N N 409 
SER CB   C N N 410 
SER OG   O N N 411 
SER OXT  O N N 412 
SER H    H N N 413 
SER H2   H N N 414 
SER HA   H N N 415 
SER HB2  H N N 416 
SER HB3  H N N 417 
SER HG   H N N 418 
SER HXT  H N N 419 
THR N    N N N 420 
THR CA   C N S 421 
THR C    C N N 422 
THR O    O N N 423 
THR CB   C N R 424 
THR OG1  O N N 425 
THR CG2  C N N 426 
THR OXT  O N N 427 
THR H    H N N 428 
THR H2   H N N 429 
THR HA   H N N 430 
THR HB   H N N 431 
THR HG1  H N N 432 
THR HG21 H N N 433 
THR HG22 H N N 434 
THR HG23 H N N 435 
THR HXT  H N N 436 
TRP N    N N N 437 
TRP CA   C N S 438 
TRP C    C N N 439 
TRP O    O N N 440 
TRP CB   C N N 441 
TRP CG   C Y N 442 
TRP CD1  C Y N 443 
TRP CD2  C Y N 444 
TRP NE1  N Y N 445 
TRP CE2  C Y N 446 
TRP CE3  C Y N 447 
TRP CZ2  C Y N 448 
TRP CZ3  C Y N 449 
TRP CH2  C Y N 450 
TRP OXT  O N N 451 
TRP H    H N N 452 
TRP H2   H N N 453 
TRP HA   H N N 454 
TRP HB2  H N N 455 
TRP HB3  H N N 456 
TRP HD1  H N N 457 
TRP HE1  H N N 458 
TRP HE3  H N N 459 
TRP HZ2  H N N 460 
TRP HZ3  H N N 461 
TRP HH2  H N N 462 
TRP HXT  H N N 463 
TYR N    N N N 464 
TYR CA   C N S 465 
TYR C    C N N 466 
TYR O    O N N 467 
TYR CB   C N N 468 
TYR CG   C Y N 469 
TYR CD1  C Y N 470 
TYR CD2  C Y N 471 
TYR CE1  C Y N 472 
TYR CE2  C Y N 473 
TYR CZ   C Y N 474 
TYR OH   O N N 475 
TYR OXT  O N N 476 
TYR H    H N N 477 
TYR H2   H N N 478 
TYR HA   H N N 479 
TYR HB2  H N N 480 
TYR HB3  H N N 481 
TYR HD1  H N N 482 
TYR HD2  H N N 483 
TYR HE1  H N N 484 
TYR HE2  H N N 485 
TYR HH   H N N 486 
TYR HXT  H N N 487 
VAL N    N N N 488 
VAL CA   C N S 489 
VAL C    C N N 490 
VAL O    O N N 491 
VAL CB   C N N 492 
VAL CG1  C N N 493 
VAL CG2  C N N 494 
VAL OXT  O N N 495 
VAL H    H N N 496 
VAL H2   H N N 497 
VAL HA   H N N 498 
VAL HB   H N N 499 
VAL HG11 H N N 500 
VAL HG12 H N N 501 
VAL HG13 H N N 502 
VAL HG21 H N N 503 
VAL HG22 H N N 504 
VAL HG23 H N N 505 
VAL HXT  H N N 506 
# 
loop_
_chem_comp_bond.comp_id 
_chem_comp_bond.atom_id_1 
_chem_comp_bond.atom_id_2 
_chem_comp_bond.value_order 
_chem_comp_bond.pdbx_aromatic_flag 
_chem_comp_bond.pdbx_stereo_config 
_chem_comp_bond.pdbx_ordinal 
ALA N   CA   sing N N 1   
ALA N   H    sing N N 2   
ALA N   H2   sing N N 3   
ALA CA  C    sing N N 4   
ALA CA  CB   sing N N 5   
ALA CA  HA   sing N N 6   
ALA C   O    doub N N 7   
ALA C   OXT  sing N N 8   
ALA CB  HB1  sing N N 9   
ALA CB  HB2  sing N N 10  
ALA CB  HB3  sing N N 11  
ALA OXT HXT  sing N N 12  
ALO N   CA   sing N N 13  
ALO N   H    sing N N 14  
ALO N   H2   sing N N 15  
ALO CA  CB   sing N N 16  
ALO CA  C    sing N N 17  
ALO CA  HA   sing N N 18  
ALO CB  CG2  sing N N 19  
ALO CB  OG1  sing N N 20  
ALO CB  HB   sing N N 21  
ALO CG2 HG21 sing N N 22  
ALO CG2 HG22 sing N N 23  
ALO CG2 HG23 sing N N 24  
ALO OG1 HG1  sing N N 25  
ALO C   O    doub N N 26  
ALO C   OXT  sing N N 27  
ALO OXT HXT  sing N N 28  
ARG N   CA   sing N N 29  
ARG N   H    sing N N 30  
ARG N   H2   sing N N 31  
ARG CA  C    sing N N 32  
ARG CA  CB   sing N N 33  
ARG CA  HA   sing N N 34  
ARG C   O    doub N N 35  
ARG C   OXT  sing N N 36  
ARG CB  CG   sing N N 37  
ARG CB  HB2  sing N N 38  
ARG CB  HB3  sing N N 39  
ARG CG  CD   sing N N 40  
ARG CG  HG2  sing N N 41  
ARG CG  HG3  sing N N 42  
ARG CD  NE   sing N N 43  
ARG CD  HD2  sing N N 44  
ARG CD  HD3  sing N N 45  
ARG NE  CZ   sing N N 46  
ARG NE  HE   sing N N 47  
ARG CZ  NH1  sing N N 48  
ARG CZ  NH2  doub N N 49  
ARG NH1 HH11 sing N N 50  
ARG NH1 HH12 sing N N 51  
ARG NH2 HH21 sing N N 52  
ARG NH2 HH22 sing N N 53  
ARG OXT HXT  sing N N 54  
ASN N   CA   sing N N 55  
ASN N   H    sing N N 56  
ASN N   H2   sing N N 57  
ASN CA  C    sing N N 58  
ASN CA  CB   sing N N 59  
ASN CA  HA   sing N N 60  
ASN C   O    doub N N 61  
ASN C   OXT  sing N N 62  
ASN CB  CG   sing N N 63  
ASN CB  HB2  sing N N 64  
ASN CB  HB3  sing N N 65  
ASN CG  OD1  doub N N 66  
ASN CG  ND2  sing N N 67  
ASN ND2 HD21 sing N N 68  
ASN ND2 HD22 sing N N 69  
ASN OXT HXT  sing N N 70  
ASP N   CA   sing N N 71  
ASP N   H    sing N N 72  
ASP N   H2   sing N N 73  
ASP CA  C    sing N N 74  
ASP CA  CB   sing N N 75  
ASP CA  HA   sing N N 76  
ASP C   O    doub N N 77  
ASP C   OXT  sing N N 78  
ASP CB  CG   sing N N 79  
ASP CB  HB2  sing N N 80  
ASP CB  HB3  sing N N 81  
ASP CG  OD1  doub N N 82  
ASP CG  OD2  sing N N 83  
ASP OD2 HD2  sing N N 84  
ASP OXT HXT  sing N N 85  
CYS N   CA   sing N N 86  
CYS N   H    sing N N 87  
CYS N   H2   sing N N 88  
CYS CA  C    sing N N 89  
CYS CA  CB   sing N N 90  
CYS CA  HA   sing N N 91  
CYS C   O    doub N N 92  
CYS C   OXT  sing N N 93  
CYS CB  SG   sing N N 94  
CYS CB  HB2  sing N N 95  
CYS CB  HB3  sing N N 96  
CYS SG  HG   sing N N 97  
CYS OXT HXT  sing N N 98  
EDX N27 C25  doub N N 99  
EDX C25 N26  sing N N 100 
EDX C25 N24  sing N N 101 
EDX N24 C23  sing N N 102 
EDX C23 C22  sing N N 103 
EDX C22 C21  sing N N 104 
EDX C20 C21  sing N N 105 
EDX C20 C08  sing N N 106 
EDX O07 C06  doub N N 107 
EDX C06 C08  sing N N 108 
EDX C08 N09  sing N N 109 
EDX C06 O1   sing N N 110 
EDX C20 H1   sing N N 111 
EDX C20 H2   sing N N 112 
EDX C21 H3   sing N N 113 
EDX C21 H4   sing N N 114 
EDX C22 H5   sing N N 115 
EDX C22 H6   sing N N 116 
EDX C08 H7   sing N N 117 
EDX C23 H8   sing N N 118 
EDX C23 H9   sing N N 119 
EDX N09 H10  sing N N 120 
EDX N24 H13  sing N N 121 
EDX N26 H14  sing N N 122 
EDX N26 H15  sing N N 123 
EDX N27 H16  sing N N 124 
EDX O1  H17  sing N N 125 
EDX N09 C1   sing N N 126 
EDX C1  O2   doub N N 127 
EDX C1  O3   sing N N 128 
EDX O3  C2   sing N N 129 
EDX C2  C3   sing N N 130 
EDX C3  C4   sing Y N 131 
EDX C4  C5   doub Y N 132 
EDX C5  C6   sing Y N 133 
EDX C6  C7   doub Y N 134 
EDX C7  C8   sing Y N 135 
EDX C8  C3   doub Y N 136 
EDX C2  H11  sing N N 137 
EDX C2  H12  sing N N 138 
EDX C4  H18  sing N N 139 
EDX C5  H19  sing N N 140 
EDX C6  H20  sing N N 141 
EDX C7  H21  sing N N 142 
EDX C8  H22  sing N N 143 
EE0 O   C    doub N N 144 
EE0 C   CA   sing N N 145 
EE0 CA  C30  sing N N 146 
EE0 CA  N    sing N N 147 
EE0 C30 C29  sing N N 148 
EE0 C28 C29  sing N N 149 
EE0 C   OXT  sing N N 150 
EE0 C28 H1   sing N N 151 
EE0 C28 H8   sing N N 152 
EE0 C28 H3   sing N N 153 
EE0 C29 H4   sing N N 154 
EE0 C29 H5   sing N N 155 
EE0 C30 H6   sing N N 156 
EE0 C30 H7   sing N N 157 
EE0 CA  HA   sing N N 158 
EE0 N   H    sing N N 159 
EE0 N   H2   sing N N 160 
EE0 OXT HXT  sing N N 161 
EE3 O   C    doub N N 162 
EE3 C   CA   sing N N 163 
EE3 CA  C36  sing N N 164 
EE3 CA  N    sing N N 165 
EE3 C36 C37  sing N N 166 
EE3 C37 C38  sing N N 167 
EE3 C38 C39  sing N N 168 
EE3 C39 N40  sing N N 169 
EE3 N40 C41  sing N N 170 
EE3 O47 C46  sing Y N 171 
EE3 O47 C43  sing Y N 172 
EE3 C46 N45  doub Y N 173 
EE3 C43 C41  sing N N 174 
EE3 C43 C44  doub Y N 175 
EE3 C41 O42  doub N N 176 
EE3 N45 C44  sing Y N 177 
EE3 CA  HA   sing N N 178 
EE3 C36 H1   sing N N 179 
EE3 C36 H3   sing N N 180 
EE3 C37 H4   sing N N 181 
EE3 C37 H5   sing N N 182 
EE3 C38 H6   sing N N 183 
EE3 C38 H7   sing N N 184 
EE3 C39 H8   sing N N 185 
EE3 C39 H9   sing N N 186 
EE3 C44 H10  sing N N 187 
EE3 C46 H11  sing N N 188 
EE3 N   H    sing N N 189 
EE3 N   H2   sing N N 190 
EE3 N40 H16  sing N N 191 
EE3 C   OXT  sing N N 192 
EE3 OXT HXT  sing N N 193 
GLN N   CA   sing N N 194 
GLN N   H    sing N N 195 
GLN N   H2   sing N N 196 
GLN CA  C    sing N N 197 
GLN CA  CB   sing N N 198 
GLN CA  HA   sing N N 199 
GLN C   O    doub N N 200 
GLN C   OXT  sing N N 201 
GLN CB  CG   sing N N 202 
GLN CB  HB2  sing N N 203 
GLN CB  HB3  sing N N 204 
GLN CG  CD   sing N N 205 
GLN CG  HG2  sing N N 206 
GLN CG  HG3  sing N N 207 
GLN CD  OE1  doub N N 208 
GLN CD  NE2  sing N N 209 
GLN NE2 HE21 sing N N 210 
GLN NE2 HE22 sing N N 211 
GLN OXT HXT  sing N N 212 
GLU N   CA   sing N N 213 
GLU N   H    sing N N 214 
GLU N   H2   sing N N 215 
GLU CA  C    sing N N 216 
GLU CA  CB   sing N N 217 
GLU CA  HA   sing N N 218 
GLU C   O    doub N N 219 
GLU C   OXT  sing N N 220 
GLU CB  CG   sing N N 221 
GLU CB  HB2  sing N N 222 
GLU CB  HB3  sing N N 223 
GLU CG  CD   sing N N 224 
GLU CG  HG2  sing N N 225 
GLU CG  HG3  sing N N 226 
GLU CD  OE1  doub N N 227 
GLU CD  OE2  sing N N 228 
GLU OE2 HE2  sing N N 229 
GLU OXT HXT  sing N N 230 
GLY N   CA   sing N N 231 
GLY N   H    sing N N 232 
GLY N   H2   sing N N 233 
GLY CA  C    sing N N 234 
GLY CA  HA2  sing N N 235 
GLY CA  HA3  sing N N 236 
GLY C   O    doub N N 237 
GLY C   OXT  sing N N 238 
GLY OXT HXT  sing N N 239 
HIS N   CA   sing N N 240 
HIS N   H    sing N N 241 
HIS N   H2   sing N N 242 
HIS CA  C    sing N N 243 
HIS CA  CB   sing N N 244 
HIS CA  HA   sing N N 245 
HIS C   O    doub N N 246 
HIS C   OXT  sing N N 247 
HIS CB  CG   sing N N 248 
HIS CB  HB2  sing N N 249 
HIS CB  HB3  sing N N 250 
HIS CG  ND1  sing Y N 251 
HIS CG  CD2  doub Y N 252 
HIS ND1 CE1  doub Y N 253 
HIS ND1 HD1  sing N N 254 
HIS CD2 NE2  sing Y N 255 
HIS CD2 HD2  sing N N 256 
HIS CE1 NE2  sing Y N 257 
HIS CE1 HE1  sing N N 258 
HIS NE2 HE2  sing N N 259 
HIS OXT HXT  sing N N 260 
HOH O   H1   sing N N 261 
HOH O   H2   sing N N 262 
ILE N   CA   sing N N 263 
ILE N   H    sing N N 264 
ILE N   H2   sing N N 265 
ILE CA  C    sing N N 266 
ILE CA  CB   sing N N 267 
ILE CA  HA   sing N N 268 
ILE C   O    doub N N 269 
ILE C   OXT  sing N N 270 
ILE CB  CG1  sing N N 271 
ILE CB  CG2  sing N N 272 
ILE CB  HB   sing N N 273 
ILE CG1 CD1  sing N N 274 
ILE CG1 HG12 sing N N 275 
ILE CG1 HG13 sing N N 276 
ILE CG2 HG21 sing N N 277 
ILE CG2 HG22 sing N N 278 
ILE CG2 HG23 sing N N 279 
ILE CD1 HD11 sing N N 280 
ILE CD1 HD12 sing N N 281 
ILE CD1 HD13 sing N N 282 
ILE OXT HXT  sing N N 283 
LEU N   CA   sing N N 284 
LEU N   H    sing N N 285 
LEU N   H2   sing N N 286 
LEU CA  C    sing N N 287 
LEU CA  CB   sing N N 288 
LEU CA  HA   sing N N 289 
LEU C   O    doub N N 290 
LEU C   OXT  sing N N 291 
LEU CB  CG   sing N N 292 
LEU CB  HB2  sing N N 293 
LEU CB  HB3  sing N N 294 
LEU CG  CD1  sing N N 295 
LEU CG  CD2  sing N N 296 
LEU CG  HG   sing N N 297 
LEU CD1 HD11 sing N N 298 
LEU CD1 HD12 sing N N 299 
LEU CD1 HD13 sing N N 300 
LEU CD2 HD21 sing N N 301 
LEU CD2 HD22 sing N N 302 
LEU CD2 HD23 sing N N 303 
LEU OXT HXT  sing N N 304 
LYS N   CA   sing N N 305 
LYS N   H    sing N N 306 
LYS N   H2   sing N N 307 
LYS CA  C    sing N N 308 
LYS CA  CB   sing N N 309 
LYS CA  HA   sing N N 310 
LYS C   O    doub N N 311 
LYS C   OXT  sing N N 312 
LYS CB  CG   sing N N 313 
LYS CB  HB2  sing N N 314 
LYS CB  HB3  sing N N 315 
LYS CG  CD   sing N N 316 
LYS CG  HG2  sing N N 317 
LYS CG  HG3  sing N N 318 
LYS CD  CE   sing N N 319 
LYS CD  HD2  sing N N 320 
LYS CD  HD3  sing N N 321 
LYS CE  NZ   sing N N 322 
LYS CE  HE2  sing N N 323 
LYS CE  HE3  sing N N 324 
LYS NZ  HZ1  sing N N 325 
LYS NZ  HZ2  sing N N 326 
LYS NZ  HZ3  sing N N 327 
LYS OXT HXT  sing N N 328 
MET N   CA   sing N N 329 
MET N   H    sing N N 330 
MET N   H2   sing N N 331 
MET CA  C    sing N N 332 
MET CA  CB   sing N N 333 
MET CA  HA   sing N N 334 
MET C   O    doub N N 335 
MET C   OXT  sing N N 336 
MET CB  CG   sing N N 337 
MET CB  HB2  sing N N 338 
MET CB  HB3  sing N N 339 
MET CG  SD   sing N N 340 
MET CG  HG2  sing N N 341 
MET CG  HG3  sing N N 342 
MET SD  CE   sing N N 343 
MET CE  HE1  sing N N 344 
MET CE  HE2  sing N N 345 
MET CE  HE3  sing N N 346 
MET OXT HXT  sing N N 347 
NH2 N   HN1  sing N N 348 
NH2 N   HN2  sing N N 349 
PHE N   CA   sing N N 350 
PHE N   H    sing N N 351 
PHE N   H2   sing N N 352 
PHE CA  C    sing N N 353 
PHE CA  CB   sing N N 354 
PHE CA  HA   sing N N 355 
PHE C   O    doub N N 356 
PHE C   OXT  sing N N 357 
PHE CB  CG   sing N N 358 
PHE CB  HB2  sing N N 359 
PHE CB  HB3  sing N N 360 
PHE CG  CD1  doub Y N 361 
PHE CG  CD2  sing Y N 362 
PHE CD1 CE1  sing Y N 363 
PHE CD1 HD1  sing N N 364 
PHE CD2 CE2  doub Y N 365 
PHE CD2 HD2  sing N N 366 
PHE CE1 CZ   doub Y N 367 
PHE CE1 HE1  sing N N 368 
PHE CE2 CZ   sing Y N 369 
PHE CE2 HE2  sing N N 370 
PHE CZ  HZ   sing N N 371 
PHE OXT HXT  sing N N 372 
PRO N   CA   sing N N 373 
PRO N   CD   sing N N 374 
PRO N   H    sing N N 375 
PRO CA  C    sing N N 376 
PRO CA  CB   sing N N 377 
PRO CA  HA   sing N N 378 
PRO C   O    doub N N 379 
PRO C   OXT  sing N N 380 
PRO CB  CG   sing N N 381 
PRO CB  HB2  sing N N 382 
PRO CB  HB3  sing N N 383 
PRO CG  CD   sing N N 384 
PRO CG  HG2  sing N N 385 
PRO CG  HG3  sing N N 386 
PRO CD  HD2  sing N N 387 
PRO CD  HD3  sing N N 388 
PRO OXT HXT  sing N N 389 
SER N   CA   sing N N 390 
SER N   H    sing N N 391 
SER N   H2   sing N N 392 
SER CA  C    sing N N 393 
SER CA  CB   sing N N 394 
SER CA  HA   sing N N 395 
SER C   O    doub N N 396 
SER C   OXT  sing N N 397 
SER CB  OG   sing N N 398 
SER CB  HB2  sing N N 399 
SER CB  HB3  sing N N 400 
SER OG  HG   sing N N 401 
SER OXT HXT  sing N N 402 
THR N   CA   sing N N 403 
THR N   H    sing N N 404 
THR N   H2   sing N N 405 
THR CA  C    sing N N 406 
THR CA  CB   sing N N 407 
THR CA  HA   sing N N 408 
THR C   O    doub N N 409 
THR C   OXT  sing N N 410 
THR CB  OG1  sing N N 411 
THR CB  CG2  sing N N 412 
THR CB  HB   sing N N 413 
THR OG1 HG1  sing N N 414 
THR CG2 HG21 sing N N 415 
THR CG2 HG22 sing N N 416 
THR CG2 HG23 sing N N 417 
THR OXT HXT  sing N N 418 
TRP N   CA   sing N N 419 
TRP N   H    sing N N 420 
TRP N   H2   sing N N 421 
TRP CA  C    sing N N 422 
TRP CA  CB   sing N N 423 
TRP CA  HA   sing N N 424 
TRP C   O    doub N N 425 
TRP C   OXT  sing N N 426 
TRP CB  CG   sing N N 427 
TRP CB  HB2  sing N N 428 
TRP CB  HB3  sing N N 429 
TRP CG  CD1  doub Y N 430 
TRP CG  CD2  sing Y N 431 
TRP CD1 NE1  sing Y N 432 
TRP CD1 HD1  sing N N 433 
TRP CD2 CE2  doub Y N 434 
TRP CD2 CE3  sing Y N 435 
TRP NE1 CE2  sing Y N 436 
TRP NE1 HE1  sing N N 437 
TRP CE2 CZ2  sing Y N 438 
TRP CE3 CZ3  doub Y N 439 
TRP CE3 HE3  sing N N 440 
TRP CZ2 CH2  doub Y N 441 
TRP CZ2 HZ2  sing N N 442 
TRP CZ3 CH2  sing Y N 443 
TRP CZ3 HZ3  sing N N 444 
TRP CH2 HH2  sing N N 445 
TRP OXT HXT  sing N N 446 
TYR N   CA   sing N N 447 
TYR N   H    sing N N 448 
TYR N   H2   sing N N 449 
TYR CA  C    sing N N 450 
TYR CA  CB   sing N N 451 
TYR CA  HA   sing N N 452 
TYR C   O    doub N N 453 
TYR C   OXT  sing N N 454 
TYR CB  CG   sing N N 455 
TYR CB  HB2  sing N N 456 
TYR CB  HB3  sing N N 457 
TYR CG  CD1  doub Y N 458 
TYR CG  CD2  sing Y N 459 
TYR CD1 CE1  sing Y N 460 
TYR CD1 HD1  sing N N 461 
TYR CD2 CE2  doub Y N 462 
TYR CD2 HD2  sing N N 463 
TYR CE1 CZ   doub Y N 464 
TYR CE1 HE1  sing N N 465 
TYR CE2 CZ   sing Y N 466 
TYR CE2 HE2  sing N N 467 
TYR CZ  OH   sing N N 468 
TYR OH  HH   sing N N 469 
TYR OXT HXT  sing N N 470 
VAL N   CA   sing N N 471 
VAL N   H    sing N N 472 
VAL N   H2   sing N N 473 
VAL CA  C    sing N N 474 
VAL CA  CB   sing N N 475 
VAL CA  HA   sing N N 476 
VAL C   O    doub N N 477 
VAL C   OXT  sing N N 478 
VAL CB  CG1  sing N N 479 
VAL CB  CG2  sing N N 480 
VAL CB  HB   sing N N 481 
VAL CG1 HG11 sing N N 482 
VAL CG1 HG12 sing N N 483 
VAL CG1 HG13 sing N N 484 
VAL CG2 HG21 sing N N 485 
VAL CG2 HG22 sing N N 486 
VAL CG2 HG23 sing N N 487 
VAL OXT HXT  sing N N 488 
# 
loop_
_pdbx_audit_support.funding_organization 
_pdbx_audit_support.country 
_pdbx_audit_support.grant_number 
_pdbx_audit_support.ordinal 
'National Natural Science Foundation of China (NSFC)' China 91753203 1 
'National Natural Science Foundation of China (NSFC)' China 31922016 2 
'National Natural Science Foundation of China (NSFC)' China 31871283 3 
# 
_pdbx_entity_nonpoly.entity_id   3 
_pdbx_entity_nonpoly.name        water 
_pdbx_entity_nonpoly.comp_id     HOH 
# 
_pdbx_initial_refinement_model.id               1 
_pdbx_initial_refinement_model.entity_id_list   ? 
_pdbx_initial_refinement_model.type             'experimental model' 
_pdbx_initial_refinement_model.source_name      PDB 
_pdbx_initial_refinement_model.accession_code   4TMP 
_pdbx_initial_refinement_model.details          ? 
# 
_pdbx_struct_assembly_auth_evidence.id                     1 
_pdbx_struct_assembly_auth_evidence.assembly_id            1 
_pdbx_struct_assembly_auth_evidence.experimental_support   'gel filtration' 
_pdbx_struct_assembly_auth_evidence.details                monomer 
# 
